data_3UA0
# 
_entry.id   3UA0 
# 
_audit_conform.dict_name       mmcif_pdbx.dic 
_audit_conform.dict_version    5.398 
_audit_conform.dict_location   http://mmcif.pdb.org/dictionaries/ascii/mmcif_pdbx.dic 
# 
loop_
_database_2.database_id 
_database_2.database_code 
_database_2.pdbx_database_accession 
_database_2.pdbx_DOI 
PDB   3UA0         pdb_00003ua0 10.2210/pdb3ua0/pdb 
RCSB  RCSB068493   ?            ?                   
WWPDB D_1000068493 ?            ?                   
# 
loop_
_pdbx_audit_revision_history.ordinal 
_pdbx_audit_revision_history.data_content_type 
_pdbx_audit_revision_history.major_revision 
_pdbx_audit_revision_history.minor_revision 
_pdbx_audit_revision_history.revision_date 
1 'Structure model' 1 0 2012-03-28 
2 'Structure model' 1 1 2012-04-18 
3 'Structure model' 1 2 2018-01-24 
4 'Structure model' 1 3 2024-11-06 
# 
_pdbx_audit_revision_details.ordinal             1 
_pdbx_audit_revision_details.revision_ordinal    1 
_pdbx_audit_revision_details.data_content_type   'Structure model' 
_pdbx_audit_revision_details.provider            repository 
_pdbx_audit_revision_details.type                'Initial release' 
_pdbx_audit_revision_details.description         ? 
_pdbx_audit_revision_details.details             ? 
# 
loop_
_pdbx_audit_revision_group.ordinal 
_pdbx_audit_revision_group.revision_ordinal 
_pdbx_audit_revision_group.data_content_type 
_pdbx_audit_revision_group.group 
1 2 'Structure model' 'Database references'  
2 3 'Structure model' 'Structure summary'    
3 4 'Structure model' 'Data collection'      
4 4 'Structure model' 'Database references'  
5 4 'Structure model' 'Derived calculations' 
6 4 'Structure model' 'Structure summary'    
# 
loop_
_pdbx_audit_revision_category.ordinal 
_pdbx_audit_revision_category.revision_ordinal 
_pdbx_audit_revision_category.data_content_type 
_pdbx_audit_revision_category.category 
1 3 'Structure model' audit_author              
2 4 'Structure model' chem_comp_atom            
3 4 'Structure model' chem_comp_bond            
4 4 'Structure model' database_2                
5 4 'Structure model' pdbx_entry_details        
6 4 'Structure model' pdbx_modification_feature 
7 4 'Structure model' struct_conn               
8 4 'Structure model' struct_ref_seq_dif        
# 
loop_
_pdbx_audit_revision_item.ordinal 
_pdbx_audit_revision_item.revision_ordinal 
_pdbx_audit_revision_item.data_content_type 
_pdbx_audit_revision_item.item 
1 3 'Structure model' '_audit_author.name'                  
2 4 'Structure model' '_database_2.pdbx_DOI'                
3 4 'Structure model' '_database_2.pdbx_database_accession' 
4 4 'Structure model' '_struct_conn.pdbx_leaving_atom_flag' 
5 4 'Structure model' '_struct_ref_seq_dif.details'         
# 
_pdbx_database_status.status_code                     REL 
_pdbx_database_status.entry_id                        3UA0 
_pdbx_database_status.recvd_initial_deposition_date   2011-10-20 
_pdbx_database_status.deposit_site                    RCSB 
_pdbx_database_status.process_site                    RCSB 
_pdbx_database_status.status_code_sf                  REL 
_pdbx_database_status.status_code_mr                  ? 
_pdbx_database_status.SG_entry                        ? 
_pdbx_database_status.status_code_cs                  ? 
_pdbx_database_status.methods_development_category    ? 
_pdbx_database_status.pdb_format_compatible           Y 
_pdbx_database_status.status_code_nmr_data            ? 
# 
loop_
_audit_author.name 
_audit_author.pdbx_ordinal 
'He, Y.-X.'    1 
'Zhang, N.-N.' 2 
'Chen, B.-Y.'  3 
'Li, W.-F.'    4 
'Chen, Y.-X.'  5 
'Zhou, C.-Z.'  6 
# 
_citation.id                        primary 
_citation.title                     
'N-Terminal Domain of Bombyx mori Fibroin Mediates the Assembly of Silk in Response to pH Decrease.' 
_citation.journal_abbrev            J.Mol.Biol. 
_citation.journal_volume            418 
_citation.page_first                197 
_citation.page_last                 207 
_citation.year                      2012 
_citation.journal_id_ASTM           JMOBAK 
_citation.country                   UK 
_citation.journal_id_ISSN           0022-2836 
_citation.journal_id_CSD            0070 
_citation.book_publisher            ? 
_citation.pdbx_database_id_PubMed   22387468 
_citation.pdbx_database_id_DOI      10.1016/j.jmb.2012.02.040 
# 
loop_
_citation_author.citation_id 
_citation_author.name 
_citation_author.ordinal 
_citation_author.identifier_ORCID 
primary 'He, Y.X.'    1 ? 
primary 'Zhang, N.N.' 2 ? 
primary 'Li, W.F.'    3 ? 
primary 'Jia, N.'     4 ? 
primary 'Chen, B.Y.'  5 ? 
primary 'Zhou, K.'    6 ? 
primary 'Zhang, J.'   7 ? 
primary 'Chen, Y.'    8 ? 
primary 'Zhou, C.Z.'  9 ? 
# 
_entity.id                         1 
_entity.type                       polymer 
_entity.src_method                 man 
_entity.pdbx_description           'Fibroin heavy chain' 
_entity.formula_weight             15140.047 
_entity.pdbx_number_of_molecules   2 
_entity.pdbx_ec                    ? 
_entity.pdbx_mutation              ? 
_entity.pdbx_fragment              'N-TERMINAL DOMAIN (UNP RESIDUES 1-126)' 
_entity.details                    ? 
# 
_entity_name_com.entity_id   1 
_entity_name_com.name        'Fib-H, H-fibroin' 
# 
_entity_poly.entity_id                      1 
_entity_poly.type                           'polypeptide(L)' 
_entity_poly.nstd_linkage                   no 
_entity_poly.nstd_monomer                   yes 
_entity_poly.pdbx_seq_one_letter_code       
;(MSE)GHHHHHH(MSE)RVKTFVILCCALQYVAYTNANINDFDEDYFGSDVTVQSSNTTDEIIRDASGAVIEEQITTKK
(MSE)QRKNKNHGILGKNEK(MSE)IKTFVITTDSDGNESIVEEDVL(MSE)KTLSDGTVAQSYVAADAGAYSQS
;
_entity_poly.pdbx_seq_one_letter_code_can   
;MGHHHHHHMRVKTFVILCCALQYVAYTNANINDFDEDYFGSDVTVQSSNTTDEIIRDASGAVIEEQITTKKMQRKNKNHG
ILGKNEKMIKTFVITTDSDGNESIVEEDVLMKTLSDGTVAQSYVAADAGAYSQS
;
_entity_poly.pdbx_strand_id                 A,B 
_entity_poly.pdbx_target_identifier         ? 
# 
loop_
_entity_poly_seq.entity_id 
_entity_poly_seq.num 
_entity_poly_seq.mon_id 
_entity_poly_seq.hetero 
1 1   MSE n 
1 2   GLY n 
1 3   HIS n 
1 4   HIS n 
1 5   HIS n 
1 6   HIS n 
1 7   HIS n 
1 8   HIS n 
1 9   MSE n 
1 10  ARG n 
1 11  VAL n 
1 12  LYS n 
1 13  THR n 
1 14  PHE n 
1 15  VAL n 
1 16  ILE n 
1 17  LEU n 
1 18  CYS n 
1 19  CYS n 
1 20  ALA n 
1 21  LEU n 
1 22  GLN n 
1 23  TYR n 
1 24  VAL n 
1 25  ALA n 
1 26  TYR n 
1 27  THR n 
1 28  ASN n 
1 29  ALA n 
1 30  ASN n 
1 31  ILE n 
1 32  ASN n 
1 33  ASP n 
1 34  PHE n 
1 35  ASP n 
1 36  GLU n 
1 37  ASP n 
1 38  TYR n 
1 39  PHE n 
1 40  GLY n 
1 41  SER n 
1 42  ASP n 
1 43  VAL n 
1 44  THR n 
1 45  VAL n 
1 46  GLN n 
1 47  SER n 
1 48  SER n 
1 49  ASN n 
1 50  THR n 
1 51  THR n 
1 52  ASP n 
1 53  GLU n 
1 54  ILE n 
1 55  ILE n 
1 56  ARG n 
1 57  ASP n 
1 58  ALA n 
1 59  SER n 
1 60  GLY n 
1 61  ALA n 
1 62  VAL n 
1 63  ILE n 
1 64  GLU n 
1 65  GLU n 
1 66  GLN n 
1 67  ILE n 
1 68  THR n 
1 69  THR n 
1 70  LYS n 
1 71  LYS n 
1 72  MSE n 
1 73  GLN n 
1 74  ARG n 
1 75  LYS n 
1 76  ASN n 
1 77  LYS n 
1 78  ASN n 
1 79  HIS n 
1 80  GLY n 
1 81  ILE n 
1 82  LEU n 
1 83  GLY n 
1 84  LYS n 
1 85  ASN n 
1 86  GLU n 
1 87  LYS n 
1 88  MSE n 
1 89  ILE n 
1 90  LYS n 
1 91  THR n 
1 92  PHE n 
1 93  VAL n 
1 94  ILE n 
1 95  THR n 
1 96  THR n 
1 97  ASP n 
1 98  SER n 
1 99  ASP n 
1 100 GLY n 
1 101 ASN n 
1 102 GLU n 
1 103 SER n 
1 104 ILE n 
1 105 VAL n 
1 106 GLU n 
1 107 GLU n 
1 108 ASP n 
1 109 VAL n 
1 110 LEU n 
1 111 MSE n 
1 112 LYS n 
1 113 THR n 
1 114 LEU n 
1 115 SER n 
1 116 ASP n 
1 117 GLY n 
1 118 THR n 
1 119 VAL n 
1 120 ALA n 
1 121 GLN n 
1 122 SER n 
1 123 TYR n 
1 124 VAL n 
1 125 ALA n 
1 126 ALA n 
1 127 ASP n 
1 128 ALA n 
1 129 GLY n 
1 130 ALA n 
1 131 TYR n 
1 132 SER n 
1 133 GLN n 
1 134 SER n 
# 
_entity_src_gen.entity_id                          1 
_entity_src_gen.pdbx_src_id                        1 
_entity_src_gen.pdbx_alt_source_flag               sample 
_entity_src_gen.pdbx_seq_type                      ? 
_entity_src_gen.pdbx_beg_seq_num                   ? 
_entity_src_gen.pdbx_end_seq_num                   ? 
_entity_src_gen.gene_src_common_name               'silk moth,silkworm' 
_entity_src_gen.gene_src_genus                     ? 
_entity_src_gen.pdbx_gene_src_gene                 FIBH 
_entity_src_gen.gene_src_species                   ? 
_entity_src_gen.gene_src_strain                    ? 
_entity_src_gen.gene_src_tissue                    ? 
_entity_src_gen.gene_src_tissue_fraction           ? 
_entity_src_gen.gene_src_details                   ? 
_entity_src_gen.pdbx_gene_src_fragment             ? 
_entity_src_gen.pdbx_gene_src_scientific_name      'Bombyx mori' 
_entity_src_gen.pdbx_gene_src_ncbi_taxonomy_id     7091 
_entity_src_gen.pdbx_gene_src_variant              ? 
_entity_src_gen.pdbx_gene_src_cell_line            ? 
_entity_src_gen.pdbx_gene_src_atcc                 ? 
_entity_src_gen.pdbx_gene_src_organ                ? 
_entity_src_gen.pdbx_gene_src_organelle            ? 
_entity_src_gen.pdbx_gene_src_cell                 ? 
_entity_src_gen.pdbx_gene_src_cellular_location    ? 
_entity_src_gen.host_org_common_name               ? 
_entity_src_gen.pdbx_host_org_scientific_name      'Escherichia coli' 
_entity_src_gen.pdbx_host_org_ncbi_taxonomy_id     469008 
_entity_src_gen.host_org_genus                     ? 
_entity_src_gen.pdbx_host_org_gene                 ? 
_entity_src_gen.pdbx_host_org_organ                ? 
_entity_src_gen.host_org_species                   ? 
_entity_src_gen.pdbx_host_org_tissue               ? 
_entity_src_gen.pdbx_host_org_tissue_fraction      ? 
_entity_src_gen.pdbx_host_org_strain               'BL21 (DE3)' 
_entity_src_gen.pdbx_host_org_variant              ? 
_entity_src_gen.pdbx_host_org_cell_line            ? 
_entity_src_gen.pdbx_host_org_atcc                 ? 
_entity_src_gen.pdbx_host_org_culture_collection   ? 
_entity_src_gen.pdbx_host_org_cell                 ? 
_entity_src_gen.pdbx_host_org_organelle            ? 
_entity_src_gen.pdbx_host_org_cellular_location    ? 
_entity_src_gen.pdbx_host_org_vector_type          PLASMID 
_entity_src_gen.pdbx_host_org_vector               ? 
_entity_src_gen.host_org_details                   ? 
_entity_src_gen.expression_system_id               ? 
_entity_src_gen.plasmid_name                       PET28A 
_entity_src_gen.plasmid_details                    ? 
_entity_src_gen.pdbx_description                   ? 
# 
loop_
_chem_comp.id 
_chem_comp.type 
_chem_comp.mon_nstd_flag 
_chem_comp.name 
_chem_comp.pdbx_synonyms 
_chem_comp.formula 
_chem_comp.formula_weight 
ALA 'L-peptide linking' y ALANINE          ? 'C3 H7 N O2'     89.093  
ARG 'L-peptide linking' y ARGININE         ? 'C6 H15 N4 O2 1' 175.209 
ASN 'L-peptide linking' y ASPARAGINE       ? 'C4 H8 N2 O3'    132.118 
ASP 'L-peptide linking' y 'ASPARTIC ACID'  ? 'C4 H7 N O4'     133.103 
CYS 'L-peptide linking' y CYSTEINE         ? 'C3 H7 N O2 S'   121.158 
GLN 'L-peptide linking' y GLUTAMINE        ? 'C5 H10 N2 O3'   146.144 
GLU 'L-peptide linking' y 'GLUTAMIC ACID'  ? 'C5 H9 N O4'     147.129 
GLY 'peptide linking'   y GLYCINE          ? 'C2 H5 N O2'     75.067  
HIS 'L-peptide linking' y HISTIDINE        ? 'C6 H10 N3 O2 1' 156.162 
ILE 'L-peptide linking' y ISOLEUCINE       ? 'C6 H13 N O2'    131.173 
LEU 'L-peptide linking' y LEUCINE          ? 'C6 H13 N O2'    131.173 
LYS 'L-peptide linking' y LYSINE           ? 'C6 H15 N2 O2 1' 147.195 
MSE 'L-peptide linking' n SELENOMETHIONINE ? 'C5 H11 N O2 Se' 196.106 
PHE 'L-peptide linking' y PHENYLALANINE    ? 'C9 H11 N O2'    165.189 
SER 'L-peptide linking' y SERINE           ? 'C3 H7 N O3'     105.093 
THR 'L-peptide linking' y THREONINE        ? 'C4 H9 N O3'     119.119 
TYR 'L-peptide linking' y TYROSINE         ? 'C9 H11 N O3'    181.189 
VAL 'L-peptide linking' y VALINE           ? 'C5 H11 N O2'    117.146 
# 
loop_
_pdbx_poly_seq_scheme.asym_id 
_pdbx_poly_seq_scheme.entity_id 
_pdbx_poly_seq_scheme.seq_id 
_pdbx_poly_seq_scheme.mon_id 
_pdbx_poly_seq_scheme.ndb_seq_num 
_pdbx_poly_seq_scheme.pdb_seq_num 
_pdbx_poly_seq_scheme.auth_seq_num 
_pdbx_poly_seq_scheme.pdb_mon_id 
_pdbx_poly_seq_scheme.auth_mon_id 
_pdbx_poly_seq_scheme.pdb_strand_id 
_pdbx_poly_seq_scheme.pdb_ins_code 
_pdbx_poly_seq_scheme.hetero 
A 1 1   MSE 1   -7  ?   ?   ?   A . n 
A 1 2   GLY 2   -6  ?   ?   ?   A . n 
A 1 3   HIS 3   -5  ?   ?   ?   A . n 
A 1 4   HIS 4   -4  ?   ?   ?   A . n 
A 1 5   HIS 5   -3  ?   ?   ?   A . n 
A 1 6   HIS 6   -2  ?   ?   ?   A . n 
A 1 7   HIS 7   -1  ?   ?   ?   A . n 
A 1 8   HIS 8   0   ?   ?   ?   A . n 
A 1 9   MSE 9   1   ?   ?   ?   A . n 
A 1 10  ARG 10  2   ?   ?   ?   A . n 
A 1 11  VAL 11  3   ?   ?   ?   A . n 
A 1 12  LYS 12  4   ?   ?   ?   A . n 
A 1 13  THR 13  5   ?   ?   ?   A . n 
A 1 14  PHE 14  6   ?   ?   ?   A . n 
A 1 15  VAL 15  7   ?   ?   ?   A . n 
A 1 16  ILE 16  8   ?   ?   ?   A . n 
A 1 17  LEU 17  9   ?   ?   ?   A . n 
A 1 18  CYS 18  10  ?   ?   ?   A . n 
A 1 19  CYS 19  11  ?   ?   ?   A . n 
A 1 20  ALA 20  12  ?   ?   ?   A . n 
A 1 21  LEU 21  13  ?   ?   ?   A . n 
A 1 22  GLN 22  14  ?   ?   ?   A . n 
A 1 23  TYR 23  15  ?   ?   ?   A . n 
A 1 24  VAL 24  16  ?   ?   ?   A . n 
A 1 25  ALA 25  17  ?   ?   ?   A . n 
A 1 26  TYR 26  18  ?   ?   ?   A . n 
A 1 27  THR 27  19  ?   ?   ?   A . n 
A 1 28  ASN 28  20  ?   ?   ?   A . n 
A 1 29  ALA 29  21  ?   ?   ?   A . n 
A 1 30  ASN 30  22  ?   ?   ?   A . n 
A 1 31  ILE 31  23  ?   ?   ?   A . n 
A 1 32  ASN 32  24  ?   ?   ?   A . n 
A 1 33  ASP 33  25  ?   ?   ?   A . n 
A 1 34  PHE 34  26  26  PHE PHE A . n 
A 1 35  ASP 35  27  27  ASP ASP A . n 
A 1 36  GLU 36  28  28  GLU GLU A . n 
A 1 37  ASP 37  29  29  ASP ASP A . n 
A 1 38  TYR 38  30  30  TYR TYR A . n 
A 1 39  PHE 39  31  31  PHE PHE A . n 
A 1 40  GLY 40  32  32  GLY GLY A . n 
A 1 41  SER 41  33  33  SER SER A . n 
A 1 42  ASP 42  34  34  ASP ASP A . n 
A 1 43  VAL 43  35  35  VAL VAL A . n 
A 1 44  THR 44  36  36  THR THR A . n 
A 1 45  VAL 45  37  37  VAL VAL A . n 
A 1 46  GLN 46  38  38  GLN GLN A . n 
A 1 47  SER 47  39  39  SER SER A . n 
A 1 48  SER 48  40  40  SER SER A . n 
A 1 49  ASN 49  41  41  ASN ASN A . n 
A 1 50  THR 50  42  42  THR THR A . n 
A 1 51  THR 51  43  43  THR THR A . n 
A 1 52  ASP 52  44  44  ASP ASP A . n 
A 1 53  GLU 53  45  45  GLU GLU A . n 
A 1 54  ILE 54  46  46  ILE ILE A . n 
A 1 55  ILE 55  47  47  ILE ILE A . n 
A 1 56  ARG 56  48  48  ARG ARG A . n 
A 1 57  ASP 57  49  49  ASP ASP A . n 
A 1 58  ALA 58  50  50  ALA ALA A . n 
A 1 59  SER 59  51  51  SER SER A . n 
A 1 60  GLY 60  52  52  GLY GLY A . n 
A 1 61  ALA 61  53  53  ALA ALA A . n 
A 1 62  VAL 62  54  54  VAL VAL A . n 
A 1 63  ILE 63  55  55  ILE ILE A . n 
A 1 64  GLU 64  56  56  GLU GLU A . n 
A 1 65  GLU 65  57  57  GLU GLU A . n 
A 1 66  GLN 66  58  58  GLN GLN A . n 
A 1 67  ILE 67  59  59  ILE ILE A . n 
A 1 68  THR 68  60  60  THR THR A . n 
A 1 69  THR 69  61  61  THR THR A . n 
A 1 70  LYS 70  62  62  LYS LYS A . n 
A 1 71  LYS 71  63  63  LYS LYS A . n 
A 1 72  MSE 72  64  64  MSE MSE A . n 
A 1 73  GLN 73  65  65  GLN GLN A . n 
A 1 74  ARG 74  66  66  ARG ARG A . n 
A 1 75  LYS 75  67  67  LYS LYS A . n 
A 1 76  ASN 76  68  68  ASN ASN A . n 
A 1 77  LYS 77  69  ?   ?   ?   A . n 
A 1 78  ASN 78  70  ?   ?   ?   A . n 
A 1 79  HIS 79  71  ?   ?   ?   A . n 
A 1 80  GLY 80  72  ?   ?   ?   A . n 
A 1 81  ILE 81  73  73  ILE ILE A . n 
A 1 82  LEU 82  74  74  LEU LEU A . n 
A 1 83  GLY 83  75  75  GLY GLY A . n 
A 1 84  LYS 84  76  76  LYS LYS A . n 
A 1 85  ASN 85  77  77  ASN ASN A . n 
A 1 86  GLU 86  78  78  GLU GLU A . n 
A 1 87  LYS 87  79  79  LYS LYS A . n 
A 1 88  MSE 88  80  80  MSE MSE A . n 
A 1 89  ILE 89  81  81  ILE ILE A . n 
A 1 90  LYS 90  82  82  LYS LYS A . n 
A 1 91  THR 91  83  83  THR THR A . n 
A 1 92  PHE 92  84  84  PHE PHE A . n 
A 1 93  VAL 93  85  85  VAL VAL A . n 
A 1 94  ILE 94  86  86  ILE ILE A . n 
A 1 95  THR 95  87  87  THR THR A . n 
A 1 96  THR 96  88  88  THR THR A . n 
A 1 97  ASP 97  89  89  ASP ASP A . n 
A 1 98  SER 98  90  90  SER SER A . n 
A 1 99  ASP 99  91  91  ASP ASP A . n 
A 1 100 GLY 100 92  92  GLY GLY A . n 
A 1 101 ASN 101 93  93  ASN ASN A . n 
A 1 102 GLU 102 94  94  GLU GLU A . n 
A 1 103 SER 103 95  95  SER SER A . n 
A 1 104 ILE 104 96  96  ILE ILE A . n 
A 1 105 VAL 105 97  97  VAL VAL A . n 
A 1 106 GLU 106 98  98  GLU GLU A . n 
A 1 107 GLU 107 99  99  GLU GLU A . n 
A 1 108 ASP 108 100 100 ASP ASP A . n 
A 1 109 VAL 109 101 101 VAL VAL A . n 
A 1 110 LEU 110 102 102 LEU LEU A . n 
A 1 111 MSE 111 103 103 MSE MSE A . n 
A 1 112 LYS 112 104 104 LYS LYS A . n 
A 1 113 THR 113 105 105 THR THR A . n 
A 1 114 LEU 114 106 106 LEU LEU A . n 
A 1 115 SER 115 107 107 SER SER A . n 
A 1 116 ASP 116 108 108 ASP ASP A . n 
A 1 117 GLY 117 109 ?   ?   ?   A . n 
A 1 118 THR 118 110 ?   ?   ?   A . n 
A 1 119 VAL 119 111 ?   ?   ?   A . n 
A 1 120 ALA 120 112 ?   ?   ?   A . n 
A 1 121 GLN 121 113 ?   ?   ?   A . n 
A 1 122 SER 122 114 ?   ?   ?   A . n 
A 1 123 TYR 123 115 ?   ?   ?   A . n 
A 1 124 VAL 124 116 ?   ?   ?   A . n 
A 1 125 ALA 125 117 ?   ?   ?   A . n 
A 1 126 ALA 126 118 ?   ?   ?   A . n 
A 1 127 ASP 127 119 ?   ?   ?   A . n 
A 1 128 ALA 128 120 ?   ?   ?   A . n 
A 1 129 GLY 129 121 ?   ?   ?   A . n 
A 1 130 ALA 130 122 ?   ?   ?   A . n 
A 1 131 TYR 131 123 ?   ?   ?   A . n 
A 1 132 SER 132 124 ?   ?   ?   A . n 
A 1 133 GLN 133 125 ?   ?   ?   A . n 
A 1 134 SER 134 126 ?   ?   ?   A . n 
B 1 1   MSE 1   -7  ?   ?   ?   B . n 
B 1 2   GLY 2   -6  ?   ?   ?   B . n 
B 1 3   HIS 3   -5  ?   ?   ?   B . n 
B 1 4   HIS 4   -4  ?   ?   ?   B . n 
B 1 5   HIS 5   -3  ?   ?   ?   B . n 
B 1 6   HIS 6   -2  ?   ?   ?   B . n 
B 1 7   HIS 7   -1  ?   ?   ?   B . n 
B 1 8   HIS 8   0   ?   ?   ?   B . n 
B 1 9   MSE 9   1   ?   ?   ?   B . n 
B 1 10  ARG 10  2   ?   ?   ?   B . n 
B 1 11  VAL 11  3   ?   ?   ?   B . n 
B 1 12  LYS 12  4   ?   ?   ?   B . n 
B 1 13  THR 13  5   ?   ?   ?   B . n 
B 1 14  PHE 14  6   ?   ?   ?   B . n 
B 1 15  VAL 15  7   ?   ?   ?   B . n 
B 1 16  ILE 16  8   ?   ?   ?   B . n 
B 1 17  LEU 17  9   ?   ?   ?   B . n 
B 1 18  CYS 18  10  ?   ?   ?   B . n 
B 1 19  CYS 19  11  ?   ?   ?   B . n 
B 1 20  ALA 20  12  ?   ?   ?   B . n 
B 1 21  LEU 21  13  ?   ?   ?   B . n 
B 1 22  GLN 22  14  ?   ?   ?   B . n 
B 1 23  TYR 23  15  ?   ?   ?   B . n 
B 1 24  VAL 24  16  ?   ?   ?   B . n 
B 1 25  ALA 25  17  ?   ?   ?   B . n 
B 1 26  TYR 26  18  ?   ?   ?   B . n 
B 1 27  THR 27  19  ?   ?   ?   B . n 
B 1 28  ASN 28  20  ?   ?   ?   B . n 
B 1 29  ALA 29  21  ?   ?   ?   B . n 
B 1 30  ASN 30  22  ?   ?   ?   B . n 
B 1 31  ILE 31  23  23  ILE ILE B . n 
B 1 32  ASN 32  24  24  ASN ASN B . n 
B 1 33  ASP 33  25  25  ASP ASP B . n 
B 1 34  PHE 34  26  26  PHE PHE B . n 
B 1 35  ASP 35  27  27  ASP ASP B . n 
B 1 36  GLU 36  28  28  GLU GLU B . n 
B 1 37  ASP 37  29  ?   ?   ?   B . n 
B 1 38  TYR 38  30  ?   ?   ?   B . n 
B 1 39  PHE 39  31  ?   ?   ?   B . n 
B 1 40  GLY 40  32  ?   ?   ?   B . n 
B 1 41  SER 41  33  ?   ?   ?   B . n 
B 1 42  ASP 42  34  ?   ?   ?   B . n 
B 1 43  VAL 43  35  35  VAL VAL B . n 
B 1 44  THR 44  36  36  THR THR B . n 
B 1 45  VAL 45  37  37  VAL VAL B . n 
B 1 46  GLN 46  38  38  GLN GLN B . n 
B 1 47  SER 47  39  39  SER SER B . n 
B 1 48  SER 48  40  40  SER SER B . n 
B 1 49  ASN 49  41  41  ASN ASN B . n 
B 1 50  THR 50  42  42  THR THR B . n 
B 1 51  THR 51  43  43  THR THR B . n 
B 1 52  ASP 52  44  44  ASP ASP B . n 
B 1 53  GLU 53  45  45  GLU GLU B . n 
B 1 54  ILE 54  46  46  ILE ILE B . n 
B 1 55  ILE 55  47  47  ILE ILE B . n 
B 1 56  ARG 56  48  48  ARG ARG B . n 
B 1 57  ASP 57  49  49  ASP ASP B . n 
B 1 58  ALA 58  50  50  ALA ALA B . n 
B 1 59  SER 59  51  51  SER SER B . n 
B 1 60  GLY 60  52  52  GLY GLY B . n 
B 1 61  ALA 61  53  53  ALA ALA B . n 
B 1 62  VAL 62  54  54  VAL VAL B . n 
B 1 63  ILE 63  55  55  ILE ILE B . n 
B 1 64  GLU 64  56  56  GLU GLU B . n 
B 1 65  GLU 65  57  57  GLU GLU B . n 
B 1 66  GLN 66  58  58  GLN GLN B . n 
B 1 67  ILE 67  59  59  ILE ILE B . n 
B 1 68  THR 68  60  60  THR THR B . n 
B 1 69  THR 69  61  61  THR THR B . n 
B 1 70  LYS 70  62  62  LYS LYS B . n 
B 1 71  LYS 71  63  63  LYS LYS B . n 
B 1 72  MSE 72  64  64  MSE MSE B . n 
B 1 73  GLN 73  65  65  GLN GLN B . n 
B 1 74  ARG 74  66  66  ARG ARG B . n 
B 1 75  LYS 75  67  ?   ?   ?   B . n 
B 1 76  ASN 76  68  ?   ?   ?   B . n 
B 1 77  LYS 77  69  ?   ?   ?   B . n 
B 1 78  ASN 78  70  ?   ?   ?   B . n 
B 1 79  HIS 79  71  ?   ?   ?   B . n 
B 1 80  GLY 80  72  ?   ?   ?   B . n 
B 1 81  ILE 81  73  ?   ?   ?   B . n 
B 1 82  LEU 82  74  ?   ?   ?   B . n 
B 1 83  GLY 83  75  ?   ?   ?   B . n 
B 1 84  LYS 84  76  ?   ?   ?   B . n 
B 1 85  ASN 85  77  77  ASN ASN B . n 
B 1 86  GLU 86  78  78  GLU GLU B . n 
B 1 87  LYS 87  79  79  LYS LYS B . n 
B 1 88  MSE 88  80  80  MSE MSE B . n 
B 1 89  ILE 89  81  81  ILE ILE B . n 
B 1 90  LYS 90  82  82  LYS LYS B . n 
B 1 91  THR 91  83  83  THR THR B . n 
B 1 92  PHE 92  84  84  PHE PHE B . n 
B 1 93  VAL 93  85  85  VAL VAL B . n 
B 1 94  ILE 94  86  86  ILE ILE B . n 
B 1 95  THR 95  87  87  THR THR B . n 
B 1 96  THR 96  88  88  THR THR B . n 
B 1 97  ASP 97  89  89  ASP ASP B . n 
B 1 98  SER 98  90  90  SER SER B . n 
B 1 99  ASP 99  91  91  ASP ASP B . n 
B 1 100 GLY 100 92  92  GLY GLY B . n 
B 1 101 ASN 101 93  93  ASN ASN B . n 
B 1 102 GLU 102 94  94  GLU GLU B . n 
B 1 103 SER 103 95  95  SER SER B . n 
B 1 104 ILE 104 96  96  ILE ILE B . n 
B 1 105 VAL 105 97  97  VAL VAL B . n 
B 1 106 GLU 106 98  98  GLU GLU B . n 
B 1 107 GLU 107 99  99  GLU GLU B . n 
B 1 108 ASP 108 100 100 ASP ASP B . n 
B 1 109 VAL 109 101 101 VAL VAL B . n 
B 1 110 LEU 110 102 102 LEU LEU B . n 
B 1 111 MSE 111 103 103 MSE MSE B . n 
B 1 112 LYS 112 104 104 LYS LYS B . n 
B 1 113 THR 113 105 105 THR THR B . n 
B 1 114 LEU 114 106 106 LEU LEU B . n 
B 1 115 SER 115 107 107 SER SER B . n 
B 1 116 ASP 116 108 108 ASP ASP B . n 
B 1 117 GLY 117 109 ?   ?   ?   B . n 
B 1 118 THR 118 110 ?   ?   ?   B . n 
B 1 119 VAL 119 111 ?   ?   ?   B . n 
B 1 120 ALA 120 112 ?   ?   ?   B . n 
B 1 121 GLN 121 113 ?   ?   ?   B . n 
B 1 122 SER 122 114 ?   ?   ?   B . n 
B 1 123 TYR 123 115 ?   ?   ?   B . n 
B 1 124 VAL 124 116 ?   ?   ?   B . n 
B 1 125 ALA 125 117 ?   ?   ?   B . n 
B 1 126 ALA 126 118 ?   ?   ?   B . n 
B 1 127 ASP 127 119 ?   ?   ?   B . n 
B 1 128 ALA 128 120 ?   ?   ?   B . n 
B 1 129 GLY 129 121 ?   ?   ?   B . n 
B 1 130 ALA 130 122 ?   ?   ?   B . n 
B 1 131 TYR 131 123 ?   ?   ?   B . n 
B 1 132 SER 132 124 ?   ?   ?   B . n 
B 1 133 GLN 133 125 ?   ?   ?   B . n 
B 1 134 SER 134 126 ?   ?   ?   B . n 
# 
loop_
_software.name 
_software.classification 
_software.version 
_software.citation_id 
_software.pdbx_ordinal 
SOLVE    phasing          .                 ? 1 
PHENIX   refinement       '(PHENIX.REFINE)' ? 2 
HKL-2000 'data reduction' .                 ? 3 
HKL-2000 'data scaling'   .                 ? 4 
# 
_cell.entry_id           3UA0 
_cell.length_a           74.520 
_cell.length_b           74.520 
_cell.length_c           208.230 
_cell.angle_alpha        90.00 
_cell.angle_beta         90.00 
_cell.angle_gamma        120.00 
_cell.Z_PDB              24 
_cell.pdbx_unique_axis   ? 
_cell.length_a_esd       ? 
_cell.length_b_esd       ? 
_cell.length_c_esd       ? 
_cell.angle_alpha_esd    ? 
_cell.angle_beta_esd     ? 
_cell.angle_gamma_esd    ? 
# 
_symmetry.entry_id                         3UA0 
_symmetry.space_group_name_H-M             'P 65 2 2' 
_symmetry.pdbx_full_space_group_name_H-M   ? 
_symmetry.cell_setting                     ? 
_symmetry.Int_Tables_number                179 
_symmetry.space_group_name_Hall            ? 
# 
_exptl.entry_id          3UA0 
_exptl.method            'X-RAY DIFFRACTION' 
_exptl.crystals_number   ? 
# 
_exptl_crystal.id                    1 
_exptl_crystal.density_meas          ? 
_exptl_crystal.density_Matthews      2.76 
_exptl_crystal.density_percent_sol   55.37 
_exptl_crystal.description           ? 
_exptl_crystal.F_000                 ? 
_exptl_crystal.preparation           ? 
# 
_exptl_crystal_grow.crystal_id      1 
_exptl_crystal_grow.method          ? 
_exptl_crystal_grow.temp            ? 
_exptl_crystal_grow.temp_details    ? 
_exptl_crystal_grow.pH              4.6 
_exptl_crystal_grow.pdbx_details    '1.2M (NH4)2SO4, 0.1M SODIUM ACETATE PH 4.6, VAPOR DIFFUSION, HANGING DROP, TEMPERATURE 289K' 
_exptl_crystal_grow.pdbx_pH_range   ? 
# 
_diffrn.id                     1 
_diffrn.ambient_temp           ? 
_diffrn.ambient_temp_details   ? 
_diffrn.crystal_id             1 
# 
_diffrn_detector.diffrn_id              1 
_diffrn_detector.detector               CCD 
_diffrn_detector.type                   'RAYONIX MX225HE' 
_diffrn_detector.pdbx_collection_date   2009-10-07 
_diffrn_detector.details                ? 
# 
_diffrn_radiation.diffrn_id                        1 
_diffrn_radiation.wavelength_id                    1 
_diffrn_radiation.pdbx_monochromatic_or_laue_m_l   M 
_diffrn_radiation.monochromator                    ? 
_diffrn_radiation.pdbx_diffrn_protocol             'SINGLE WAVELENGTH' 
_diffrn_radiation.pdbx_scattering_type             x-ray 
# 
_diffrn_radiation_wavelength.id           1 
_diffrn_radiation_wavelength.wavelength   0.9794 
_diffrn_radiation_wavelength.wt           1.0 
# 
_diffrn_source.diffrn_id                   1 
_diffrn_source.source                      SYNCHROTRON 
_diffrn_source.type                        'SSRF BEAMLINE BL17U' 
_diffrn_source.pdbx_synchrotron_site       SSRF 
_diffrn_source.pdbx_synchrotron_beamline   BL17U 
_diffrn_source.pdbx_wavelength             0.9794 
_diffrn_source.pdbx_wavelength_list        ? 
# 
_reflns.entry_id                     3UA0 
_reflns.observed_criterion_sigma_I   ? 
_reflns.observed_criterion_sigma_F   ? 
_reflns.d_resolution_low             50.000 
_reflns.d_resolution_high            3.000 
_reflns.number_obs                   7427 
_reflns.number_all                   ? 
_reflns.percent_possible_obs         99.4 
_reflns.pdbx_Rmerge_I_obs            0.11200 
_reflns.pdbx_Rsym_value              ? 
_reflns.pdbx_netI_over_sigmaI        40.2000 
_reflns.B_iso_Wilson_estimate        101.75 
_reflns.pdbx_redundancy              31.900 
_reflns.R_free_details               ? 
_reflns.limit_h_max                  ? 
_reflns.limit_h_min                  ? 
_reflns.limit_k_max                  ? 
_reflns.limit_k_min                  ? 
_reflns.limit_l_max                  ? 
_reflns.limit_l_min                  ? 
_reflns.observed_criterion_F_max     ? 
_reflns.observed_criterion_F_min     ? 
_reflns.pdbx_chi_squared             ? 
_reflns.pdbx_scaling_rejects         ? 
_reflns.pdbx_ordinal                 1 
_reflns.pdbx_diffrn_id               1 
# 
_reflns_shell.d_res_high             3.00 
_reflns_shell.d_res_low              3.05 
_reflns_shell.percent_possible_all   94.5 
_reflns_shell.Rmerge_I_obs           0.65400 
_reflns_shell.pdbx_Rsym_value        ? 
_reflns_shell.meanI_over_sigI_obs    3.300 
_reflns_shell.pdbx_redundancy        19.10 
_reflns_shell.percent_possible_obs   ? 
_reflns_shell.number_unique_all      ? 
_reflns_shell.number_measured_all    ? 
_reflns_shell.number_measured_obs    ? 
_reflns_shell.number_unique_obs      ? 
_reflns_shell.pdbx_chi_squared       ? 
_reflns_shell.pdbx_ordinal           1 
_reflns_shell.pdbx_diffrn_id         1 
# 
_refine.entry_id                                 3UA0 
_refine.ls_number_reflns_obs                     7294 
_refine.ls_number_reflns_all                     ? 
_refine.pdbx_ls_sigma_I                          ? 
_refine.pdbx_ls_sigma_F                          1.330 
_refine.pdbx_data_cutoff_high_absF               ? 
_refine.pdbx_data_cutoff_low_absF                ? 
_refine.pdbx_data_cutoff_high_rms_absF           ? 
_refine.ls_d_res_low                             37.26 
_refine.ls_d_res_high                            3.00 
_refine.ls_percent_reflns_obs                    98.4 
_refine.ls_R_factor_obs                          0.312 
_refine.ls_R_factor_all                          ? 
_refine.ls_R_factor_R_work                       0.311 
_refine.ls_R_factor_R_free                       0.336 
_refine.ls_R_factor_R_free_error                 ? 
_refine.ls_R_factor_R_free_error_details         ? 
_refine.ls_percent_reflns_R_free                 4.570 
_refine.ls_number_reflns_R_free                  333 
_refine.ls_number_parameters                     ? 
_refine.ls_number_restraints                     ? 
_refine.occupancy_min                            ? 
_refine.occupancy_max                            ? 
_refine.correlation_coeff_Fo_to_Fc               ? 
_refine.correlation_coeff_Fo_to_Fc_free          ? 
_refine.B_iso_mean                               ? 
_refine.aniso_B[1][1]                            14.22000 
_refine.aniso_B[2][2]                            14.22000 
_refine.aniso_B[3][3]                            -28.44000 
_refine.aniso_B[1][2]                            0.00000 
_refine.aniso_B[1][3]                            -0.00000 
_refine.aniso_B[2][3]                            -0.00000 
_refine.solvent_model_details                    'FLAT BULK SOLVENT MODEL' 
_refine.solvent_model_param_ksol                 0.36 
_refine.solvent_model_param_bsol                 95.18 
_refine.pdbx_solvent_vdw_probe_radii             1.11 
_refine.pdbx_solvent_ion_probe_radii             ? 
_refine.pdbx_solvent_shrinkage_radii             0.90 
_refine.pdbx_ls_cross_valid_method               ? 
_refine.details                                  ? 
_refine.pdbx_starting_model                      ? 
_refine.pdbx_method_to_determine_struct          SAD 
_refine.pdbx_isotropic_thermal_model             ? 
_refine.pdbx_stereochemistry_target_values       ML 
_refine.pdbx_stereochem_target_val_spec_case     ? 
_refine.pdbx_R_Free_selection_details            ? 
_refine.pdbx_overall_ESU_R_Free                  ? 
_refine.overall_SU_ML                            0.460 
_refine.pdbx_overall_phase_error                 37.730 
_refine.overall_SU_B                             ? 
_refine.overall_SU_R_Cruickshank_DPI             ? 
_refine.ls_redundancy_reflns_obs                 ? 
_refine.B_iso_min                                ? 
_refine.B_iso_max                                ? 
_refine.overall_SU_R_free                        ? 
_refine.ls_wR_factor_R_free                      ? 
_refine.ls_wR_factor_R_work                      ? 
_refine.overall_FOM_free_R_set                   ? 
_refine.overall_FOM_work_R_set                   ? 
_refine.pdbx_diffrn_id                           1 
_refine.pdbx_refine_id                           'X-RAY DIFFRACTION' 
_refine.pdbx_overall_ESU_R                       ? 
_refine.pdbx_TLS_residual_ADP_flag               ? 
_refine.pdbx_overall_SU_R_free_Cruickshank_DPI   ? 
_refine.pdbx_overall_SU_R_Blow_DPI               ? 
_refine.pdbx_overall_SU_R_free_Blow_DPI          ? 
# 
_refine_hist.pdbx_refine_id                   'X-RAY DIFFRACTION' 
_refine_hist.cycle_id                         LAST 
_refine_hist.pdbx_number_atoms_protein        1165 
_refine_hist.pdbx_number_atoms_nucleic_acid   0 
_refine_hist.pdbx_number_atoms_ligand         0 
_refine_hist.number_atoms_solvent             0 
_refine_hist.number_atoms_total               1165 
_refine_hist.d_res_high                       3.00 
_refine_hist.d_res_low                        37.26 
# 
loop_
_refine_ls_restr.type 
_refine_ls_restr.dev_ideal 
_refine_ls_restr.dev_ideal_target 
_refine_ls_restr.weight 
_refine_ls_restr.number 
_refine_ls_restr.pdbx_restraint_function 
_refine_ls_restr.pdbx_refine_id 
f_bond_d           0.008  ? ? 1166 ? 'X-RAY DIFFRACTION' 
f_angle_d          1.145  ? ? 1563 ? 'X-RAY DIFFRACTION' 
f_dihedral_angle_d 20.536 ? ? 443  ? 'X-RAY DIFFRACTION' 
f_chiral_restr     0.077  ? ? 194  ? 'X-RAY DIFFRACTION' 
f_plane_restr      0.003  ? ? 201  ? 'X-RAY DIFFRACTION' 
# 
loop_
_refine_ls_shell.pdbx_total_number_of_bins_used 
_refine_ls_shell.d_res_high 
_refine_ls_shell.d_res_low 
_refine_ls_shell.number_reflns_R_work 
_refine_ls_shell.R_factor_R_work 
_refine_ls_shell.percent_reflns_obs 
_refine_ls_shell.R_factor_R_free 
_refine_ls_shell.R_factor_R_free_error 
_refine_ls_shell.percent_reflns_R_free 
_refine_ls_shell.number_reflns_R_free 
_refine_ls_shell.number_reflns_all 
_refine_ls_shell.R_factor_all 
_refine_ls_shell.number_reflns_obs 
_refine_ls_shell.redundancy_reflns_obs 
_refine_ls_shell.pdbx_refine_id 
. 3.0039 3.7840  3337 0.3083 97.00 0.3599 . . 159 . . . . 'X-RAY DIFFRACTION' 
. 3.7840 37.2628 3624 0.3112 99.00 0.3283 . . 174 . . . . 'X-RAY DIFFRACTION' 
# 
_struct.entry_id                  3UA0 
_struct.title                     
'N-Terminal Domain of Bombyx mori Fibroin Mediates the Assembly of Silk in Response to pH Decrease' 
_struct.pdbx_model_details        ? 
_struct.pdbx_CASP_flag            ? 
_struct.pdbx_model_type_details   ? 
# 
_struct_keywords.entry_id        3UA0 
_struct_keywords.pdbx_keywords   'PROTEIN FIBRIL' 
_struct_keywords.text            'THE DOUBLE-LAYERED-SHEETS, FIBROIN FOLDING INITIATION, PROTEIN FIBRIL' 
# 
loop_
_struct_asym.id 
_struct_asym.pdbx_blank_PDB_chainid_flag 
_struct_asym.pdbx_modified 
_struct_asym.entity_id 
_struct_asym.details 
A N N 1 ? 
B N N 1 ? 
# 
_struct_ref.id                         1 
_struct_ref.db_name                    UNP 
_struct_ref.db_code                    FIBH_BOMMO 
_struct_ref.pdbx_db_accession          P05790 
_struct_ref.entity_id                  1 
_struct_ref.pdbx_seq_one_letter_code   
;MRVKTFVILCCALQYVAYTNANINDFDEDYFGSDVTVQSSNTTDEIIRDASGAVIEEQITTKKMQRKNKNHGILGKNEKM
IKTFVITTDSDGNESIVEEDVLMKTLSDGTVAQSYVAADAGAYSQS
;
_struct_ref.pdbx_align_begin           1 
_struct_ref.pdbx_db_isoform            ? 
# 
loop_
_struct_ref_seq.align_id 
_struct_ref_seq.ref_id 
_struct_ref_seq.pdbx_PDB_id_code 
_struct_ref_seq.pdbx_strand_id 
_struct_ref_seq.seq_align_beg 
_struct_ref_seq.pdbx_seq_align_beg_ins_code 
_struct_ref_seq.seq_align_end 
_struct_ref_seq.pdbx_seq_align_end_ins_code 
_struct_ref_seq.pdbx_db_accession 
_struct_ref_seq.db_align_beg 
_struct_ref_seq.pdbx_db_align_beg_ins_code 
_struct_ref_seq.db_align_end 
_struct_ref_seq.pdbx_db_align_end_ins_code 
_struct_ref_seq.pdbx_auth_seq_align_beg 
_struct_ref_seq.pdbx_auth_seq_align_end 
1 1 3UA0 A 9 ? 134 ? P05790 1 ? 126 ? 1 126 
2 1 3UA0 B 9 ? 134 ? P05790 1 ? 126 ? 1 126 
# 
loop_
_struct_ref_seq_dif.align_id 
_struct_ref_seq_dif.pdbx_pdb_id_code 
_struct_ref_seq_dif.mon_id 
_struct_ref_seq_dif.pdbx_pdb_strand_id 
_struct_ref_seq_dif.seq_num 
_struct_ref_seq_dif.pdbx_pdb_ins_code 
_struct_ref_seq_dif.pdbx_seq_db_name 
_struct_ref_seq_dif.pdbx_seq_db_accession_code 
_struct_ref_seq_dif.db_mon_id 
_struct_ref_seq_dif.pdbx_seq_db_seq_num 
_struct_ref_seq_dif.details 
_struct_ref_seq_dif.pdbx_auth_seq_num 
_struct_ref_seq_dif.pdbx_ordinal 
1 3UA0 MSE A 1 ? UNP P05790 ? ? 'expression tag' -7 1  
1 3UA0 GLY A 2 ? UNP P05790 ? ? 'expression tag' -6 2  
1 3UA0 HIS A 3 ? UNP P05790 ? ? 'expression tag' -5 3  
1 3UA0 HIS A 4 ? UNP P05790 ? ? 'expression tag' -4 4  
1 3UA0 HIS A 5 ? UNP P05790 ? ? 'expression tag' -3 5  
1 3UA0 HIS A 6 ? UNP P05790 ? ? 'expression tag' -2 6  
1 3UA0 HIS A 7 ? UNP P05790 ? ? 'expression tag' -1 7  
1 3UA0 HIS A 8 ? UNP P05790 ? ? 'expression tag' 0  8  
2 3UA0 MSE B 1 ? UNP P05790 ? ? 'expression tag' -7 9  
2 3UA0 GLY B 2 ? UNP P05790 ? ? 'expression tag' -6 10 
2 3UA0 HIS B 3 ? UNP P05790 ? ? 'expression tag' -5 11 
2 3UA0 HIS B 4 ? UNP P05790 ? ? 'expression tag' -4 12 
2 3UA0 HIS B 5 ? UNP P05790 ? ? 'expression tag' -3 13 
2 3UA0 HIS B 6 ? UNP P05790 ? ? 'expression tag' -2 14 
2 3UA0 HIS B 7 ? UNP P05790 ? ? 'expression tag' -1 15 
2 3UA0 HIS B 8 ? UNP P05790 ? ? 'expression tag' 0  16 
# 
_pdbx_struct_assembly.id                   1 
_pdbx_struct_assembly.details              author_and_software_defined_assembly 
_pdbx_struct_assembly.method_details       PISA 
_pdbx_struct_assembly.oligomeric_details   tetrameric 
_pdbx_struct_assembly.oligomeric_count     4 
# 
loop_
_pdbx_struct_assembly_prop.biol_id 
_pdbx_struct_assembly_prop.type 
_pdbx_struct_assembly_prop.value 
_pdbx_struct_assembly_prop.details 
1 'ABSA (A^2)' 13840 ? 
1 MORE         -61   ? 
1 'SSA (A^2)'  15310 ? 
# 
_pdbx_struct_assembly_gen.assembly_id       1 
_pdbx_struct_assembly_gen.oper_expression   1,2 
_pdbx_struct_assembly_gen.asym_id_list      A,B 
# 
loop_
_pdbx_struct_oper_list.id 
_pdbx_struct_oper_list.type 
_pdbx_struct_oper_list.name 
_pdbx_struct_oper_list.symmetry_operation 
_pdbx_struct_oper_list.matrix[1][1] 
_pdbx_struct_oper_list.matrix[1][2] 
_pdbx_struct_oper_list.matrix[1][3] 
_pdbx_struct_oper_list.vector[1] 
_pdbx_struct_oper_list.matrix[2][1] 
_pdbx_struct_oper_list.matrix[2][2] 
_pdbx_struct_oper_list.matrix[2][3] 
_pdbx_struct_oper_list.vector[2] 
_pdbx_struct_oper_list.matrix[3][1] 
_pdbx_struct_oper_list.matrix[3][2] 
_pdbx_struct_oper_list.matrix[3][3] 
_pdbx_struct_oper_list.vector[3] 
1 'identity operation'         1_555  x,y,z            1.0000000000 0.0000000000 0.0000000000 0.0000000000  0.0000000000 1.0000000000  0.0000000000 0.0000000000 0.0000000000 0.0000000000 1.0000000000  0.0000000000  
2 'crystal symmetry operation' 10_665 -y+1,-x+1,-z+1/6 0.7652197503 0.4041600728 0.5010921765 -4.2424784122 0.4041600728 -0.9074645724 0.1147287472 2.3493518222 0.5010921765 0.1147287472 -0.8577551779 13.0502785458 
# 
_struct_biol.id        1 
_struct_biol.details   ? 
# 
_struct_conf.conf_type_id            HELX_P 
_struct_conf.id                      HELX_P1 
_struct_conf.pdbx_PDB_helix_id       1 
_struct_conf.beg_label_comp_id       ILE 
_struct_conf.beg_label_asym_id       B 
_struct_conf.beg_label_seq_id        31 
_struct_conf.pdbx_beg_PDB_ins_code   ? 
_struct_conf.end_label_comp_id       GLU 
_struct_conf.end_label_asym_id       B 
_struct_conf.end_label_seq_id        36 
_struct_conf.pdbx_end_PDB_ins_code   ? 
_struct_conf.beg_auth_comp_id        ILE 
_struct_conf.beg_auth_asym_id        B 
_struct_conf.beg_auth_seq_id         23 
_struct_conf.end_auth_comp_id        GLU 
_struct_conf.end_auth_asym_id        B 
_struct_conf.end_auth_seq_id         28 
_struct_conf.pdbx_PDB_helix_class    5 
_struct_conf.details                 ? 
_struct_conf.pdbx_PDB_helix_length   6 
# 
_struct_conf_type.id          HELX_P 
_struct_conf_type.criteria    ? 
_struct_conf_type.reference   ? 
# 
loop_
_struct_conn.id 
_struct_conn.conn_type_id 
_struct_conn.pdbx_leaving_atom_flag 
_struct_conn.pdbx_PDB_id 
_struct_conn.ptnr1_label_asym_id 
_struct_conn.ptnr1_label_comp_id 
_struct_conn.ptnr1_label_seq_id 
_struct_conn.ptnr1_label_atom_id 
_struct_conn.pdbx_ptnr1_label_alt_id 
_struct_conn.pdbx_ptnr1_PDB_ins_code 
_struct_conn.pdbx_ptnr1_standard_comp_id 
_struct_conn.ptnr1_symmetry 
_struct_conn.ptnr2_label_asym_id 
_struct_conn.ptnr2_label_comp_id 
_struct_conn.ptnr2_label_seq_id 
_struct_conn.ptnr2_label_atom_id 
_struct_conn.pdbx_ptnr2_label_alt_id 
_struct_conn.pdbx_ptnr2_PDB_ins_code 
_struct_conn.ptnr1_auth_asym_id 
_struct_conn.ptnr1_auth_comp_id 
_struct_conn.ptnr1_auth_seq_id 
_struct_conn.ptnr2_auth_asym_id 
_struct_conn.ptnr2_auth_comp_id 
_struct_conn.ptnr2_auth_seq_id 
_struct_conn.ptnr2_symmetry 
_struct_conn.pdbx_ptnr3_label_atom_id 
_struct_conn.pdbx_ptnr3_label_seq_id 
_struct_conn.pdbx_ptnr3_label_comp_id 
_struct_conn.pdbx_ptnr3_label_asym_id 
_struct_conn.pdbx_ptnr3_label_alt_id 
_struct_conn.pdbx_ptnr3_PDB_ins_code 
_struct_conn.details 
_struct_conn.pdbx_dist_value 
_struct_conn.pdbx_value_order 
_struct_conn.pdbx_role 
covale1  covale both ? A LYS 71  C ? ? ? 1_555 A MSE 72  N ? ? A LYS 63  A MSE 64  1_555 ? ? ? ? ? ? ? 1.331 ? ? 
covale2  covale both ? A MSE 72  C ? ? ? 1_555 A GLN 73  N ? ? A MSE 64  A GLN 65  1_555 ? ? ? ? ? ? ? 1.328 ? ? 
covale3  covale both ? A LYS 87  C ? ? ? 1_555 A MSE 88  N ? ? A LYS 79  A MSE 80  1_555 ? ? ? ? ? ? ? 1.331 ? ? 
covale4  covale both ? A MSE 88  C ? ? ? 1_555 A ILE 89  N ? ? A MSE 80  A ILE 81  1_555 ? ? ? ? ? ? ? 1.322 ? ? 
covale5  covale both ? A LEU 110 C ? ? ? 1_555 A MSE 111 N ? ? A LEU 102 A MSE 103 1_555 ? ? ? ? ? ? ? 1.328 ? ? 
covale6  covale both ? A MSE 111 C ? ? ? 1_555 A LYS 112 N ? ? A MSE 103 A LYS 104 1_555 ? ? ? ? ? ? ? 1.329 ? ? 
covale7  covale both ? B LYS 71  C ? ? ? 1_555 B MSE 72  N ? ? B LYS 63  B MSE 64  1_555 ? ? ? ? ? ? ? 1.328 ? ? 
covale8  covale both ? B MSE 72  C ? ? ? 1_555 B GLN 73  N ? ? B MSE 64  B GLN 65  1_555 ? ? ? ? ? ? ? 1.331 ? ? 
covale9  covale both ? B LYS 87  C ? ? ? 1_555 B MSE 88  N ? ? B LYS 79  B MSE 80  1_555 ? ? ? ? ? ? ? 1.323 ? ? 
covale10 covale both ? B MSE 88  C ? ? ? 1_555 B ILE 89  N ? ? B MSE 80  B ILE 81  1_555 ? ? ? ? ? ? ? 1.330 ? ? 
covale11 covale both ? B LEU 110 C ? ? ? 1_555 B MSE 111 N ? ? B LEU 102 B MSE 103 1_555 ? ? ? ? ? ? ? 1.325 ? ? 
covale12 covale both ? B MSE 111 C ? ? ? 1_555 B LYS 112 N ? ? B MSE 103 B LYS 104 1_555 ? ? ? ? ? ? ? 1.324 ? ? 
# 
_struct_conn_type.id          covale 
_struct_conn_type.criteria    ? 
_struct_conn_type.reference   ? 
# 
loop_
_pdbx_modification_feature.ordinal 
_pdbx_modification_feature.label_comp_id 
_pdbx_modification_feature.label_asym_id 
_pdbx_modification_feature.label_seq_id 
_pdbx_modification_feature.label_alt_id 
_pdbx_modification_feature.modified_residue_label_comp_id 
_pdbx_modification_feature.modified_residue_label_asym_id 
_pdbx_modification_feature.modified_residue_label_seq_id 
_pdbx_modification_feature.modified_residue_label_alt_id 
_pdbx_modification_feature.auth_comp_id 
_pdbx_modification_feature.auth_asym_id 
_pdbx_modification_feature.auth_seq_id 
_pdbx_modification_feature.PDB_ins_code 
_pdbx_modification_feature.symmetry 
_pdbx_modification_feature.modified_residue_auth_comp_id 
_pdbx_modification_feature.modified_residue_auth_asym_id 
_pdbx_modification_feature.modified_residue_auth_seq_id 
_pdbx_modification_feature.modified_residue_PDB_ins_code 
_pdbx_modification_feature.modified_residue_symmetry 
_pdbx_modification_feature.comp_id_linking_atom 
_pdbx_modification_feature.modified_residue_id_linking_atom 
_pdbx_modification_feature.modified_residue_id 
_pdbx_modification_feature.ref_pcm_id 
_pdbx_modification_feature.ref_comp_id 
_pdbx_modification_feature.type 
_pdbx_modification_feature.category 
1 MSE A 72  ? . . . . MSE A 64  ? 1_555 . . . . . . . MET 1 MSE Selenomethionine 'Named protein modification' 
2 MSE A 88  ? . . . . MSE A 80  ? 1_555 . . . . . . . MET 1 MSE Selenomethionine 'Named protein modification' 
3 MSE A 111 ? . . . . MSE A 103 ? 1_555 . . . . . . . MET 1 MSE Selenomethionine 'Named protein modification' 
4 MSE B 72  ? . . . . MSE B 64  ? 1_555 . . . . . . . MET 1 MSE Selenomethionine 'Named protein modification' 
5 MSE B 88  ? . . . . MSE B 80  ? 1_555 . . . . . . . MET 1 MSE Selenomethionine 'Named protein modification' 
6 MSE B 111 ? . . . . MSE B 103 ? 1_555 . . . . . . . MET 1 MSE Selenomethionine 'Named protein modification' 
# 
loop_
_struct_sheet.id 
_struct_sheet.type 
_struct_sheet.number_strands 
_struct_sheet.details 
A ? 3 ? 
B ? 8 ? 
# 
loop_
_struct_sheet_order.sheet_id 
_struct_sheet_order.range_id_1 
_struct_sheet_order.range_id_2 
_struct_sheet_order.offset 
_struct_sheet_order.sense 
A 1 2 ? anti-parallel 
A 2 3 ? anti-parallel 
B 1 2 ? anti-parallel 
B 2 3 ? anti-parallel 
B 3 4 ? anti-parallel 
B 4 5 ? anti-parallel 
B 5 6 ? anti-parallel 
B 6 7 ? anti-parallel 
B 7 8 ? anti-parallel 
# 
loop_
_struct_sheet_range.sheet_id 
_struct_sheet_range.id 
_struct_sheet_range.beg_label_comp_id 
_struct_sheet_range.beg_label_asym_id 
_struct_sheet_range.beg_label_seq_id 
_struct_sheet_range.pdbx_beg_PDB_ins_code 
_struct_sheet_range.end_label_comp_id 
_struct_sheet_range.end_label_asym_id 
_struct_sheet_range.end_label_seq_id 
_struct_sheet_range.pdbx_end_PDB_ins_code 
_struct_sheet_range.beg_auth_comp_id 
_struct_sheet_range.beg_auth_asym_id 
_struct_sheet_range.beg_auth_seq_id 
_struct_sheet_range.end_auth_comp_id 
_struct_sheet_range.end_auth_asym_id 
_struct_sheet_range.end_auth_seq_id 
A 1 THR A 44  ? SER A 47  ? THR A 36 SER A 39  
A 2 VAL A 62  ? GLN A 73  ? VAL A 54 GLN A 65  
A 3 THR A 50  ? ARG A 56  ? THR A 42 ARG A 48  
B 1 THR A 44  ? SER A 47  ? THR A 36 SER A 39  
B 2 VAL A 62  ? GLN A 73  ? VAL A 54 GLN A 65  
B 3 GLU B 102 ? LEU B 114 ? GLU B 94 LEU B 106 
B 4 GLU B 86  ? ASP B 97  ? GLU B 78 ASP B 89  
B 5 LYS A 87  ? ASP A 97  ? LYS A 79 ASP A 89  
B 6 VAL A 105 ? SER A 115 ? VAL A 97 SER A 107 
B 7 ALA B 61  ? LYS B 70  ? ALA B 53 LYS B 62  
B 8 ASN B 49  ? ARG B 56  ? ASN B 41 ARG B 48  
# 
loop_
_pdbx_struct_sheet_hbond.sheet_id 
_pdbx_struct_sheet_hbond.range_id_1 
_pdbx_struct_sheet_hbond.range_id_2 
_pdbx_struct_sheet_hbond.range_1_label_atom_id 
_pdbx_struct_sheet_hbond.range_1_label_comp_id 
_pdbx_struct_sheet_hbond.range_1_label_asym_id 
_pdbx_struct_sheet_hbond.range_1_label_seq_id 
_pdbx_struct_sheet_hbond.range_1_PDB_ins_code 
_pdbx_struct_sheet_hbond.range_1_auth_atom_id 
_pdbx_struct_sheet_hbond.range_1_auth_comp_id 
_pdbx_struct_sheet_hbond.range_1_auth_asym_id 
_pdbx_struct_sheet_hbond.range_1_auth_seq_id 
_pdbx_struct_sheet_hbond.range_2_label_atom_id 
_pdbx_struct_sheet_hbond.range_2_label_comp_id 
_pdbx_struct_sheet_hbond.range_2_label_asym_id 
_pdbx_struct_sheet_hbond.range_2_label_seq_id 
_pdbx_struct_sheet_hbond.range_2_PDB_ins_code 
_pdbx_struct_sheet_hbond.range_2_auth_atom_id 
_pdbx_struct_sheet_hbond.range_2_auth_comp_id 
_pdbx_struct_sheet_hbond.range_2_auth_asym_id 
_pdbx_struct_sheet_hbond.range_2_auth_seq_id 
A 1 2 N GLN A 46  ? N GLN A 38  O LYS A 71  ? O LYS A 63  
A 2 3 O ILE A 63  ? O ILE A 55  N ILE A 55  ? N ILE A 47  
B 1 2 N GLN A 46  ? N GLN A 38  O LYS A 71  ? O LYS A 63  
B 2 3 N THR A 68  ? N THR A 60  O ASP B 108 ? O ASP B 100 
B 3 4 O SER B 103 ? O SER B 95  N THR B 95  ? N THR B 87  
B 4 5 O PHE B 92  ? O PHE B 84  N PHE A 92  ? N PHE A 84  
B 5 6 N THR A 91  ? N THR A 83  O GLU A 107 ? O GLU A 99  
B 6 7 N LYS A 112 ? N LYS A 104 O ILE B 63  ? O ILE B 55  
B 7 8 O VAL B 62  ? O VAL B 54  N ILE B 55  ? N ILE B 47  
# 
_pdbx_entry_details.entry_id                   3UA0 
_pdbx_entry_details.compound_details           ? 
_pdbx_entry_details.source_details             ? 
_pdbx_entry_details.nonpolymer_details         ? 
_pdbx_entry_details.sequence_details           ? 
_pdbx_entry_details.has_ligand_of_interest     ? 
_pdbx_entry_details.has_protein_modification   Y 
# 
loop_
_pdbx_validate_torsion.id 
_pdbx_validate_torsion.PDB_model_num 
_pdbx_validate_torsion.auth_comp_id 
_pdbx_validate_torsion.auth_asym_id 
_pdbx_validate_torsion.auth_seq_id 
_pdbx_validate_torsion.PDB_ins_code 
_pdbx_validate_torsion.label_alt_id 
_pdbx_validate_torsion.phi 
_pdbx_validate_torsion.psi 
1  1 ASP A 49  ? ? -106.24 -163.56 
2  1 ARG A 66  ? ? 137.66  139.57  
3  1 LYS A 67  ? ? -168.80 -40.53  
4  1 LYS A 76  ? ? 55.99   -95.41  
5  1 VAL A 85  ? ? -151.76 80.05   
6  1 SER A 95  ? ? -174.85 75.70   
7  1 SER B 40  ? ? -175.13 127.48  
8  1 ASP B 49  ? ? -84.76  -156.04 
9  1 ALA B 50  ? ? -76.48  27.50   
10 1 SER B 51  ? ? -165.29 -91.90  
11 1 LYS B 63  ? ? -116.03 -168.07 
12 1 GLN B 65  ? ? -173.07 -147.79 
13 1 SER B 90  ? ? -65.33  5.66    
14 1 SER B 107 ? ? 47.87   177.44  
# 
loop_
_pdbx_struct_mod_residue.id 
_pdbx_struct_mod_residue.label_asym_id 
_pdbx_struct_mod_residue.label_comp_id 
_pdbx_struct_mod_residue.label_seq_id 
_pdbx_struct_mod_residue.auth_asym_id 
_pdbx_struct_mod_residue.auth_comp_id 
_pdbx_struct_mod_residue.auth_seq_id 
_pdbx_struct_mod_residue.PDB_ins_code 
_pdbx_struct_mod_residue.parent_comp_id 
_pdbx_struct_mod_residue.details 
1 A MSE 72  A MSE 64  ? MET SELENOMETHIONINE 
2 A MSE 88  A MSE 80  ? MET SELENOMETHIONINE 
3 A MSE 111 A MSE 103 ? MET SELENOMETHIONINE 
4 B MSE 72  B MSE 64  ? MET SELENOMETHIONINE 
5 B MSE 88  B MSE 80  ? MET SELENOMETHIONINE 
6 B MSE 111 B MSE 103 ? MET SELENOMETHIONINE 
# 
loop_
_pdbx_unobs_or_zero_occ_residues.id 
_pdbx_unobs_or_zero_occ_residues.PDB_model_num 
_pdbx_unobs_or_zero_occ_residues.polymer_flag 
_pdbx_unobs_or_zero_occ_residues.occupancy_flag 
_pdbx_unobs_or_zero_occ_residues.auth_asym_id 
_pdbx_unobs_or_zero_occ_residues.auth_comp_id 
_pdbx_unobs_or_zero_occ_residues.auth_seq_id 
_pdbx_unobs_or_zero_occ_residues.PDB_ins_code 
_pdbx_unobs_or_zero_occ_residues.label_asym_id 
_pdbx_unobs_or_zero_occ_residues.label_comp_id 
_pdbx_unobs_or_zero_occ_residues.label_seq_id 
1   1 Y 1 A MSE -7  ? A MSE 1   
2   1 Y 1 A GLY -6  ? A GLY 2   
3   1 Y 1 A HIS -5  ? A HIS 3   
4   1 Y 1 A HIS -4  ? A HIS 4   
5   1 Y 1 A HIS -3  ? A HIS 5   
6   1 Y 1 A HIS -2  ? A HIS 6   
7   1 Y 1 A HIS -1  ? A HIS 7   
8   1 Y 1 A HIS 0   ? A HIS 8   
9   1 Y 1 A MSE 1   ? A MSE 9   
10  1 Y 1 A ARG 2   ? A ARG 10  
11  1 Y 1 A VAL 3   ? A VAL 11  
12  1 Y 1 A LYS 4   ? A LYS 12  
13  1 Y 1 A THR 5   ? A THR 13  
14  1 Y 1 A PHE 6   ? A PHE 14  
15  1 Y 1 A VAL 7   ? A VAL 15  
16  1 Y 1 A ILE 8   ? A ILE 16  
17  1 Y 1 A LEU 9   ? A LEU 17  
18  1 Y 1 A CYS 10  ? A CYS 18  
19  1 Y 1 A CYS 11  ? A CYS 19  
20  1 Y 1 A ALA 12  ? A ALA 20  
21  1 Y 1 A LEU 13  ? A LEU 21  
22  1 Y 1 A GLN 14  ? A GLN 22  
23  1 Y 1 A TYR 15  ? A TYR 23  
24  1 Y 1 A VAL 16  ? A VAL 24  
25  1 Y 1 A ALA 17  ? A ALA 25  
26  1 Y 1 A TYR 18  ? A TYR 26  
27  1 Y 1 A THR 19  ? A THR 27  
28  1 Y 1 A ASN 20  ? A ASN 28  
29  1 Y 1 A ALA 21  ? A ALA 29  
30  1 Y 1 A ASN 22  ? A ASN 30  
31  1 Y 1 A ILE 23  ? A ILE 31  
32  1 Y 1 A ASN 24  ? A ASN 32  
33  1 Y 1 A ASP 25  ? A ASP 33  
34  1 Y 1 A LYS 69  ? A LYS 77  
35  1 Y 1 A ASN 70  ? A ASN 78  
36  1 Y 1 A HIS 71  ? A HIS 79  
37  1 Y 1 A GLY 72  ? A GLY 80  
38  1 Y 1 A GLY 109 ? A GLY 117 
39  1 Y 1 A THR 110 ? A THR 118 
40  1 Y 1 A VAL 111 ? A VAL 119 
41  1 Y 1 A ALA 112 ? A ALA 120 
42  1 Y 1 A GLN 113 ? A GLN 121 
43  1 Y 1 A SER 114 ? A SER 122 
44  1 Y 1 A TYR 115 ? A TYR 123 
45  1 Y 1 A VAL 116 ? A VAL 124 
46  1 Y 1 A ALA 117 ? A ALA 125 
47  1 Y 1 A ALA 118 ? A ALA 126 
48  1 Y 1 A ASP 119 ? A ASP 127 
49  1 Y 1 A ALA 120 ? A ALA 128 
50  1 Y 1 A GLY 121 ? A GLY 129 
51  1 Y 1 A ALA 122 ? A ALA 130 
52  1 Y 1 A TYR 123 ? A TYR 131 
53  1 Y 1 A SER 124 ? A SER 132 
54  1 Y 1 A GLN 125 ? A GLN 133 
55  1 Y 1 A SER 126 ? A SER 134 
56  1 Y 1 B MSE -7  ? B MSE 1   
57  1 Y 1 B GLY -6  ? B GLY 2   
58  1 Y 1 B HIS -5  ? B HIS 3   
59  1 Y 1 B HIS -4  ? B HIS 4   
60  1 Y 1 B HIS -3  ? B HIS 5   
61  1 Y 1 B HIS -2  ? B HIS 6   
62  1 Y 1 B HIS -1  ? B HIS 7   
63  1 Y 1 B HIS 0   ? B HIS 8   
64  1 Y 1 B MSE 1   ? B MSE 9   
65  1 Y 1 B ARG 2   ? B ARG 10  
66  1 Y 1 B VAL 3   ? B VAL 11  
67  1 Y 1 B LYS 4   ? B LYS 12  
68  1 Y 1 B THR 5   ? B THR 13  
69  1 Y 1 B PHE 6   ? B PHE 14  
70  1 Y 1 B VAL 7   ? B VAL 15  
71  1 Y 1 B ILE 8   ? B ILE 16  
72  1 Y 1 B LEU 9   ? B LEU 17  
73  1 Y 1 B CYS 10  ? B CYS 18  
74  1 Y 1 B CYS 11  ? B CYS 19  
75  1 Y 1 B ALA 12  ? B ALA 20  
76  1 Y 1 B LEU 13  ? B LEU 21  
77  1 Y 1 B GLN 14  ? B GLN 22  
78  1 Y 1 B TYR 15  ? B TYR 23  
79  1 Y 1 B VAL 16  ? B VAL 24  
80  1 Y 1 B ALA 17  ? B ALA 25  
81  1 Y 1 B TYR 18  ? B TYR 26  
82  1 Y 1 B THR 19  ? B THR 27  
83  1 Y 1 B ASN 20  ? B ASN 28  
84  1 Y 1 B ALA 21  ? B ALA 29  
85  1 Y 1 B ASN 22  ? B ASN 30  
86  1 Y 1 B ASP 29  ? B ASP 37  
87  1 Y 1 B TYR 30  ? B TYR 38  
88  1 Y 1 B PHE 31  ? B PHE 39  
89  1 Y 1 B GLY 32  ? B GLY 40  
90  1 Y 1 B SER 33  ? B SER 41  
91  1 Y 1 B ASP 34  ? B ASP 42  
92  1 Y 1 B LYS 67  ? B LYS 75  
93  1 Y 1 B ASN 68  ? B ASN 76  
94  1 Y 1 B LYS 69  ? B LYS 77  
95  1 Y 1 B ASN 70  ? B ASN 78  
96  1 Y 1 B HIS 71  ? B HIS 79  
97  1 Y 1 B GLY 72  ? B GLY 80  
98  1 Y 1 B ILE 73  ? B ILE 81  
99  1 Y 1 B LEU 74  ? B LEU 82  
100 1 Y 1 B GLY 75  ? B GLY 83  
101 1 Y 1 B LYS 76  ? B LYS 84  
102 1 Y 1 B GLY 109 ? B GLY 117 
103 1 Y 1 B THR 110 ? B THR 118 
104 1 Y 1 B VAL 111 ? B VAL 119 
105 1 Y 1 B ALA 112 ? B ALA 120 
106 1 Y 1 B GLN 113 ? B GLN 121 
107 1 Y 1 B SER 114 ? B SER 122 
108 1 Y 1 B TYR 115 ? B TYR 123 
109 1 Y 1 B VAL 116 ? B VAL 124 
110 1 Y 1 B ALA 117 ? B ALA 125 
111 1 Y 1 B ALA 118 ? B ALA 126 
112 1 Y 1 B ASP 119 ? B ASP 127 
113 1 Y 1 B ALA 120 ? B ALA 128 
114 1 Y 1 B GLY 121 ? B GLY 129 
115 1 Y 1 B ALA 122 ? B ALA 130 
116 1 Y 1 B TYR 123 ? B TYR 131 
117 1 Y 1 B SER 124 ? B SER 132 
118 1 Y 1 B GLN 125 ? B GLN 133 
119 1 Y 1 B SER 126 ? B SER 134 
# 
loop_
_chem_comp_atom.comp_id 
_chem_comp_atom.atom_id 
_chem_comp_atom.type_symbol 
_chem_comp_atom.pdbx_aromatic_flag 
_chem_comp_atom.pdbx_stereo_config 
_chem_comp_atom.pdbx_ordinal 
ALA N    N  N N 1   
ALA CA   C  N S 2   
ALA C    C  N N 3   
ALA O    O  N N 4   
ALA CB   C  N N 5   
ALA OXT  O  N N 6   
ALA H    H  N N 7   
ALA H2   H  N N 8   
ALA HA   H  N N 9   
ALA HB1  H  N N 10  
ALA HB2  H  N N 11  
ALA HB3  H  N N 12  
ALA HXT  H  N N 13  
ARG N    N  N N 14  
ARG CA   C  N S 15  
ARG C    C  N N 16  
ARG O    O  N N 17  
ARG CB   C  N N 18  
ARG CG   C  N N 19  
ARG CD   C  N N 20  
ARG NE   N  N N 21  
ARG CZ   C  N N 22  
ARG NH1  N  N N 23  
ARG NH2  N  N N 24  
ARG OXT  O  N N 25  
ARG H    H  N N 26  
ARG H2   H  N N 27  
ARG HA   H  N N 28  
ARG HB2  H  N N 29  
ARG HB3  H  N N 30  
ARG HG2  H  N N 31  
ARG HG3  H  N N 32  
ARG HD2  H  N N 33  
ARG HD3  H  N N 34  
ARG HE   H  N N 35  
ARG HH11 H  N N 36  
ARG HH12 H  N N 37  
ARG HH21 H  N N 38  
ARG HH22 H  N N 39  
ARG HXT  H  N N 40  
ASN N    N  N N 41  
ASN CA   C  N S 42  
ASN C    C  N N 43  
ASN O    O  N N 44  
ASN CB   C  N N 45  
ASN CG   C  N N 46  
ASN OD1  O  N N 47  
ASN ND2  N  N N 48  
ASN OXT  O  N N 49  
ASN H    H  N N 50  
ASN H2   H  N N 51  
ASN HA   H  N N 52  
ASN HB2  H  N N 53  
ASN HB3  H  N N 54  
ASN HD21 H  N N 55  
ASN HD22 H  N N 56  
ASN HXT  H  N N 57  
ASP N    N  N N 58  
ASP CA   C  N S 59  
ASP C    C  N N 60  
ASP O    O  N N 61  
ASP CB   C  N N 62  
ASP CG   C  N N 63  
ASP OD1  O  N N 64  
ASP OD2  O  N N 65  
ASP OXT  O  N N 66  
ASP H    H  N N 67  
ASP H2   H  N N 68  
ASP HA   H  N N 69  
ASP HB2  H  N N 70  
ASP HB3  H  N N 71  
ASP HD2  H  N N 72  
ASP HXT  H  N N 73  
CYS N    N  N N 74  
CYS CA   C  N R 75  
CYS C    C  N N 76  
CYS O    O  N N 77  
CYS CB   C  N N 78  
CYS SG   S  N N 79  
CYS OXT  O  N N 80  
CYS H    H  N N 81  
CYS H2   H  N N 82  
CYS HA   H  N N 83  
CYS HB2  H  N N 84  
CYS HB3  H  N N 85  
CYS HG   H  N N 86  
CYS HXT  H  N N 87  
GLN N    N  N N 88  
GLN CA   C  N S 89  
GLN C    C  N N 90  
GLN O    O  N N 91  
GLN CB   C  N N 92  
GLN CG   C  N N 93  
GLN CD   C  N N 94  
GLN OE1  O  N N 95  
GLN NE2  N  N N 96  
GLN OXT  O  N N 97  
GLN H    H  N N 98  
GLN H2   H  N N 99  
GLN HA   H  N N 100 
GLN HB2  H  N N 101 
GLN HB3  H  N N 102 
GLN HG2  H  N N 103 
GLN HG3  H  N N 104 
GLN HE21 H  N N 105 
GLN HE22 H  N N 106 
GLN HXT  H  N N 107 
GLU N    N  N N 108 
GLU CA   C  N S 109 
GLU C    C  N N 110 
GLU O    O  N N 111 
GLU CB   C  N N 112 
GLU CG   C  N N 113 
GLU CD   C  N N 114 
GLU OE1  O  N N 115 
GLU OE2  O  N N 116 
GLU OXT  O  N N 117 
GLU H    H  N N 118 
GLU H2   H  N N 119 
GLU HA   H  N N 120 
GLU HB2  H  N N 121 
GLU HB3  H  N N 122 
GLU HG2  H  N N 123 
GLU HG3  H  N N 124 
GLU HE2  H  N N 125 
GLU HXT  H  N N 126 
GLY N    N  N N 127 
GLY CA   C  N N 128 
GLY C    C  N N 129 
GLY O    O  N N 130 
GLY OXT  O  N N 131 
GLY H    H  N N 132 
GLY H2   H  N N 133 
GLY HA2  H  N N 134 
GLY HA3  H  N N 135 
GLY HXT  H  N N 136 
HIS N    N  N N 137 
HIS CA   C  N S 138 
HIS C    C  N N 139 
HIS O    O  N N 140 
HIS CB   C  N N 141 
HIS CG   C  Y N 142 
HIS ND1  N  Y N 143 
HIS CD2  C  Y N 144 
HIS CE1  C  Y N 145 
HIS NE2  N  Y N 146 
HIS OXT  O  N N 147 
HIS H    H  N N 148 
HIS H2   H  N N 149 
HIS HA   H  N N 150 
HIS HB2  H  N N 151 
HIS HB3  H  N N 152 
HIS HD1  H  N N 153 
HIS HD2  H  N N 154 
HIS HE1  H  N N 155 
HIS HE2  H  N N 156 
HIS HXT  H  N N 157 
ILE N    N  N N 158 
ILE CA   C  N S 159 
ILE C    C  N N 160 
ILE O    O  N N 161 
ILE CB   C  N S 162 
ILE CG1  C  N N 163 
ILE CG2  C  N N 164 
ILE CD1  C  N N 165 
ILE OXT  O  N N 166 
ILE H    H  N N 167 
ILE H2   H  N N 168 
ILE HA   H  N N 169 
ILE HB   H  N N 170 
ILE HG12 H  N N 171 
ILE HG13 H  N N 172 
ILE HG21 H  N N 173 
ILE HG22 H  N N 174 
ILE HG23 H  N N 175 
ILE HD11 H  N N 176 
ILE HD12 H  N N 177 
ILE HD13 H  N N 178 
ILE HXT  H  N N 179 
LEU N    N  N N 180 
LEU CA   C  N S 181 
LEU C    C  N N 182 
LEU O    O  N N 183 
LEU CB   C  N N 184 
LEU CG   C  N N 185 
LEU CD1  C  N N 186 
LEU CD2  C  N N 187 
LEU OXT  O  N N 188 
LEU H    H  N N 189 
LEU H2   H  N N 190 
LEU HA   H  N N 191 
LEU HB2  H  N N 192 
LEU HB3  H  N N 193 
LEU HG   H  N N 194 
LEU HD11 H  N N 195 
LEU HD12 H  N N 196 
LEU HD13 H  N N 197 
LEU HD21 H  N N 198 
LEU HD22 H  N N 199 
LEU HD23 H  N N 200 
LEU HXT  H  N N 201 
LYS N    N  N N 202 
LYS CA   C  N S 203 
LYS C    C  N N 204 
LYS O    O  N N 205 
LYS CB   C  N N 206 
LYS CG   C  N N 207 
LYS CD   C  N N 208 
LYS CE   C  N N 209 
LYS NZ   N  N N 210 
LYS OXT  O  N N 211 
LYS H    H  N N 212 
LYS H2   H  N N 213 
LYS HA   H  N N 214 
LYS HB2  H  N N 215 
LYS HB3  H  N N 216 
LYS HG2  H  N N 217 
LYS HG3  H  N N 218 
LYS HD2  H  N N 219 
LYS HD3  H  N N 220 
LYS HE2  H  N N 221 
LYS HE3  H  N N 222 
LYS HZ1  H  N N 223 
LYS HZ2  H  N N 224 
LYS HZ3  H  N N 225 
LYS HXT  H  N N 226 
MSE N    N  N N 227 
MSE CA   C  N S 228 
MSE C    C  N N 229 
MSE O    O  N N 230 
MSE OXT  O  N N 231 
MSE CB   C  N N 232 
MSE CG   C  N N 233 
MSE SE   SE N N 234 
MSE CE   C  N N 235 
MSE H    H  N N 236 
MSE H2   H  N N 237 
MSE HA   H  N N 238 
MSE HXT  H  N N 239 
MSE HB2  H  N N 240 
MSE HB3  H  N N 241 
MSE HG2  H  N N 242 
MSE HG3  H  N N 243 
MSE HE1  H  N N 244 
MSE HE2  H  N N 245 
MSE HE3  H  N N 246 
PHE N    N  N N 247 
PHE CA   C  N S 248 
PHE C    C  N N 249 
PHE O    O  N N 250 
PHE CB   C  N N 251 
PHE CG   C  Y N 252 
PHE CD1  C  Y N 253 
PHE CD2  C  Y N 254 
PHE CE1  C  Y N 255 
PHE CE2  C  Y N 256 
PHE CZ   C  Y N 257 
PHE OXT  O  N N 258 
PHE H    H  N N 259 
PHE H2   H  N N 260 
PHE HA   H  N N 261 
PHE HB2  H  N N 262 
PHE HB3  H  N N 263 
PHE HD1  H  N N 264 
PHE HD2  H  N N 265 
PHE HE1  H  N N 266 
PHE HE2  H  N N 267 
PHE HZ   H  N N 268 
PHE HXT  H  N N 269 
SER N    N  N N 270 
SER CA   C  N S 271 
SER C    C  N N 272 
SER O    O  N N 273 
SER CB   C  N N 274 
SER OG   O  N N 275 
SER OXT  O  N N 276 
SER H    H  N N 277 
SER H2   H  N N 278 
SER HA   H  N N 279 
SER HB2  H  N N 280 
SER HB3  H  N N 281 
SER HG   H  N N 282 
SER HXT  H  N N 283 
THR N    N  N N 284 
THR CA   C  N S 285 
THR C    C  N N 286 
THR O    O  N N 287 
THR CB   C  N R 288 
THR OG1  O  N N 289 
THR CG2  C  N N 290 
THR OXT  O  N N 291 
THR H    H  N N 292 
THR H2   H  N N 293 
THR HA   H  N N 294 
THR HB   H  N N 295 
THR HG1  H  N N 296 
THR HG21 H  N N 297 
THR HG22 H  N N 298 
THR HG23 H  N N 299 
THR HXT  H  N N 300 
TYR N    N  N N 301 
TYR CA   C  N S 302 
TYR C    C  N N 303 
TYR O    O  N N 304 
TYR CB   C  N N 305 
TYR CG   C  Y N 306 
TYR CD1  C  Y N 307 
TYR CD2  C  Y N 308 
TYR CE1  C  Y N 309 
TYR CE2  C  Y N 310 
TYR CZ   C  Y N 311 
TYR OH   O  N N 312 
TYR OXT  O  N N 313 
TYR H    H  N N 314 
TYR H2   H  N N 315 
TYR HA   H  N N 316 
TYR HB2  H  N N 317 
TYR HB3  H  N N 318 
TYR HD1  H  N N 319 
TYR HD2  H  N N 320 
TYR HE1  H  N N 321 
TYR HE2  H  N N 322 
TYR HH   H  N N 323 
TYR HXT  H  N N 324 
VAL N    N  N N 325 
VAL CA   C  N S 326 
VAL C    C  N N 327 
VAL O    O  N N 328 
VAL CB   C  N N 329 
VAL CG1  C  N N 330 
VAL CG2  C  N N 331 
VAL OXT  O  N N 332 
VAL H    H  N N 333 
VAL H2   H  N N 334 
VAL HA   H  N N 335 
VAL HB   H  N N 336 
VAL HG11 H  N N 337 
VAL HG12 H  N N 338 
VAL HG13 H  N N 339 
VAL HG21 H  N N 340 
VAL HG22 H  N N 341 
VAL HG23 H  N N 342 
VAL HXT  H  N N 343 
# 
loop_
_chem_comp_bond.comp_id 
_chem_comp_bond.atom_id_1 
_chem_comp_bond.atom_id_2 
_chem_comp_bond.value_order 
_chem_comp_bond.pdbx_aromatic_flag 
_chem_comp_bond.pdbx_stereo_config 
_chem_comp_bond.pdbx_ordinal 
ALA N   CA   sing N N 1   
ALA N   H    sing N N 2   
ALA N   H2   sing N N 3   
ALA CA  C    sing N N 4   
ALA CA  CB   sing N N 5   
ALA CA  HA   sing N N 6   
ALA C   O    doub N N 7   
ALA C   OXT  sing N N 8   
ALA CB  HB1  sing N N 9   
ALA CB  HB2  sing N N 10  
ALA CB  HB3  sing N N 11  
ALA OXT HXT  sing N N 12  
ARG N   CA   sing N N 13  
ARG N   H    sing N N 14  
ARG N   H2   sing N N 15  
ARG CA  C    sing N N 16  
ARG CA  CB   sing N N 17  
ARG CA  HA   sing N N 18  
ARG C   O    doub N N 19  
ARG C   OXT  sing N N 20  
ARG CB  CG   sing N N 21  
ARG CB  HB2  sing N N 22  
ARG CB  HB3  sing N N 23  
ARG CG  CD   sing N N 24  
ARG CG  HG2  sing N N 25  
ARG CG  HG3  sing N N 26  
ARG CD  NE   sing N N 27  
ARG CD  HD2  sing N N 28  
ARG CD  HD3  sing N N 29  
ARG NE  CZ   sing N N 30  
ARG NE  HE   sing N N 31  
ARG CZ  NH1  sing N N 32  
ARG CZ  NH2  doub N N 33  
ARG NH1 HH11 sing N N 34  
ARG NH1 HH12 sing N N 35  
ARG NH2 HH21 sing N N 36  
ARG NH2 HH22 sing N N 37  
ARG OXT HXT  sing N N 38  
ASN N   CA   sing N N 39  
ASN N   H    sing N N 40  
ASN N   H2   sing N N 41  
ASN CA  C    sing N N 42  
ASN CA  CB   sing N N 43  
ASN CA  HA   sing N N 44  
ASN C   O    doub N N 45  
ASN C   OXT  sing N N 46  
ASN CB  CG   sing N N 47  
ASN CB  HB2  sing N N 48  
ASN CB  HB3  sing N N 49  
ASN CG  OD1  doub N N 50  
ASN CG  ND2  sing N N 51  
ASN ND2 HD21 sing N N 52  
ASN ND2 HD22 sing N N 53  
ASN OXT HXT  sing N N 54  
ASP N   CA   sing N N 55  
ASP N   H    sing N N 56  
ASP N   H2   sing N N 57  
ASP CA  C    sing N N 58  
ASP CA  CB   sing N N 59  
ASP CA  HA   sing N N 60  
ASP C   O    doub N N 61  
ASP C   OXT  sing N N 62  
ASP CB  CG   sing N N 63  
ASP CB  HB2  sing N N 64  
ASP CB  HB3  sing N N 65  
ASP CG  OD1  doub N N 66  
ASP CG  OD2  sing N N 67  
ASP OD2 HD2  sing N N 68  
ASP OXT HXT  sing N N 69  
CYS N   CA   sing N N 70  
CYS N   H    sing N N 71  
CYS N   H2   sing N N 72  
CYS CA  C    sing N N 73  
CYS CA  CB   sing N N 74  
CYS CA  HA   sing N N 75  
CYS C   O    doub N N 76  
CYS C   OXT  sing N N 77  
CYS CB  SG   sing N N 78  
CYS CB  HB2  sing N N 79  
CYS CB  HB3  sing N N 80  
CYS SG  HG   sing N N 81  
CYS OXT HXT  sing N N 82  
GLN N   CA   sing N N 83  
GLN N   H    sing N N 84  
GLN N   H2   sing N N 85  
GLN CA  C    sing N N 86  
GLN CA  CB   sing N N 87  
GLN CA  HA   sing N N 88  
GLN C   O    doub N N 89  
GLN C   OXT  sing N N 90  
GLN CB  CG   sing N N 91  
GLN CB  HB2  sing N N 92  
GLN CB  HB3  sing N N 93  
GLN CG  CD   sing N N 94  
GLN CG  HG2  sing N N 95  
GLN CG  HG3  sing N N 96  
GLN CD  OE1  doub N N 97  
GLN CD  NE2  sing N N 98  
GLN NE2 HE21 sing N N 99  
GLN NE2 HE22 sing N N 100 
GLN OXT HXT  sing N N 101 
GLU N   CA   sing N N 102 
GLU N   H    sing N N 103 
GLU N   H2   sing N N 104 
GLU CA  C    sing N N 105 
GLU CA  CB   sing N N 106 
GLU CA  HA   sing N N 107 
GLU C   O    doub N N 108 
GLU C   OXT  sing N N 109 
GLU CB  CG   sing N N 110 
GLU CB  HB2  sing N N 111 
GLU CB  HB3  sing N N 112 
GLU CG  CD   sing N N 113 
GLU CG  HG2  sing N N 114 
GLU CG  HG3  sing N N 115 
GLU CD  OE1  doub N N 116 
GLU CD  OE2  sing N N 117 
GLU OE2 HE2  sing N N 118 
GLU OXT HXT  sing N N 119 
GLY N   CA   sing N N 120 
GLY N   H    sing N N 121 
GLY N   H2   sing N N 122 
GLY CA  C    sing N N 123 
GLY CA  HA2  sing N N 124 
GLY CA  HA3  sing N N 125 
GLY C   O    doub N N 126 
GLY C   OXT  sing N N 127 
GLY OXT HXT  sing N N 128 
HIS N   CA   sing N N 129 
HIS N   H    sing N N 130 
HIS N   H2   sing N N 131 
HIS CA  C    sing N N 132 
HIS CA  CB   sing N N 133 
HIS CA  HA   sing N N 134 
HIS C   O    doub N N 135 
HIS C   OXT  sing N N 136 
HIS CB  CG   sing N N 137 
HIS CB  HB2  sing N N 138 
HIS CB  HB3  sing N N 139 
HIS CG  ND1  sing Y N 140 
HIS CG  CD2  doub Y N 141 
HIS ND1 CE1  doub Y N 142 
HIS ND1 HD1  sing N N 143 
HIS CD2 NE2  sing Y N 144 
HIS CD2 HD2  sing N N 145 
HIS CE1 NE2  sing Y N 146 
HIS CE1 HE1  sing N N 147 
HIS NE2 HE2  sing N N 148 
HIS OXT HXT  sing N N 149 
ILE N   CA   sing N N 150 
ILE N   H    sing N N 151 
ILE N   H2   sing N N 152 
ILE CA  C    sing N N 153 
ILE CA  CB   sing N N 154 
ILE CA  HA   sing N N 155 
ILE C   O    doub N N 156 
ILE C   OXT  sing N N 157 
ILE CB  CG1  sing N N 158 
ILE CB  CG2  sing N N 159 
ILE CB  HB   sing N N 160 
ILE CG1 CD1  sing N N 161 
ILE CG1 HG12 sing N N 162 
ILE CG1 HG13 sing N N 163 
ILE CG2 HG21 sing N N 164 
ILE CG2 HG22 sing N N 165 
ILE CG2 HG23 sing N N 166 
ILE CD1 HD11 sing N N 167 
ILE CD1 HD12 sing N N 168 
ILE CD1 HD13 sing N N 169 
ILE OXT HXT  sing N N 170 
LEU N   CA   sing N N 171 
LEU N   H    sing N N 172 
LEU N   H2   sing N N 173 
LEU CA  C    sing N N 174 
LEU CA  CB   sing N N 175 
LEU CA  HA   sing N N 176 
LEU C   O    doub N N 177 
LEU C   OXT  sing N N 178 
LEU CB  CG   sing N N 179 
LEU CB  HB2  sing N N 180 
LEU CB  HB3  sing N N 181 
LEU CG  CD1  sing N N 182 
LEU CG  CD2  sing N N 183 
LEU CG  HG   sing N N 184 
LEU CD1 HD11 sing N N 185 
LEU CD1 HD12 sing N N 186 
LEU CD1 HD13 sing N N 187 
LEU CD2 HD21 sing N N 188 
LEU CD2 HD22 sing N N 189 
LEU CD2 HD23 sing N N 190 
LEU OXT HXT  sing N N 191 
LYS N   CA   sing N N 192 
LYS N   H    sing N N 193 
LYS N   H2   sing N N 194 
LYS CA  C    sing N N 195 
LYS CA  CB   sing N N 196 
LYS CA  HA   sing N N 197 
LYS C   O    doub N N 198 
LYS C   OXT  sing N N 199 
LYS CB  CG   sing N N 200 
LYS CB  HB2  sing N N 201 
LYS CB  HB3  sing N N 202 
LYS CG  CD   sing N N 203 
LYS CG  HG2  sing N N 204 
LYS CG  HG3  sing N N 205 
LYS CD  CE   sing N N 206 
LYS CD  HD2  sing N N 207 
LYS CD  HD3  sing N N 208 
LYS CE  NZ   sing N N 209 
LYS CE  HE2  sing N N 210 
LYS CE  HE3  sing N N 211 
LYS NZ  HZ1  sing N N 212 
LYS NZ  HZ2  sing N N 213 
LYS NZ  HZ3  sing N N 214 
LYS OXT HXT  sing N N 215 
MSE N   CA   sing N N 216 
MSE N   H    sing N N 217 
MSE N   H2   sing N N 218 
MSE CA  C    sing N N 219 
MSE CA  CB   sing N N 220 
MSE CA  HA   sing N N 221 
MSE C   O    doub N N 222 
MSE C   OXT  sing N N 223 
MSE OXT HXT  sing N N 224 
MSE CB  CG   sing N N 225 
MSE CB  HB2  sing N N 226 
MSE CB  HB3  sing N N 227 
MSE CG  SE   sing N N 228 
MSE CG  HG2  sing N N 229 
MSE CG  HG3  sing N N 230 
MSE SE  CE   sing N N 231 
MSE CE  HE1  sing N N 232 
MSE CE  HE2  sing N N 233 
MSE CE  HE3  sing N N 234 
PHE N   CA   sing N N 235 
PHE N   H    sing N N 236 
PHE N   H2   sing N N 237 
PHE CA  C    sing N N 238 
PHE CA  CB   sing N N 239 
PHE CA  HA   sing N N 240 
PHE C   O    doub N N 241 
PHE C   OXT  sing N N 242 
PHE CB  CG   sing N N 243 
PHE CB  HB2  sing N N 244 
PHE CB  HB3  sing N N 245 
PHE CG  CD1  doub Y N 246 
PHE CG  CD2  sing Y N 247 
PHE CD1 CE1  sing Y N 248 
PHE CD1 HD1  sing N N 249 
PHE CD2 CE2  doub Y N 250 
PHE CD2 HD2  sing N N 251 
PHE CE1 CZ   doub Y N 252 
PHE CE1 HE1  sing N N 253 
PHE CE2 CZ   sing Y N 254 
PHE CE2 HE2  sing N N 255 
PHE CZ  HZ   sing N N 256 
PHE OXT HXT  sing N N 257 
SER N   CA   sing N N 258 
SER N   H    sing N N 259 
SER N   H2   sing N N 260 
SER CA  C    sing N N 261 
SER CA  CB   sing N N 262 
SER CA  HA   sing N N 263 
SER C   O    doub N N 264 
SER C   OXT  sing N N 265 
SER CB  OG   sing N N 266 
SER CB  HB2  sing N N 267 
SER CB  HB3  sing N N 268 
SER OG  HG   sing N N 269 
SER OXT HXT  sing N N 270 
THR N   CA   sing N N 271 
THR N   H    sing N N 272 
THR N   H2   sing N N 273 
THR CA  C    sing N N 274 
THR CA  CB   sing N N 275 
THR CA  HA   sing N N 276 
THR C   O    doub N N 277 
THR C   OXT  sing N N 278 
THR CB  OG1  sing N N 279 
THR CB  CG2  sing N N 280 
THR CB  HB   sing N N 281 
THR OG1 HG1  sing N N 282 
THR CG2 HG21 sing N N 283 
THR CG2 HG22 sing N N 284 
THR CG2 HG23 sing N N 285 
THR OXT HXT  sing N N 286 
TYR N   CA   sing N N 287 
TYR N   H    sing N N 288 
TYR N   H2   sing N N 289 
TYR CA  C    sing N N 290 
TYR CA  CB   sing N N 291 
TYR CA  HA   sing N N 292 
TYR C   O    doub N N 293 
TYR C   OXT  sing N N 294 
TYR CB  CG   sing N N 295 
TYR CB  HB2  sing N N 296 
TYR CB  HB3  sing N N 297 
TYR CG  CD1  doub Y N 298 
TYR CG  CD2  sing Y N 299 
TYR CD1 CE1  sing Y N 300 
TYR CD1 HD1  sing N N 301 
TYR CD2 CE2  doub Y N 302 
TYR CD2 HD2  sing N N 303 
TYR CE1 CZ   doub Y N 304 
TYR CE1 HE1  sing N N 305 
TYR CE2 CZ   sing Y N 306 
TYR CE2 HE2  sing N N 307 
TYR CZ  OH   sing N N 308 
TYR OH  HH   sing N N 309 
TYR OXT HXT  sing N N 310 
VAL N   CA   sing N N 311 
VAL N   H    sing N N 312 
VAL N   H2   sing N N 313 
VAL CA  C    sing N N 314 
VAL CA  CB   sing N N 315 
VAL CA  HA   sing N N 316 
VAL C   O    doub N N 317 
VAL C   OXT  sing N N 318 
VAL CB  CG1  sing N N 319 
VAL CB  CG2  sing N N 320 
VAL CB  HB   sing N N 321 
VAL CG1 HG11 sing N N 322 
VAL CG1 HG12 sing N N 323 
VAL CG1 HG13 sing N N 324 
VAL CG2 HG21 sing N N 325 
VAL CG2 HG22 sing N N 326 
VAL CG2 HG23 sing N N 327 
VAL OXT HXT  sing N N 328 
# 
_atom_sites.entry_id                    3UA0 
_atom_sites.fract_transf_matrix[1][1]   -0.01186805 
_atom_sites.fract_transf_matrix[1][2]   0.00685205 
_atom_sites.fract_transf_matrix[1][3]   0.00723186 
_atom_sites.fract_transf_matrix[2][1]   0.00268894 
_atom_sites.fract_transf_matrix[2][2]   0.01018470 
_atom_sites.fract_transf_matrix[2][3]   0.01136383 
_atom_sites.fract_transf_matrix[3][1]   0.00009726 
_atom_sites.fract_transf_matrix[3][2]   0.00356379 
_atom_sites.fract_transf_matrix[3][3]   -0.00321701 
_atom_sites.fract_transf_vector[1]      0.361930 
_atom_sites.fract_transf_vector[2]      0.477253 
_atom_sites.fract_transf_vector[3]      0.100338 
# 
loop_
_atom_type.symbol 
C  
N  
O  
SE 
# 
loop_
_atom_site.group_PDB 
_atom_site.id 
_atom_site.type_symbol 
_atom_site.label_atom_id 
_atom_site.label_alt_id 
_atom_site.label_comp_id 
_atom_site.label_asym_id 
_atom_site.label_entity_id 
_atom_site.label_seq_id 
_atom_site.pdbx_PDB_ins_code 
_atom_site.Cartn_x 
_atom_site.Cartn_y 
_atom_site.Cartn_z 
_atom_site.occupancy 
_atom_site.B_iso_or_equiv 
_atom_site.pdbx_formal_charge 
_atom_site.auth_seq_id 
_atom_site.auth_comp_id 
_atom_site.auth_asym_id 
_atom_site.auth_atom_id 
_atom_site.pdbx_PDB_model_num 
ATOM   1    N  N   . PHE A 1 34  ? 10.300  -19.799 16.866  1.00 90.03  ? 26  PHE A N   1 
ATOM   2    C  CA  . PHE A 1 34  ? 9.267   -20.841 16.769  1.00 104.37 ? 26  PHE A CA  1 
ATOM   3    C  C   . PHE A 1 34  ? 7.848   -20.272 16.587  1.00 101.82 ? 26  PHE A C   1 
ATOM   4    O  O   . PHE A 1 34  ? 7.127   -20.697 15.678  1.00 102.01 ? 26  PHE A O   1 
ATOM   5    C  CB  . PHE A 1 34  ? 9.316   -21.853 17.951  1.00 107.95 ? 26  PHE A CB  1 
ATOM   6    C  CG  . PHE A 1 34  ? 10.405  -22.911 17.824  1.00 107.58 ? 26  PHE A CG  1 
ATOM   7    C  CD1 . PHE A 1 34  ? 10.464  -23.745 16.713  1.00 107.15 ? 26  PHE A CD1 1 
ATOM   8    C  CD2 . PHE A 1 34  ? 11.366  -23.067 18.819  1.00 103.14 ? 26  PHE A CD2 1 
ATOM   9    C  CE1 . PHE A 1 34  ? 11.471  -24.699 16.591  1.00 107.94 ? 26  PHE A CE1 1 
ATOM   10   C  CE2 . PHE A 1 34  ? 12.368  -24.022 18.703  1.00 104.75 ? 26  PHE A CE2 1 
ATOM   11   C  CZ  . PHE A 1 34  ? 12.420  -24.837 17.588  1.00 105.90 ? 26  PHE A CZ  1 
ATOM   12   N  N   . ASP A 1 35  ? 7.442   -19.328 17.439  1.00 99.89  ? 27  ASP A N   1 
ATOM   13   C  CA  . ASP A 1 35  ? 6.113   -18.719 17.304  1.00 99.84  ? 27  ASP A CA  1 
ATOM   14   C  C   . ASP A 1 35  ? 5.907   -18.236 15.874  1.00 98.17  ? 27  ASP A C   1 
ATOM   15   O  O   . ASP A 1 35  ? 4.903   -18.555 15.229  1.00 95.27  ? 27  ASP A O   1 
ATOM   16   C  CB  . ASP A 1 35  ? 5.911   -17.568 18.294  1.00 99.80  ? 27  ASP A CB  1 
ATOM   17   C  CG  . ASP A 1 35  ? 5.033   -17.953 19.472  1.00 103.50 ? 27  ASP A CG  1 
ATOM   18   O  OD1 . ASP A 1 35  ? 4.134   -18.802 19.299  1.00 105.55 ? 27  ASP A OD1 1 
ATOM   19   O  OD2 . ASP A 1 35  ? 5.234   -17.399 20.572  1.00 103.24 ? 27  ASP A OD2 1 
ATOM   20   N  N   . GLU A 1 36  ? 6.874   -17.475 15.381  1.00 96.11  ? 28  GLU A N   1 
ATOM   21   C  CA  . GLU A 1 36  ? 6.870   -17.055 13.996  1.00 94.97  ? 28  GLU A CA  1 
ATOM   22   C  C   . GLU A 1 36  ? 8.278   -17.060 13.452  1.00 95.82  ? 28  GLU A C   1 
ATOM   23   O  O   . GLU A 1 36  ? 9.228   -16.729 14.161  1.00 94.26  ? 28  GLU A O   1 
ATOM   24   C  CB  . GLU A 1 36  ? 6.267   -15.661 13.868  1.00 97.38  ? 28  GLU A CB  1 
ATOM   25   C  CG  . GLU A 1 36  ? 4.754   -15.641 13.920  1.00 94.10  ? 28  GLU A CG  1 
ATOM   26   C  CD  . GLU A 1 36  ? 4.135   -16.362 12.739  1.00 94.86  ? 28  GLU A CD  1 
ATOM   27   O  OE1 . GLU A 1 36  ? 4.859   -16.631 11.744  1.00 94.18  ? 28  GLU A OE1 1 
ATOM   28   O  OE2 . GLU A 1 36  ? 2.924   -16.661 12.811  1.00 92.87  ? 28  GLU A OE2 1 
ATOM   29   N  N   . ASP A 1 37  ? 8.418   -17.444 12.190  1.00 96.66  ? 29  ASP A N   1 
ATOM   30   C  CA  . ASP A 1 37  ? 9.720   -17.346 11.548  1.00 104.19 ? 29  ASP A CA  1 
ATOM   31   C  C   . ASP A 1 37  ? 9.660   -16.750 10.143  1.00 104.34 ? 29  ASP A C   1 
ATOM   32   O  O   . ASP A 1 37  ? 9.044   -17.319 9.237   1.00 105.12 ? 29  ASP A O   1 
ATOM   33   C  CB  . ASP A 1 37  ? 10.451  -18.690 11.537  1.00 105.28 ? 29  ASP A CB  1 
ATOM   34   C  CG  . ASP A 1 37  ? 11.951  -18.522 11.355  1.00 108.43 ? 29  ASP A CG  1 
ATOM   35   O  OD1 . ASP A 1 37  ? 12.418  -17.365 11.401  1.00 108.01 ? 29  ASP A OD1 1 
ATOM   36   O  OD2 . ASP A 1 37  ? 12.661  -19.533 11.169  1.00 108.98 ? 29  ASP A OD2 1 
ATOM   37   N  N   . TYR A 1 38  ? 10.309  -15.598 9.983   1.00 103.26 ? 30  TYR A N   1 
ATOM   38   C  CA  . TYR A 1 38  ? 10.382  -14.908 8.702   1.00 106.11 ? 30  TYR A CA  1 
ATOM   39   C  C   . TYR A 1 38  ? 11.819  -14.868 8.239   1.00 108.11 ? 30  TYR A C   1 
ATOM   40   O  O   . TYR A 1 38  ? 12.209  -14.022 7.433   1.00 106.72 ? 30  TYR A O   1 
ATOM   41   C  CB  . TYR A 1 38  ? 9.862   -13.486 8.835   1.00 102.12 ? 30  TYR A CB  1 
ATOM   42   C  CG  . TYR A 1 38  ? 8.579   -13.406 9.598   1.00 94.37  ? 30  TYR A CG  1 
ATOM   43   C  CD1 . TYR A 1 38  ? 7.365   -13.622 8.969   1.00 89.37  ? 30  TYR A CD1 1 
ATOM   44   C  CD2 . TYR A 1 38  ? 8.582   -13.127 10.953  1.00 94.96  ? 30  TYR A CD2 1 
ATOM   45   C  CE1 . TYR A 1 38  ? 6.185   -13.551 9.672   1.00 89.99  ? 30  TYR A CE1 1 
ATOM   46   C  CE2 . TYR A 1 38  ? 7.411   -13.054 11.664  1.00 92.61  ? 30  TYR A CE2 1 
ATOM   47   C  CZ  . TYR A 1 38  ? 6.215   -13.265 11.021  1.00 91.96  ? 30  TYR A CZ  1 
ATOM   48   O  OH  . TYR A 1 38  ? 5.046   -13.186 11.739  1.00 94.65  ? 30  TYR A OH  1 
ATOM   49   N  N   . PHE A 1 39  ? 12.610  -15.786 8.775   1.00 110.98 ? 31  PHE A N   1 
ATOM   50   C  CA  . PHE A 1 39  ? 14.000  -15.902 8.388   1.00 113.59 ? 31  PHE A CA  1 
ATOM   51   C  C   . PHE A 1 39  ? 14.099  -16.244 6.907   1.00 120.41 ? 31  PHE A C   1 
ATOM   52   O  O   . PHE A 1 39  ? 14.993  -15.764 6.202   1.00 121.78 ? 31  PHE A O   1 
ATOM   53   C  CB  . PHE A 1 39  ? 14.700  -16.964 9.224   1.00 113.26 ? 31  PHE A CB  1 
ATOM   54   C  CG  . PHE A 1 39  ? 16.189  -16.895 9.144   1.00 117.13 ? 31  PHE A CG  1 
ATOM   55   C  CD1 . PHE A 1 39  ? 16.893  -15.976 9.906   1.00 118.26 ? 31  PHE A CD1 1 
ATOM   56   C  CD2 . PHE A 1 39  ? 16.892  -17.737 8.297   1.00 118.80 ? 31  PHE A CD2 1 
ATOM   57   C  CE1 . PHE A 1 39  ? 18.276  -15.899 9.830   1.00 120.29 ? 31  PHE A CE1 1 
ATOM   58   C  CE2 . PHE A 1 39  ? 18.275  -17.669 8.218   1.00 119.53 ? 31  PHE A CE2 1 
ATOM   59   C  CZ  . PHE A 1 39  ? 18.969  -16.748 8.986   1.00 118.65 ? 31  PHE A CZ  1 
ATOM   60   N  N   . GLY A 1 40  ? 13.168  -17.070 6.435   1.00 121.58 ? 32  GLY A N   1 
ATOM   61   C  CA  . GLY A 1 40  ? 13.121  -17.434 5.029   1.00 123.70 ? 32  GLY A CA  1 
ATOM   62   C  C   . GLY A 1 40  ? 12.559  -16.355 4.112   1.00 121.85 ? 32  GLY A C   1 
ATOM   63   O  O   . GLY A 1 40  ? 12.930  -16.282 2.939   1.00 118.50 ? 32  GLY A O   1 
ATOM   64   N  N   . SER A 1 41  ? 11.669  -15.517 4.643   1.00 120.96 ? 33  SER A N   1 
ATOM   65   C  CA  . SER A 1 41  ? 10.959  -14.532 3.826   1.00 119.10 ? 33  SER A CA  1 
ATOM   66   C  C   . SER A 1 41  ? 11.820  -13.333 3.425   1.00 118.81 ? 33  SER A C   1 
ATOM   67   O  O   . SER A 1 41  ? 12.911  -13.115 3.971   1.00 114.78 ? 33  SER A O   1 
ATOM   68   C  CB  . SER A 1 41  ? 9.687   -14.051 4.539   1.00 116.31 ? 33  SER A CB  1 
ATOM   69   O  OG  . SER A 1 41  ? 8.816   -15.135 4.825   1.00 117.90 ? 33  SER A OG  1 
ATOM   70   N  N   . ASP A 1 42  ? 11.312  -12.565 2.462   1.00 120.20 ? 34  ASP A N   1 
ATOM   71   C  CA  . ASP A 1 42  ? 11.970  -11.342 1.998   1.00 119.95 ? 34  ASP A CA  1 
ATOM   72   C  C   . ASP A 1 42  ? 11.791  -10.174 2.976   1.00 116.87 ? 34  ASP A C   1 
ATOM   73   O  O   . ASP A 1 42  ? 12.555  -9.204  2.952   1.00 117.14 ? 34  ASP A O   1 
ATOM   74   C  CB  . ASP A 1 42  ? 11.504  -10.956 0.578   1.00 123.03 ? 34  ASP A CB  1 
ATOM   75   C  CG  . ASP A 1 42  ? 10.000  -11.162 0.358   1.00 125.78 ? 34  ASP A CG  1 
ATOM   76   O  OD1 . ASP A 1 42  ? 9.480   -12.275 0.629   1.00 127.48 ? 34  ASP A OD1 1 
ATOM   77   O  OD2 . ASP A 1 42  ? 9.344   -10.208 -0.118  1.00 123.57 ? 34  ASP A OD2 1 
ATOM   78   N  N   . VAL A 1 43  ? 10.783  -10.284 3.840   1.00 115.41 ? 35  VAL A N   1 
ATOM   79   C  CA  . VAL A 1 43  ? 10.496  -9.262  4.839   1.00 110.49 ? 35  VAL A CA  1 
ATOM   80   C  C   . VAL A 1 43  ? 10.263  -9.886  6.209   1.00 108.21 ? 35  VAL A C   1 
ATOM   81   O  O   . VAL A 1 43  ? 10.345  -11.104 6.384   1.00 105.64 ? 35  VAL A O   1 
ATOM   82   C  CB  . VAL A 1 43  ? 9.228   -8.488  4.481   1.00 109.34 ? 35  VAL A CB  1 
ATOM   83   C  CG1 . VAL A 1 43  ? 9.175   -8.236  2.987   1.00 113.76 ? 35  VAL A CG1 1 
ATOM   84   C  CG2 . VAL A 1 43  ? 8.005   -9.271  4.923   1.00 106.55 ? 35  VAL A CG2 1 
ATOM   85   N  N   . THR A 1 44  ? 9.953   -9.039  7.180   1.00 106.15 ? 36  THR A N   1 
ATOM   86   C  CA  . THR A 1 44  ? 9.613   -9.516  8.509   1.00 97.47  ? 36  THR A CA  1 
ATOM   87   C  C   . THR A 1 44  ? 8.342   -8.845  9.020   1.00 93.12  ? 36  THR A C   1 
ATOM   88   O  O   . THR A 1 44  ? 8.333   -7.652  9.329   1.00 91.63  ? 36  THR A O   1 
ATOM   89   C  CB  . THR A 1 44  ? 10.773  -9.295  9.487   1.00 95.26  ? 36  THR A CB  1 
ATOM   90   O  OG1 . THR A 1 44  ? 11.792  -10.267 9.231   1.00 100.04 ? 36  THR A OG1 1 
ATOM   91   C  CG2 . THR A 1 44  ? 10.298  -9.436  10.909  1.00 92.23  ? 36  THR A CG2 1 
ATOM   92   N  N   . VAL A 1 45  ? 7.260   -9.616  9.080   1.00 90.59  ? 37  VAL A N   1 
ATOM   93   C  CA  . VAL A 1 45  ? 6.027   -9.150  9.700   1.00 88.95  ? 37  VAL A CA  1 
ATOM   94   C  C   . VAL A 1 45  ? 6.256   -8.913  11.185  1.00 84.56  ? 37  VAL A C   1 
ATOM   95   O  O   . VAL A 1 45  ? 6.570   -9.833  11.923  1.00 82.05  ? 37  VAL A O   1 
ATOM   96   C  CB  . VAL A 1 45  ? 4.880   -10.159 9.537   1.00 86.00  ? 37  VAL A CB  1 
ATOM   97   C  CG1 . VAL A 1 45  ? 3.630   -9.638  10.219  1.00 79.64  ? 37  VAL A CG1 1 
ATOM   98   C  CG2 . VAL A 1 45  ? 4.617   -10.432 8.069   1.00 85.92  ? 37  VAL A CG2 1 
ATOM   99   N  N   . GLN A 1 46  ? 6.100   -7.666  11.609  1.00 84.54  ? 38  GLN A N   1 
ATOM   100  C  CA  . GLN A 1 46  ? 6.343   -7.280  12.986  1.00 81.67  ? 38  GLN A CA  1 
ATOM   101  C  C   . GLN A 1 46  ? 5.048   -7.282  13.784  1.00 81.94  ? 38  GLN A C   1 
ATOM   102  O  O   . GLN A 1 46  ? 5.052   -7.096  15.000  1.00 83.00  ? 38  GLN A O   1 
ATOM   103  C  CB  . GLN A 1 46  ? 6.938   -5.880  13.031  1.00 80.17  ? 38  GLN A CB  1 
ATOM   104  C  CG  . GLN A 1 46  ? 8.016   -5.631  12.020  1.00 79.41  ? 38  GLN A CG  1 
ATOM   105  C  CD  . GLN A 1 46  ? 8.755   -4.362  12.325  1.00 84.21  ? 38  GLN A CD  1 
ATOM   106  O  OE1 . GLN A 1 46  ? 8.155   -3.361  12.719  1.00 83.04  ? 38  GLN A OE1 1 
ATOM   107  N  NE2 . GLN A 1 46  ? 10.068  -4.394  12.170  1.00 89.49  ? 38  GLN A NE2 1 
ATOM   108  N  N   . SER A 1 47  ? 3.935   -7.478  13.094  1.00 79.07  ? 39  SER A N   1 
ATOM   109  C  CA  . SER A 1 47  ? 2.637   -7.372  13.736  1.00 78.90  ? 39  SER A CA  1 
ATOM   110  C  C   . SER A 1 47  ? 1.546   -7.834  12.792  1.00 81.77  ? 39  SER A C   1 
ATOM   111  O  O   . SER A 1 47  ? 1.738   -7.862  11.583  1.00 84.24  ? 39  SER A O   1 
ATOM   112  C  CB  . SER A 1 47  ? 2.380   -5.930  14.176  1.00 81.74  ? 39  SER A CB  1 
ATOM   113  O  OG  . SER A 1 47  ? 1.001   -5.667  14.375  1.00 84.97  ? 39  SER A OG  1 
ATOM   114  N  N   . SER A 1 48  ? 0.414   -8.233  13.360  1.00 82.76  ? 40  SER A N   1 
ATOM   115  C  CA  . SER A 1 48  ? -0.766  -8.549  12.576  1.00 79.57  ? 40  SER A CA  1 
ATOM   116  C  C   . SER A 1 48  ? -2.031  -8.366  13.408  1.00 83.64  ? 40  SER A C   1 
ATOM   117  O  O   . SER A 1 48  ? -2.003  -8.444  14.633  1.00 84.35  ? 40  SER A O   1 
ATOM   118  C  CB  . SER A 1 48  ? -0.697  -9.957  12.005  1.00 72.62  ? 40  SER A CB  1 
ATOM   119  O  OG  . SER A 1 48  ? -1.712  -10.137 11.033  1.00 78.18  ? 40  SER A OG  1 
ATOM   120  N  N   . ASN A 1 49  ? -3.131  -8.090  12.722  1.00 82.54  ? 41  ASN A N   1 
ATOM   121  C  CA  . ASN A 1 49  ? -4.407  -7.859  13.357  1.00 79.20  ? 41  ASN A CA  1 
ATOM   122  C  C   . ASN A 1 49  ? -5.472  -8.352  12.404  1.00 81.63  ? 41  ASN A C   1 
ATOM   123  O  O   . ASN A 1 49  ? -5.220  -8.481  11.211  1.00 84.42  ? 41  ASN A O   1 
ATOM   124  C  CB  . ASN A 1 49  ? -4.595  -6.370  13.627  1.00 81.94  ? 41  ASN A CB  1 
ATOM   125  C  CG  . ASN A 1 49  ? -6.015  -6.028  14.062  1.00 90.15  ? 41  ASN A CG  1 
ATOM   126  O  OD1 . ASN A 1 49  ? -6.463  -6.426  15.151  1.00 85.18  ? 41  ASN A OD1 1 
ATOM   127  N  ND2 . ASN A 1 49  ? -6.736  -5.284  13.206  1.00 89.85  ? 41  ASN A ND2 1 
ATOM   128  N  N   . THR A 1 50  ? -6.656  -8.648  12.922  1.00 82.30  ? 42  THR A N   1 
ATOM   129  C  CA  . THR A 1 50  ? -7.767  -9.033  12.065  1.00 83.59  ? 42  THR A CA  1 
ATOM   130  C  C   . THR A 1 50  ? -9.089  -8.720  12.743  1.00 85.92  ? 42  THR A C   1 
ATOM   131  O  O   . THR A 1 50  ? -9.360  -9.184  13.841  1.00 87.79  ? 42  THR A O   1 
ATOM   132  C  CB  . THR A 1 50  ? -7.720  -10.521 11.690  1.00 79.16  ? 42  THR A CB  1 
ATOM   133  O  OG1 . THR A 1 50  ? -6.384  -10.880 11.321  1.00 78.17  ? 42  THR A OG1 1 
ATOM   134  C  CG2 . THR A 1 50  ? -8.656  -10.804 10.527  1.00 81.62  ? 42  THR A CG2 1 
ATOM   135  N  N   . THR A 1 51  ? -9.905  -7.912  12.083  1.00 89.35  ? 43  THR A N   1 
ATOM   136  C  CA  . THR A 1 51  ? -11.206 -7.567  12.615  1.00 90.62  ? 43  THR A CA  1 
ATOM   137  C  C   . THR A 1 51  ? -12.252 -7.925  11.590  1.00 92.76  ? 43  THR A C   1 
ATOM   138  O  O   . THR A 1 51  ? -11.961 -8.034  10.402  1.00 90.66  ? 43  THR A O   1 
ATOM   139  C  CB  . THR A 1 51  ? -11.311 -6.070  12.929  1.00 94.78  ? 43  THR A CB  1 
ATOM   140  O  OG1 . THR A 1 51  ? -10.178 -5.669  13.708  1.00 94.43  ? 43  THR A OG1 1 
ATOM   141  C  CG2 . THR A 1 51  ? -12.597 -5.764  13.704  1.00 95.28  ? 43  THR A CG2 1 
ATOM   142  N  N   . ASP A 1 52  ? -13.470 -8.123  12.065  1.00 96.14  ? 44  ASP A N   1 
ATOM   143  C  CA  . ASP A 1 52  ? -14.582 -8.394  11.187  1.00 95.06  ? 44  ASP A CA  1 
ATOM   144  C  C   . ASP A 1 52  ? -15.644 -7.334  11.308  1.00 94.26  ? 44  ASP A C   1 
ATOM   145  O  O   . ASP A 1 52  ? -16.027 -6.920  12.398  1.00 95.23  ? 44  ASP A O   1 
ATOM   146  C  CB  . ASP A 1 52  ? -15.159 -9.773  11.449  1.00 94.67  ? 44  ASP A CB  1 
ATOM   147  C  CG  . ASP A 1 52  ? -14.574 -10.804 10.535  1.00 100.13 ? 44  ASP A CG  1 
ATOM   148  O  OD1 . ASP A 1 52  ? -14.935 -10.791 9.339   1.00 102.41 ? 44  ASP A OD1 1 
ATOM   149  O  OD2 . ASP A 1 52  ? -13.740 -11.610 10.998  1.00 102.42 ? 44  ASP A OD2 1 
ATOM   150  N  N   . GLU A 1 53  ? -16.094 -6.876  10.158  1.00 94.04  ? 45  GLU A N   1 
ATOM   151  C  CA  . GLU A 1 53  ? -17.152 -5.907  10.109  1.00 96.49  ? 45  GLU A CA  1 
ATOM   152  C  C   . GLU A 1 53  ? -18.324 -6.630  9.522   1.00 96.84  ? 45  GLU A C   1 
ATOM   153  O  O   . GLU A 1 53  ? -18.180 -7.361  8.545   1.00 98.68  ? 45  GLU A O   1 
ATOM   154  C  CB  . GLU A 1 53  ? -16.759 -4.743  9.205   1.00 98.29  ? 45  GLU A CB  1 
ATOM   155  C  CG  . GLU A 1 53  ? -15.548 -3.992  9.699   1.00 96.88  ? 45  GLU A CG  1 
ATOM   156  C  CD  . GLU A 1 53  ? -15.725 -3.524  11.123  1.00 97.99  ? 45  GLU A CD  1 
ATOM   157  O  OE1 . GLU A 1 53  ? -15.112 -4.136  12.032  1.00 99.94  ? 45  GLU A OE1 1 
ATOM   158  O  OE2 . GLU A 1 53  ? -16.498 -2.559  11.329  1.00 96.53  ? 45  GLU A OE2 1 
ATOM   159  N  N   . ILE A 1 54  ? -19.488 -6.456  10.120  1.00 95.56  ? 46  ILE A N   1 
ATOM   160  C  CA  . ILE A 1 54  ? -20.670 -6.930  9.446   1.00 98.61  ? 46  ILE A CA  1 
ATOM   161  C  C   . ILE A 1 54  ? -21.480 -5.738  8.957   1.00 96.55  ? 46  ILE A C   1 
ATOM   162  O  O   . ILE A 1 54  ? -21.820 -4.829  9.719   1.00 95.06  ? 46  ILE A O   1 
ATOM   163  C  CB  . ILE A 1 54  ? -21.487 -7.950  10.280  1.00 97.47  ? 46  ILE A CB  1 
ATOM   164  C  CG1 . ILE A 1 54  ? -20.634 -9.189  10.574  1.00 95.32  ? 46  ILE A CG1 1 
ATOM   165  C  CG2 . ILE A 1 54  ? -22.734 -8.401  9.514   1.00 91.20  ? 46  ILE A CG2 1 
ATOM   166  C  CD1 . ILE A 1 54  ? -20.451 -10.104 9.378   1.00 93.81  ? 46  ILE A CD1 1 
ATOM   167  N  N   . ILE A 1 55  ? -21.737 -5.752  7.655   1.00 95.82  ? 47  ILE A N   1 
ATOM   168  C  CA  . ILE A 1 55  ? -22.498 -4.713  6.994   1.00 100.47 ? 47  ILE A CA  1 
ATOM   169  C  C   . ILE A 1 55  ? -23.840 -5.280  6.538   1.00 101.85 ? 47  ILE A C   1 
ATOM   170  O  O   . ILE A 1 55  ? -23.907 -6.072  5.595   1.00 102.53 ? 47  ILE A O   1 
ATOM   171  C  CB  . ILE A 1 55  ? -21.725 -4.131  5.761   1.00 101.52 ? 47  ILE A CB  1 
ATOM   172  C  CG1 . ILE A 1 55  ? -20.531 -3.279  6.199   1.00 96.03  ? 47  ILE A CG1 1 
ATOM   173  C  CG2 . ILE A 1 55  ? -22.648 -3.323  4.861   1.00 101.25 ? 47  ILE A CG2 1 
ATOM   174  C  CD1 . ILE A 1 55  ? -19.218 -4.028  6.211   1.00 98.12  ? 47  ILE A CD1 1 
ATOM   175  N  N   . ARG A 1 56  ? -24.905 -4.900  7.237   1.00 102.64 ? 48  ARG A N   1 
ATOM   176  C  CA  . ARG A 1 56  ? -26.254 -5.064  6.716   1.00 105.03 ? 48  ARG A CA  1 
ATOM   177  C  C   . ARG A 1 56  ? -26.416 -3.784  5.914   1.00 108.16 ? 48  ARG A C   1 
ATOM   178  O  O   . ARG A 1 56  ? -26.039 -2.709  6.388   1.00 107.56 ? 48  ARG A O   1 
ATOM   179  C  CB  . ARG A 1 56  ? -27.266 -5.117  7.868   1.00 103.94 ? 48  ARG A CB  1 
ATOM   180  C  CG  . ARG A 1 56  ? -28.529 -5.986  7.663   1.00 105.73 ? 48  ARG A CG  1 
ATOM   181  C  CD  . ARG A 1 56  ? -29.159 -6.292  9.045   1.00 109.98 ? 48  ARG A CD  1 
ATOM   182  N  NE  . ARG A 1 56  ? -30.554 -6.754  9.041   1.00 110.29 ? 48  ARG A NE  1 
ATOM   183  C  CZ  . ARG A 1 56  ? -31.328 -6.792  10.131  1.00 108.14 ? 48  ARG A CZ  1 
ATOM   184  N  NH1 . ARG A 1 56  ? -30.849 -6.382  11.304  1.00 103.01 ? 48  ARG A NH1 1 
ATOM   185  N  NH2 . ARG A 1 56  ? -32.586 -7.223  10.054  1.00 105.16 ? 48  ARG A NH2 1 
ATOM   186  N  N   . ASP A 1 57  ? -26.925 -3.875  4.690   1.00 109.32 ? 49  ASP A N   1 
ATOM   187  C  CA  . ASP A 1 57  ? -27.084 -2.659  3.893   1.00 107.21 ? 49  ASP A CA  1 
ATOM   188  C  C   . ASP A 1 57  ? -28.538 -2.212  3.779   1.00 109.48 ? 49  ASP A C   1 
ATOM   189  O  O   . ASP A 1 57  ? -29.400 -2.636  4.556   1.00 108.53 ? 49  ASP A O   1 
ATOM   190  C  CB  . ASP A 1 57  ? -26.411 -2.788  2.514   1.00 105.02 ? 49  ASP A CB  1 
ATOM   191  C  CG  . ASP A 1 57  ? -27.156 -3.717  1.562   1.00 108.56 ? 49  ASP A CG  1 
ATOM   192  O  OD1 . ASP A 1 57  ? -28.394 -3.653  1.486   1.00 108.26 ? 49  ASP A OD1 1 
ATOM   193  O  OD2 . ASP A 1 57  ? -26.493 -4.503  0.855   1.00 108.29 ? 49  ASP A OD2 1 
ATOM   194  N  N   . ALA A 1 58  ? -28.796 -1.338  2.814   1.00 112.27 ? 50  ALA A N   1 
ATOM   195  C  CA  . ALA A 1 58  ? -30.139 -0.831  2.562   1.00 113.58 ? 50  ALA A CA  1 
ATOM   196  C  C   . ALA A 1 58  ? -31.130 -1.961  2.259   1.00 115.41 ? 50  ALA A C   1 
ATOM   197  O  O   . ALA A 1 58  ? -32.321 -1.839  2.549   1.00 115.04 ? 50  ALA A O   1 
ATOM   198  C  CB  . ALA A 1 58  ? -30.111 0.179   1.423   1.00 110.74 ? 50  ALA A CB  1 
ATOM   199  N  N   . SER A 1 59  ? -30.629 -3.051  1.680   1.00 113.78 ? 51  SER A N   1 
ATOM   200  C  CA  . SER A 1 59  ? -31.442 -4.224  1.342   1.00 114.52 ? 51  SER A CA  1 
ATOM   201  C  C   . SER A 1 59  ? -31.348 -5.306  2.427   1.00 117.52 ? 51  SER A C   1 
ATOM   202  O  O   . SER A 1 59  ? -31.659 -6.482  2.181   1.00 116.17 ? 51  SER A O   1 
ATOM   203  C  CB  . SER A 1 59  ? -30.986 -4.818  0.007   1.00 112.90 ? 51  SER A CB  1 
ATOM   204  O  OG  . SER A 1 59  ? -30.467 -3.819  -0.853  1.00 115.98 ? 51  SER A OG  1 
ATOM   205  N  N   . GLY A 1 60  ? -30.908 -4.907  3.619   1.00 113.98 ? 52  GLY A N   1 
ATOM   206  C  CA  . GLY A 1 60  ? -30.693 -5.841  4.706   1.00 112.09 ? 52  GLY A CA  1 
ATOM   207  C  C   . GLY A 1 60  ? -29.641 -6.869  4.344   1.00 111.04 ? 52  GLY A C   1 
ATOM   208  O  O   . GLY A 1 60  ? -29.261 -7.695  5.179   1.00 113.52 ? 52  GLY A O   1 
ATOM   209  N  N   . ALA A 1 61  ? -29.181 -6.821  3.095   1.00 106.30 ? 53  ALA A N   1 
ATOM   210  C  CA  . ALA A 1 61  ? -28.151 -7.729  2.623   1.00 106.72 ? 53  ALA A CA  1 
ATOM   211  C  C   . ALA A 1 61  ? -26.944 -7.611  3.539   1.00 104.76 ? 53  ALA A C   1 
ATOM   212  O  O   . ALA A 1 61  ? -26.597 -6.519  3.996   1.00 100.41 ? 53  ALA A O   1 
ATOM   213  C  CB  . ALA A 1 61  ? -27.779 -7.419  1.193   1.00 106.61 ? 53  ALA A CB  1 
ATOM   214  N  N   . VAL A 1 62  ? -26.319 -8.745  3.821   1.00 103.30 ? 54  VAL A N   1 
ATOM   215  C  CA  . VAL A 1 62  ? -25.305 -8.796  4.860   1.00 101.12 ? 54  VAL A CA  1 
ATOM   216  C  C   . VAL A 1 62  ? -23.923 -9.068  4.283   1.00 99.27  ? 54  VAL A C   1 
ATOM   217  O  O   . VAL A 1 62  ? -23.747 -9.971  3.469   1.00 99.29  ? 54  VAL A O   1 
ATOM   218  C  CB  . VAL A 1 62  ? -25.674 -9.839  5.935   1.00 99.25  ? 54  VAL A CB  1 
ATOM   219  C  CG1 . VAL A 1 62  ? -24.622 -9.887  7.036   1.00 94.21  ? 54  VAL A CG1 1 
ATOM   220  C  CG2 . VAL A 1 62  ? -27.041 -9.519  6.505   1.00 95.57  ? 54  VAL A CG2 1 
ATOM   221  N  N   . ILE A 1 63  ? -22.949 -8.271  4.715   1.00 96.32  ? 55  ILE A N   1 
ATOM   222  C  CA  . ILE A 1 63  ? -21.590 -8.346  4.201   1.00 99.87  ? 55  ILE A CA  1 
ATOM   223  C  C   . ILE A 1 63  ? -20.615 -8.520  5.344   1.00 96.97  ? 55  ILE A C   1 
ATOM   224  O  O   . ILE A 1 63  ? -20.622 -7.743  6.292   1.00 95.66  ? 55  ILE A O   1 
ATOM   225  C  CB  . ILE A 1 63  ? -21.205 -7.044  3.437   1.00 101.63 ? 55  ILE A CB  1 
ATOM   226  C  CG1 . ILE A 1 63  ? -21.979 -6.943  2.123   1.00 98.45  ? 55  ILE A CG1 1 
ATOM   227  C  CG2 . ILE A 1 63  ? -19.694 -6.964  3.183   1.00 97.38  ? 55  ILE A CG2 1 
ATOM   228  C  CD1 . ILE A 1 63  ? -22.331 -5.533  1.757   1.00 99.69  ? 55  ILE A CD1 1 
ATOM   229  N  N   . GLU A 1 64  ? -19.767 -9.536  5.255   1.00 96.56  ? 56  GLU A N   1 
ATOM   230  C  CA  . GLU A 1 64  ? -18.654 -9.624  6.178   1.00 98.89  ? 56  GLU A CA  1 
ATOM   231  C  C   . GLU A 1 64  ? -17.417 -8.969  5.568   1.00 100.97 ? 56  GLU A C   1 
ATOM   232  O  O   . GLU A 1 64  ? -17.075 -9.199  4.407   1.00 100.05 ? 56  GLU A O   1 
ATOM   233  C  CB  . GLU A 1 64  ? -18.358 -11.070 6.558   1.00 99.95  ? 56  GLU A CB  1 
ATOM   234  C  CG  . GLU A 1 64  ? -17.484 -11.208 7.800   1.00 100.75 ? 56  GLU A CG  1 
ATOM   235  C  CD  . GLU A 1 64  ? -17.072 -12.650 8.067   1.00 111.53 ? 56  GLU A CD  1 
ATOM   236  O  OE1 . GLU A 1 64  ? -16.903 -13.404 7.084   1.00 115.51 ? 56  GLU A OE1 1 
ATOM   237  O  OE2 . GLU A 1 64  ? -16.915 -13.035 9.250   1.00 112.18 ? 56  GLU A OE2 1 
ATOM   238  N  N   . GLU A 1 65  ? -16.752 -8.145  6.362   1.00 98.45  ? 57  GLU A N   1 
ATOM   239  C  CA  . GLU A 1 65  ? -15.508 -7.543  5.944   1.00 97.24  ? 57  GLU A CA  1 
ATOM   240  C  C   . GLU A 1 65  ? -14.413 -7.861  6.941   1.00 96.37  ? 57  GLU A C   1 
ATOM   241  O  O   . GLU A 1 65  ? -14.407 -7.327  8.048   1.00 95.46  ? 57  GLU A O   1 
ATOM   242  C  CB  . GLU A 1 65  ? -15.673 -6.038  5.852   1.00 99.35  ? 57  GLU A CB  1 
ATOM   243  C  CG  . GLU A 1 65  ? -16.696 -5.611  4.845   1.00 101.43 ? 57  GLU A CG  1 
ATOM   244  C  CD  . GLU A 1 65  ? -16.269 -4.348  4.161   1.00 101.38 ? 57  GLU A CD  1 
ATOM   245  O  OE1 . GLU A 1 65  ? -15.051 -4.083  4.157   1.00 98.15  ? 57  GLU A OE1 1 
ATOM   246  O  OE2 . GLU A 1 65  ? -17.136 -3.629  3.629   1.00 104.01 ? 57  GLU A OE2 1 
ATOM   247  N  N   . GLN A 1 66  ? -13.487 -8.730  6.553   1.00 95.47  ? 58  GLN A N   1 
ATOM   248  C  CA  . GLN A 1 66  ? -12.349 -9.005  7.414   1.00 95.91  ? 58  GLN A CA  1 
ATOM   249  C  C   . GLN A 1 66  ? -11.124 -8.198  7.034   1.00 91.54  ? 58  GLN A C   1 
ATOM   250  O  O   . GLN A 1 66  ? -10.678 -8.193  5.888   1.00 90.11  ? 58  GLN A O   1 
ATOM   251  C  CB  . GLN A 1 66  ? -12.025 -10.493 7.510   1.00 95.40  ? 58  GLN A CB  1 
ATOM   252  C  CG  . GLN A 1 66  ? -12.323 -11.291 6.283   1.00 100.09 ? 58  GLN A CG  1 
ATOM   253  C  CD  . GLN A 1 66  ? -12.016 -12.750 6.503   1.00 107.37 ? 58  GLN A CD  1 
ATOM   254  O  OE1 . GLN A 1 66  ? -12.765 -13.634 6.077   1.00 112.23 ? 58  GLN A OE1 1 
ATOM   255  N  NE2 . GLN A 1 66  ? -10.912 -13.016 7.196   1.00 103.86 ? 58  GLN A NE2 1 
ATOM   256  N  N   . ILE A 1 67  ? -10.582 -7.536  8.042   1.00 88.17  ? 59  ILE A N   1 
ATOM   257  C  CA  . ILE A 1 67  ? -9.571  -6.530  7.845   1.00 86.77  ? 59  ILE A CA  1 
ATOM   258  C  C   . ILE A 1 67  ? -8.289  -6.886  8.584   1.00 85.21  ? 59  ILE A C   1 
ATOM   259  O  O   . ILE A 1 67  ? -8.134  -6.626  9.782   1.00 84.49  ? 59  ILE A O   1 
ATOM   260  C  CB  . ILE A 1 67  ? -10.118 -5.162  8.271   1.00 86.70  ? 59  ILE A CB  1 
ATOM   261  C  CG1 . ILE A 1 67  ? -11.283 -4.787  7.352   1.00 86.88  ? 59  ILE A CG1 1 
ATOM   262  C  CG2 . ILE A 1 67  ? -9.024  -4.108  8.236   1.00 82.27  ? 59  ILE A CG2 1 
ATOM   263  C  CD1 . ILE A 1 67  ? -12.582 -4.542  8.063   1.00 88.86  ? 59  ILE A CD1 1 
ATOM   264  N  N   . THR A 1 68  ? -7.376  -7.502  7.840   1.00 83.63  ? 60  THR A N   1 
ATOM   265  C  CA  . THR A 1 68  ? -6.034  -7.781  8.322   1.00 82.09  ? 60  THR A CA  1 
ATOM   266  C  C   . THR A 1 68  ? -5.155  -6.549  8.124   1.00 81.10  ? 60  THR A C   1 
ATOM   267  O  O   . THR A 1 68  ? -5.142  -5.948  7.051   1.00 77.90  ? 60  THR A O   1 
ATOM   268  C  CB  . THR A 1 68  ? -5.395  -8.955  7.555   1.00 81.10  ? 60  THR A CB  1 
ATOM   269  O  OG1 . THR A 1 68  ? -6.401  -9.918  7.205   1.00 82.14  ? 60  THR A OG1 1 
ATOM   270  C  CG2 . THR A 1 68  ? -4.285  -9.606  8.380   1.00 74.38  ? 60  THR A CG2 1 
ATOM   271  N  N   . THR A 1 69  ? -4.420  -6.186  9.168   1.00 80.04  ? 61  THR A N   1 
ATOM   272  C  CA  . THR A 1 69  ? -3.523  -5.048  9.118   1.00 76.50  ? 61  THR A CA  1 
ATOM   273  C  C   . THR A 1 69  ? -2.133  -5.460  9.597   1.00 78.23  ? 61  THR A C   1 
ATOM   274  O  O   . THR A 1 69  ? -1.902  -5.647  10.790  1.00 79.50  ? 61  THR A O   1 
ATOM   275  C  CB  . THR A 1 69  ? -4.060  -3.903  9.976   1.00 79.06  ? 61  THR A CB  1 
ATOM   276  O  OG1 . THR A 1 69  ? -5.466  -3.766  9.747   1.00 85.40  ? 61  THR A OG1 1 
ATOM   277  C  CG2 . THR A 1 69  ? -3.366  -2.595  9.638   1.00 75.52  ? 61  THR A CG2 1 
ATOM   278  N  N   . LYS A 1 70  ? -1.212  -5.611  8.649   1.00 80.30  ? 62  LYS A N   1 
ATOM   279  C  CA  . LYS A 1 70  ? 0.151   -6.027  8.950   1.00 79.25  ? 62  LYS A CA  1 
ATOM   280  C  C   . LYS A 1 70  ? 1.132   -4.845  8.901   1.00 79.31  ? 62  LYS A C   1 
ATOM   281  O  O   . LYS A 1 70  ? 0.988   -3.926  8.097   1.00 74.64  ? 62  LYS A O   1 
ATOM   282  C  CB  . LYS A 1 70  ? 0.616   -7.120  7.978   1.00 77.43  ? 62  LYS A CB  1 
ATOM   283  C  CG  . LYS A 1 70  ? -0.486  -7.978  7.375   1.00 77.10  ? 62  LYS A CG  1 
ATOM   284  C  CD  . LYS A 1 70  ? 0.101   -9.059  6.465   1.00 83.18  ? 62  LYS A CD  1 
ATOM   285  C  CE  . LYS A 1 70  ? -0.962  -9.738  5.597   1.00 84.35  ? 62  LYS A CE  1 
ATOM   286  N  NZ  . LYS A 1 70  ? -0.353  -10.663 4.578   1.00 85.97  ? 62  LYS A NZ  1 
ATOM   287  N  N   . LYS A 1 71  ? 2.120   -4.887  9.790   1.00 82.58  ? 63  LYS A N   1 
ATOM   288  C  CA  . LYS A 1 71  ? 3.254   -3.982  9.755   1.00 80.38  ? 63  LYS A CA  1 
ATOM   289  C  C   . LYS A 1 71  ? 4.511   -4.824  9.637   1.00 84.50  ? 63  LYS A C   1 
ATOM   290  O  O   . LYS A 1 71  ? 4.799   -5.639  10.509  1.00 81.14  ? 63  LYS A O   1 
ATOM   291  C  CB  . LYS A 1 71  ? 3.329   -3.163  11.030  1.00 77.01  ? 63  LYS A CB  1 
ATOM   292  C  CG  . LYS A 1 71  ? 4.709   -2.615  11.297  1.00 81.22  ? 63  LYS A CG  1 
ATOM   293  C  CD  . LYS A 1 71  ? 4.894   -1.267  10.631  1.00 80.65  ? 63  LYS A CD  1 
ATOM   294  C  CE  . LYS A 1 71  ? 6.342   -0.810  10.689  1.00 85.12  ? 63  LYS A CE  1 
ATOM   295  N  NZ  . LYS A 1 71  ? 7.175   -1.460  9.634   1.00 86.99  ? 63  LYS A NZ  1 
HETATM 296  N  N   . MSE A 1 72  ? 5.252   -4.625  8.550   1.00 86.21  ? 64  MSE A N   1 
HETATM 297  C  CA  . MSE A 1 72  ? 6.440   -5.412  8.263   1.00 86.83  ? 64  MSE A CA  1 
HETATM 298  C  C   . MSE A 1 72  ? 7.573   -4.447  8.001   1.00 85.27  ? 64  MSE A C   1 
HETATM 299  O  O   . MSE A 1 72  ? 7.336   -3.355  7.532   1.00 84.87  ? 64  MSE A O   1 
HETATM 300  C  CB  . MSE A 1 72  ? 6.193   -6.283  7.037   1.00 90.84  ? 64  MSE A CB  1 
HETATM 301  C  CG  . MSE A 1 72  ? 4.797   -6.892  7.025   1.00 92.73  ? 64  MSE A CG  1 
HETATM 302  SE SE  . MSE A 1 72  ? 4.025   -7.152  5.242   1.00 119.68 ? 64  MSE A SE  1 
HETATM 303  C  CE  . MSE A 1 72  ? 4.603   -8.983  4.903   1.00 103.79 ? 64  MSE A CE  1 
ATOM   304  N  N   . GLN A 1 73  ? 8.799   -4.836  8.328   1.00 92.38  ? 65  GLN A N   1 
ATOM   305  C  CA  . GLN A 1 73  ? 9.964   -3.991  8.064   1.00 95.25  ? 65  GLN A CA  1 
ATOM   306  C  C   . GLN A 1 73  ? 11.046  -4.869  7.407   1.00 102.58 ? 65  GLN A C   1 
ATOM   307  O  O   . GLN A 1 73  ? 11.291  -5.989  7.865   1.00 99.41  ? 65  GLN A O   1 
ATOM   308  C  CB  . GLN A 1 73  ? 10.456  -3.284  9.359   1.00 90.89  ? 65  GLN A CB  1 
ATOM   309  C  CG  . GLN A 1 73  ? 10.995  -1.820  9.158   1.00 96.14  ? 65  GLN A CG  1 
ATOM   310  C  CD  . GLN A 1 73  ? 10.700  -0.823  10.324  1.00 94.39  ? 65  GLN A CD  1 
ATOM   311  O  OE1 . GLN A 1 73  ? 9.618   -0.814  10.906  1.00 92.05  ? 65  GLN A OE1 1 
ATOM   312  N  NE2 . GLN A 1 73  ? 11.668  0.036   10.627  1.00 89.71  ? 65  GLN A NE2 1 
ATOM   313  N  N   . ARG A 1 74  ? 11.616  -4.382  6.295   1.00 107.13 ? 66  ARG A N   1 
ATOM   314  C  CA  . ARG A 1 74  ? 12.803  -4.964  5.639   1.00 109.55 ? 66  ARG A CA  1 
ATOM   315  C  C   . ARG A 1 74  ? 12.778  -5.055  4.105   1.00 113.00 ? 66  ARG A C   1 
ATOM   316  O  O   . ARG A 1 74  ? 11.761  -5.369  3.478   1.00 110.11 ? 66  ARG A O   1 
ATOM   317  C  CB  . ARG A 1 74  ? 13.188  -6.322  6.240   1.00 115.85 ? 66  ARG A CB  1 
ATOM   318  C  CG  . ARG A 1 74  ? 13.992  -7.191  5.301   1.00 119.85 ? 66  ARG A CG  1 
ATOM   319  C  CD  . ARG A 1 74  ? 15.121  -7.918  6.013   1.00 120.07 ? 66  ARG A CD  1 
ATOM   320  N  NE  . ARG A 1 74  ? 16.020  -8.532  5.039   1.00 120.52 ? 66  ARG A NE  1 
ATOM   321  C  CZ  . ARG A 1 74  ? 16.784  -7.842  4.193   1.00 127.97 ? 66  ARG A CZ  1 
ATOM   322  N  NH1 . ARG A 1 74  ? 16.764  -6.514  4.202   1.00 124.05 ? 66  ARG A NH1 1 
ATOM   323  N  NH2 . ARG A 1 74  ? 17.571  -8.476  3.331   1.00 131.63 ? 66  ARG A NH2 1 
ATOM   324  N  N   . LYS A 1 75  ? 13.934  -4.753  3.528   1.00 120.05 ? 67  LYS A N   1 
ATOM   325  C  CA  . LYS A 1 75  ? 14.220  -4.974  2.119   1.00 124.16 ? 67  LYS A CA  1 
ATOM   326  C  C   . LYS A 1 75  ? 15.718  -4.752  1.982   1.00 128.59 ? 67  LYS A C   1 
ATOM   327  O  O   . LYS A 1 75  ? 16.417  -5.489  1.277   1.00 130.44 ? 67  LYS A O   1 
ATOM   328  C  CB  . LYS A 1 75  ? 13.474  -3.979  1.238   1.00 117.10 ? 67  LYS A CB  1 
ATOM   329  C  CG  . LYS A 1 75  ? 13.872  -4.069  -0.231  1.00 118.64 ? 67  LYS A CG  1 
ATOM   330  C  CD  . LYS A 1 75  ? 14.130  -2.693  -0.834  1.00 119.70 ? 67  LYS A CD  1 
ATOM   331  C  CE  . LYS A 1 75  ? 15.377  -2.045  -0.241  1.00 118.99 ? 67  LYS A CE  1 
ATOM   332  N  NZ  . LYS A 1 75  ? 16.632  -2.771  -0.595  1.00 120.23 ? 67  LYS A NZ  1 
ATOM   333  N  N   . ASN A 1 76  ? 16.183  -3.725  2.691   1.00 125.93 ? 68  ASN A N   1 
ATOM   334  C  CA  . ASN A 1 76  ? 17.585  -3.327  2.751   1.00 126.30 ? 68  ASN A CA  1 
ATOM   335  C  C   . ASN A 1 76  ? 18.429  -3.714  1.532   1.00 126.48 ? 68  ASN A C   1 
ATOM   336  O  O   . ASN A 1 76  ? 18.917  -2.842  0.805   1.00 121.35 ? 68  ASN A O   1 
ATOM   337  C  CB  . ASN A 1 76  ? 18.212  -3.832  4.051   1.00 125.02 ? 68  ASN A CB  1 
ATOM   338  C  CG  . ASN A 1 76  ? 19.137  -2.809  4.675   1.00 126.36 ? 68  ASN A CG  1 
ATOM   339  O  OD1 . ASN A 1 76  ? 19.730  -1.990  3.976   1.00 125.42 ? 68  ASN A OD1 1 
ATOM   340  N  ND2 . ASN A 1 76  ? 19.259  -2.851  5.998   1.00 126.32 ? 68  ASN A ND2 1 
ATOM   341  N  N   . ILE A 1 81  ? 18.607  4.431   -6.665  1.00 132.25 ? 73  ILE A N   1 
ATOM   342  C  CA  . ILE A 1 81  ? 18.413  4.580   -5.228  1.00 133.10 ? 73  ILE A CA  1 
ATOM   343  C  C   . ILE A 1 81  ? 19.016  5.885   -4.698  1.00 130.52 ? 73  ILE A C   1 
ATOM   344  O  O   . ILE A 1 81  ? 19.834  5.868   -3.776  1.00 132.43 ? 73  ILE A O   1 
ATOM   345  C  CB  . ILE A 1 81  ? 18.970  3.359   -4.426  1.00 134.41 ? 73  ILE A CB  1 
ATOM   346  C  CG1 . ILE A 1 81  ? 20.488  3.216   -4.599  1.00 137.22 ? 73  ILE A CG1 1 
ATOM   347  C  CG2 . ILE A 1 81  ? 18.269  2.073   -4.844  1.00 129.98 ? 73  ILE A CG2 1 
ATOM   348  C  CD1 . ILE A 1 81  ? 20.914  2.561   -5.905  1.00 136.99 ? 73  ILE A CD1 1 
ATOM   349  N  N   . LEU A 1 82  ? 18.615  7.013   -5.282  1.00 127.78 ? 74  LEU A N   1 
ATOM   350  C  CA  . LEU A 1 82  ? 19.043  8.308   -4.758  1.00 126.25 ? 74  LEU A CA  1 
ATOM   351  C  C   . LEU A 1 82  ? 18.778  8.318   -3.256  1.00 123.92 ? 74  LEU A C   1 
ATOM   352  O  O   . LEU A 1 82  ? 17.701  7.922   -2.801  1.00 121.90 ? 74  LEU A O   1 
ATOM   353  C  CB  . LEU A 1 82  ? 18.336  9.484   -5.461  1.00 124.80 ? 74  LEU A CB  1 
ATOM   354  C  CG  . LEU A 1 82  ? 18.995  10.148  -6.688  1.00 128.08 ? 74  LEU A CG  1 
ATOM   355  C  CD1 . LEU A 1 82  ? 18.219  11.387  -7.166  1.00 122.01 ? 74  LEU A CD1 1 
ATOM   356  C  CD2 . LEU A 1 82  ? 20.459  10.511  -6.414  1.00 123.76 ? 74  LEU A CD2 1 
ATOM   357  N  N   . GLY A 1 83  ? 19.781  8.729   -2.491  1.00 122.97 ? 75  GLY A N   1 
ATOM   358  C  CA  . GLY A 1 83  ? 19.659  8.792   -1.048  1.00 122.79 ? 75  GLY A CA  1 
ATOM   359  C  C   . GLY A 1 83  ? 19.794  10.219  -0.555  1.00 122.93 ? 75  GLY A C   1 
ATOM   360  O  O   . GLY A 1 83  ? 18.924  11.058  -0.799  1.00 119.49 ? 75  GLY A O   1 
ATOM   361  N  N   . LYS A 1 84  ? 20.893  10.489  0.141   1.00 124.92 ? 76  LYS A N   1 
ATOM   362  C  CA  . LYS A 1 84  ? 21.203  11.829  0.632   1.00 124.38 ? 76  LYS A CA  1 
ATOM   363  C  C   . LYS A 1 84  ? 20.078  12.399  1.502   1.00 123.66 ? 76  LYS A C   1 
ATOM   364  O  O   . LYS A 1 84  ? 20.005  12.136  2.705   1.00 122.50 ? 76  LYS A O   1 
ATOM   365  C  CB  . LYS A 1 84  ? 21.491  12.789  -0.538  1.00 125.88 ? 76  LYS A CB  1 
ATOM   366  C  CG  . LYS A 1 84  ? 22.325  12.208  -1.684  1.00 122.73 ? 76  LYS A CG  1 
ATOM   367  C  CD  . LYS A 1 84  ? 22.351  13.171  -2.857  1.00 122.86 ? 76  LYS A CD  1 
ATOM   368  C  CE  . LYS A 1 84  ? 22.326  12.437  -4.180  1.00 120.46 ? 76  LYS A CE  1 
ATOM   369  N  NZ  . LYS A 1 84  ? 21.706  13.294  -5.226  1.00 119.30 ? 76  LYS A NZ  1 
ATOM   370  N  N   . ASN A 1 85  ? 19.207  13.180  0.869   1.00 125.71 ? 77  ASN A N   1 
ATOM   371  C  CA  . ASN A 1 85  ? 18.153  13.928  1.550   1.00 122.30 ? 77  ASN A CA  1 
ATOM   372  C  C   . ASN A 1 85  ? 16.762  13.461  1.133   1.00 119.07 ? 77  ASN A C   1 
ATOM   373  O  O   . ASN A 1 85  ? 15.801  14.234  1.173   1.00 116.99 ? 77  ASN A O   1 
ATOM   374  C  CB  . ASN A 1 85  ? 18.306  15.427  1.248   1.00 120.49 ? 77  ASN A CB  1 
ATOM   375  C  CG  . ASN A 1 85  ? 18.682  15.708  -0.220  1.00 122.27 ? 77  ASN A CG  1 
ATOM   376  O  OD1 . ASN A 1 85  ? 18.390  14.914  -1.119  1.00 119.42 ? 77  ASN A OD1 1 
ATOM   377  N  ND2 . ASN A 1 85  ? 19.331  16.848  -0.456  1.00 126.94 ? 77  ASN A ND2 1 
ATOM   378  N  N   . GLU A 1 86  ? 16.662  12.192  0.741   1.00 116.58 ? 78  GLU A N   1 
ATOM   379  C  CA  . GLU A 1 86  ? 15.463  11.690  0.077   1.00 112.23 ? 78  GLU A CA  1 
ATOM   380  C  C   . GLU A 1 86  ? 14.728  10.587  0.849   1.00 110.60 ? 78  GLU A C   1 
ATOM   381  O  O   . GLU A 1 86  ? 15.297  9.934   1.728   1.00 110.04 ? 78  GLU A O   1 
ATOM   382  C  CB  . GLU A 1 86  ? 15.814  11.241  -1.348  1.00 112.79 ? 78  GLU A CB  1 
ATOM   383  C  CG  . GLU A 1 86  ? 16.139  12.414  -2.286  1.00 117.44 ? 78  GLU A CG  1 
ATOM   384  C  CD  . GLU A 1 86  ? 17.085  12.050  -3.422  1.00 118.17 ? 78  GLU A CD  1 
ATOM   385  O  OE1 . GLU A 1 86  ? 18.001  11.229  -3.204  1.00 118.44 ? 78  GLU A OE1 1 
ATOM   386  O  OE2 . GLU A 1 86  ? 16.921  12.603  -4.530  1.00 117.00 ? 78  GLU A OE2 1 
ATOM   387  N  N   . LYS A 1 87  ? 13.451  10.408  0.520   1.00 107.21 ? 79  LYS A N   1 
ATOM   388  C  CA  . LYS A 1 87  ? 12.618  9.372   1.119   1.00 99.52  ? 79  LYS A CA  1 
ATOM   389  C  C   . LYS A 1 87  ? 11.503  8.967   0.145   1.00 96.16  ? 79  LYS A C   1 
ATOM   390  O  O   . LYS A 1 87  ? 10.791  9.821   -0.381  1.00 94.93  ? 79  LYS A O   1 
ATOM   391  C  CB  . LYS A 1 87  ? 12.032  9.855   2.455   1.00 98.26  ? 79  LYS A CB  1 
ATOM   392  C  CG  . LYS A 1 87  ? 11.212  8.797   3.208   1.00 100.31 ? 79  LYS A CG  1 
ATOM   393  C  CD  . LYS A 1 87  ? 10.655  9.314   4.536   1.00 96.77  ? 79  LYS A CD  1 
ATOM   394  C  CE  . LYS A 1 87  ? 11.738  9.407   5.613   1.00 97.31  ? 79  LYS A CE  1 
ATOM   395  N  NZ  . LYS A 1 87  ? 11.204  9.989   6.885   1.00 97.56  ? 79  LYS A NZ  1 
HETATM 396  N  N   . MSE A 1 88  ? 11.362  7.668   -0.105  1.00 96.36  ? 80  MSE A N   1 
HETATM 397  C  CA  . MSE A 1 88  ? 10.296  7.173   -0.972  1.00 93.78  ? 80  MSE A CA  1 
HETATM 398  C  C   . MSE A 1 88  ? 9.056   6.709   -0.225  1.00 88.04  ? 80  MSE A C   1 
HETATM 399  O  O   . MSE A 1 88  ? 9.135   6.015   0.775   1.00 87.83  ? 80  MSE A O   1 
HETATM 400  C  CB  . MSE A 1 88  ? 10.784  6.061   -1.904  1.00 94.18  ? 80  MSE A CB  1 
HETATM 401  C  CG  . MSE A 1 88  ? 10.901  6.495   -3.374  1.00 100.56 ? 80  MSE A CG  1 
HETATM 402  SE SE  . MSE A 1 88  ? 9.292   7.343   -4.166  1.00 119.82 ? 80  MSE A SE  1 
HETATM 403  C  CE  . MSE A 1 88  ? 9.867   7.394   -6.035  1.00 108.06 ? 80  MSE A CE  1 
ATOM   404  N  N   . ILE A 1 89  ? 7.907   7.114   -0.740  1.00 83.75  ? 81  ILE A N   1 
ATOM   405  C  CA  . ILE A 1 89  ? 6.641   6.717   -0.188  1.00 84.08  ? 81  ILE A CA  1 
ATOM   406  C  C   . ILE A 1 89  ? 5.703   6.324   -1.329  1.00 84.59  ? 81  ILE A C   1 
ATOM   407  O  O   . ILE A 1 89  ? 4.941   7.134   -1.865  1.00 82.38  ? 81  ILE A O   1 
ATOM   408  C  CB  . ILE A 1 89  ? 6.028   7.822   0.708   1.00 84.31  ? 81  ILE A CB  1 
ATOM   409  C  CG1 . ILE A 1 89  ? 7.027   8.274   1.771   1.00 84.40  ? 81  ILE A CG1 1 
ATOM   410  C  CG2 . ILE A 1 89  ? 4.757   7.337   1.394   1.00 80.00  ? 81  ILE A CG2 1 
ATOM   411  C  CD1 . ILE A 1 89  ? 6.401   9.129   2.854   1.00 82.28  ? 81  ILE A CD1 1 
ATOM   412  N  N   . LYS A 1 90  ? 5.781   5.052   -1.692  1.00 85.64  ? 82  LYS A N   1 
ATOM   413  C  CA  . LYS A 1 90  ? 4.830   4.454   -2.604  1.00 84.94  ? 82  LYS A CA  1 
ATOM   414  C  C   . LYS A 1 90  ? 3.577   4.004   -1.834  1.00 82.71  ? 82  LYS A C   1 
ATOM   415  O  O   . LYS A 1 90  ? 3.669   3.481   -0.724  1.00 77.50  ? 82  LYS A O   1 
ATOM   416  C  CB  . LYS A 1 90  ? 5.497   3.285   -3.320  1.00 87.40  ? 82  LYS A CB  1 
ATOM   417  C  CG  . LYS A 1 90  ? 6.974   3.549   -3.612  1.00 92.09  ? 82  LYS A CG  1 
ATOM   418  C  CD  . LYS A 1 90  ? 7.721   2.297   -4.072  1.00 99.92  ? 82  LYS A CD  1 
ATOM   419  C  CE  . LYS A 1 90  ? 9.166   2.287   -3.559  1.00 103.76 ? 82  LYS A CE  1 
ATOM   420  N  NZ  . LYS A 1 90  ? 9.259   2.075   -2.070  1.00 96.81  ? 82  LYS A NZ  1 
ATOM   421  N  N   . THR A 1 91  ? 2.415   4.267   -2.426  1.00 82.81  ? 83  THR A N   1 
ATOM   422  C  CA  . THR A 1 91  ? 1.124   3.834   -1.911  1.00 79.15  ? 83  THR A CA  1 
ATOM   423  C  C   . THR A 1 91  ? 0.436   3.000   -2.982  1.00 83.34  ? 83  THR A C   1 
ATOM   424  O  O   . THR A 1 91  ? 0.332   3.416   -4.129  1.00 81.56  ? 83  THR A O   1 
ATOM   425  C  CB  . THR A 1 91  ? 0.194   5.022   -1.627  1.00 77.83  ? 83  THR A CB  1 
ATOM   426  O  OG1 . THR A 1 91  ? 0.573   5.663   -0.409  1.00 76.75  ? 83  THR A OG1 1 
ATOM   427  C  CG2 . THR A 1 91  ? -1.242  4.556   -1.506  1.00 76.69  ? 83  THR A CG2 1 
ATOM   428  N  N   . PHE A 1 92  ? -0.043  1.822   -2.612  1.00 85.96  ? 84  PHE A N   1 
ATOM   429  C  CA  . PHE A 1 92  ? -0.743  0.979   -3.563  1.00 83.55  ? 84  PHE A CA  1 
ATOM   430  C  C   . PHE A 1 92  ? -2.164  0.730   -3.123  1.00 82.87  ? 84  PHE A C   1 
ATOM   431  O  O   . PHE A 1 92  ? -2.472  0.801   -1.939  1.00 84.84  ? 84  PHE A O   1 
ATOM   432  C  CB  . PHE A 1 92  ? 0.008   -0.324  -3.755  1.00 83.96  ? 84  PHE A CB  1 
ATOM   433  C  CG  . PHE A 1 92  ? 1.356   -0.134  -4.367  1.00 87.96  ? 84  PHE A CG  1 
ATOM   434  C  CD1 . PHE A 1 92  ? 1.527   -0.234  -5.739  1.00 88.32  ? 84  PHE A CD1 1 
ATOM   435  C  CD2 . PHE A 1 92  ? 2.449   0.186   -3.579  1.00 88.76  ? 84  PHE A CD2 1 
ATOM   436  C  CE1 . PHE A 1 92  ? 2.768   -0.050  -6.314  1.00 86.90  ? 84  PHE A CE1 1 
ATOM   437  C  CE2 . PHE A 1 92  ? 3.701   0.376   -4.149  1.00 92.37  ? 84  PHE A CE2 1 
ATOM   438  C  CZ  . PHE A 1 92  ? 3.859   0.256   -5.520  1.00 91.88  ? 84  PHE A CZ  1 
ATOM   439  N  N   . VAL A 1 93  ? -3.033  0.463   -4.085  1.00 82.31  ? 85  VAL A N   1 
ATOM   440  C  CA  . VAL A 1 93  ? -4.447  0.290   -3.800  1.00 83.59  ? 85  VAL A CA  1 
ATOM   441  C  C   . VAL A 1 93  ? -5.043  -0.640  -4.838  1.00 88.39  ? 85  VAL A C   1 
ATOM   442  O  O   . VAL A 1 93  ? -5.680  -0.211  -5.800  1.00 92.65  ? 85  VAL A O   1 
ATOM   443  C  CB  . VAL A 1 93  ? -5.199  1.633   -3.777  1.00 84.57  ? 85  VAL A CB  1 
ATOM   444  C  CG1 . VAL A 1 93  ? -6.703  1.413   -3.710  1.00 83.70  ? 85  VAL A CG1 1 
ATOM   445  C  CG2 . VAL A 1 93  ? -4.732  2.482   -2.609  1.00 86.61  ? 85  VAL A CG2 1 
ATOM   446  N  N   . ILE A 1 94  ? -4.827  -1.928  -4.626  1.00 89.21  ? 86  ILE A N   1 
ATOM   447  C  CA  . ILE A 1 94  ? -5.223  -2.935  -5.582  1.00 89.45  ? 86  ILE A CA  1 
ATOM   448  C  C   . ILE A 1 94  ? -6.611  -3.459  -5.272  1.00 90.99  ? 86  ILE A C   1 
ATOM   449  O  O   . ILE A 1 94  ? -6.947  -3.690  -4.119  1.00 90.07  ? 86  ILE A O   1 
ATOM   450  C  CB  . ILE A 1 94  ? -4.226  -4.080  -5.573  1.00 89.79  ? 86  ILE A CB  1 
ATOM   451  C  CG1 . ILE A 1 94  ? -2.810  -3.513  -5.450  1.00 90.74  ? 86  ILE A CG1 1 
ATOM   452  C  CG2 . ILE A 1 94  ? -4.379  -4.912  -6.829  1.00 97.37  ? 86  ILE A CG2 1 
ATOM   453  C  CD1 . ILE A 1 94  ? -1.799  -4.491  -4.932  1.00 90.48  ? 86  ILE A CD1 1 
ATOM   454  N  N   . THR A 1 95  ? -7.423  -3.622  -6.311  1.00 97.22  ? 87  THR A N   1 
ATOM   455  C  CA  . THR A 1 95  ? -8.746  -4.213  -6.171  1.00 98.39  ? 87  THR A CA  1 
ATOM   456  C  C   . THR A 1 95  ? -8.832  -5.448  -7.062  1.00 102.28 ? 87  THR A C   1 
ATOM   457  O  O   . THR A 1 95  ? -8.373  -5.429  -8.199  1.00 104.42 ? 87  THR A O   1 
ATOM   458  C  CB  . THR A 1 95  ? -9.860  -3.210  -6.511  1.00 91.22  ? 87  THR A CB  1 
ATOM   459  O  OG1 . THR A 1 95  ? -9.717  -2.053  -5.687  1.00 87.59  ? 87  THR A OG1 1 
ATOM   460  C  CG2 . THR A 1 95  ? -11.214 -3.818  -6.245  1.00 95.74  ? 87  THR A CG2 1 
ATOM   461  N  N   . THR A 1 96  ? -9.405  -6.526  -6.536  1.00 105.40 ? 88  THR A N   1 
ATOM   462  C  CA  . THR A 1 96  ? -9.397  -7.809  -7.226  1.00 110.12 ? 88  THR A CA  1 
ATOM   463  C  C   . THR A 1 96  ? -10.768 -8.502  -7.146  1.00 116.64 ? 88  THR A C   1 
ATOM   464  O  O   . THR A 1 96  ? -11.562 -8.207  -6.253  1.00 112.38 ? 88  THR A O   1 
ATOM   465  C  CB  . THR A 1 96  ? -8.310  -8.739  -6.636  1.00 109.69 ? 88  THR A CB  1 
ATOM   466  O  OG1 . THR A 1 96  ? -7.282  -7.955  -6.010  1.00 105.82 ? 88  THR A OG1 1 
ATOM   467  C  CG2 . THR A 1 96  ? -7.700  -9.616  -7.721  1.00 113.48 ? 88  THR A CG2 1 
ATOM   468  N  N   . ASP A 1 97  ? -11.041 -9.403  -8.094  1.00 126.02 ? 89  ASP A N   1 
ATOM   469  C  CA  . ASP A 1 97  ? -12.265 -10.223 -8.096  1.00 128.02 ? 89  ASP A CA  1 
ATOM   470  C  C   . ASP A 1 97  ? -11.934 -11.708 -8.329  1.00 131.79 ? 89  ASP A C   1 
ATOM   471  O  O   . ASP A 1 97  ? -10.815 -12.033 -8.735  1.00 131.43 ? 89  ASP A O   1 
ATOM   472  C  CB  . ASP A 1 97  ? -13.296 -9.712  -9.124  1.00 126.30 ? 89  ASP A CB  1 
ATOM   473  C  CG  . ASP A 1 97  ? -12.787 -9.765  -10.566 1.00 130.13 ? 89  ASP A CG  1 
ATOM   474  O  OD1 . ASP A 1 97  ? -11.705 -10.336 -10.815 1.00 131.70 ? 89  ASP A OD1 1 
ATOM   475  O  OD2 . ASP A 1 97  ? -13.478 -9.233  -11.459 1.00 130.56 ? 89  ASP A OD2 1 
ATOM   476  N  N   . SER A 1 98  ? -12.891 -12.602 -8.067  1.00 134.11 ? 90  SER A N   1 
ATOM   477  C  CA  . SER A 1 98  ? -12.637 -14.044 -8.209  1.00 136.77 ? 90  SER A CA  1 
ATOM   478  C  C   . SER A 1 98  ? -12.601 -14.492 -9.675  1.00 137.34 ? 90  SER A C   1 
ATOM   479  O  O   . SER A 1 98  ? -12.374 -15.669 -9.977  1.00 138.14 ? 90  SER A O   1 
ATOM   480  C  CB  . SER A 1 98  ? -13.608 -14.896 -7.367  1.00 136.91 ? 90  SER A CB  1 
ATOM   481  O  OG  . SER A 1 98  ? -14.930 -14.394 -7.403  1.00 135.65 ? 90  SER A OG  1 
ATOM   482  N  N   . ASP A 1 99  ? -12.821 -13.535 -10.574 1.00 136.30 ? 91  ASP A N   1 
ATOM   483  C  CA  . ASP A 1 99  ? -12.564 -13.731 -11.995 1.00 136.52 ? 91  ASP A CA  1 
ATOM   484  C  C   . ASP A 1 99  ? -11.046 -13.801 -12.216 1.00 137.53 ? 91  ASP A C   1 
ATOM   485  O  O   . ASP A 1 99  ? -10.514 -14.823 -12.664 1.00 140.36 ? 91  ASP A O   1 
ATOM   486  C  CB  . ASP A 1 99  ? -13.171 -12.583 -12.820 1.00 135.62 ? 91  ASP A CB  1 
ATOM   487  C  CG  . ASP A 1 99  ? -14.698 -12.625 -12.867 1.00 137.41 ? 91  ASP A CG  1 
ATOM   488  O  OD1 . ASP A 1 99  ? -15.289 -13.573 -12.305 1.00 138.04 ? 91  ASP A OD1 1 
ATOM   489  O  OD2 . ASP A 1 99  ? -15.305 -11.709 -13.474 1.00 135.32 ? 91  ASP A OD2 1 
ATOM   490  N  N   . GLY A 1 100 ? -10.359 -12.712 -11.883 1.00 132.93 ? 92  GLY A N   1 
ATOM   491  C  CA  . GLY A 1 100 ? -8.914  -12.627 -12.023 1.00 131.73 ? 92  GLY A CA  1 
ATOM   492  C  C   . GLY A 1 100 ? -8.464  -11.200 -12.272 1.00 131.28 ? 92  GLY A C   1 
ATOM   493  O  O   . GLY A 1 100 ? -7.267  -10.900 -12.250 1.00 130.39 ? 92  GLY A O   1 
ATOM   494  N  N   . ASN A 1 101 ? -9.439  -10.319 -12.491 1.00 131.56 ? 93  ASN A N   1 
ATOM   495  C  CA  . ASN A 1 101 ? -9.192  -8.929  -12.880 1.00 128.38 ? 93  ASN A CA  1 
ATOM   496  C  C   . ASN A 1 101 ? -8.644  -8.042  -11.767 1.00 124.27 ? 93  ASN A C   1 
ATOM   497  O  O   . ASN A 1 101 ? -9.002  -8.203  -10.603 1.00 122.07 ? 93  ASN A O   1 
ATOM   498  C  CB  . ASN A 1 101 ? -10.468 -8.298  -13.440 1.00 129.89 ? 93  ASN A CB  1 
ATOM   499  C  CG  . ASN A 1 101 ? -10.896 -8.916  -14.751 1.00 131.43 ? 93  ASN A CG  1 
ATOM   500  O  OD1 . ASN A 1 101 ? -10.775 -8.296  -15.809 1.00 137.26 ? 93  ASN A OD1 1 
ATOM   501  N  ND2 . ASN A 1 101 ? -11.393 -10.148 -14.694 1.00 130.57 ? 93  ASN A ND2 1 
ATOM   502  N  N   . GLU A 1 102 ? -7.795  -7.085  -12.140 1.00 122.92 ? 94  GLU A N   1 
ATOM   503  C  CA  . GLU A 1 102 ? -7.164  -6.198  -11.167 1.00 115.02 ? 94  GLU A CA  1 
ATOM   504  C  C   . GLU A 1 102 ? -7.393  -4.715  -11.422 1.00 109.64 ? 94  GLU A C   1 
ATOM   505  O  O   . GLU A 1 102 ? -8.129  -4.339  -12.329 1.00 115.96 ? 94  GLU A O   1 
ATOM   506  C  CB  . GLU A 1 102 ? -5.673  -6.488  -11.065 1.00 113.57 ? 94  GLU A CB  1 
ATOM   507  C  CG  . GLU A 1 102 ? -5.392  -7.851  -10.490 1.00 113.49 ? 94  GLU A CG  1 
ATOM   508  C  CD  . GLU A 1 102 ? -4.507  -7.773  -9.276  1.00 113.51 ? 94  GLU A CD  1 
ATOM   509  O  OE1 . GLU A 1 102 ? -3.488  -7.057  -9.330  1.00 111.19 ? 94  GLU A OE1 1 
ATOM   510  O  OE2 . GLU A 1 102 ? -4.837  -8.422  -8.261  1.00 118.72 ? 94  GLU A OE2 1 
ATOM   511  N  N   . SER A 1 103 ? -6.756  -3.884  -10.603 1.00 104.21 ? 95  SER A N   1 
ATOM   512  C  CA  . SER A 1 103 ? -6.973  -2.446  -10.637 1.00 102.89 ? 95  SER A CA  1 
ATOM   513  C  C   . SER A 1 103 ? -6.023  -1.735  -9.682  1.00 99.91  ? 95  SER A C   1 
ATOM   514  O  O   . SER A 1 103 ? -6.419  -1.279  -8.609  1.00 98.14  ? 95  SER A O   1 
ATOM   515  C  CB  . SER A 1 103 ? -8.425  -2.107  -10.286 1.00 101.54 ? 95  SER A CB  1 
ATOM   516  O  OG  . SER A 1 103 ? -8.626  -0.703  -10.221 1.00 98.24  ? 95  SER A OG  1 
ATOM   517  N  N   . ILE A 1 104 ? -4.767  -1.631  -10.098 1.00 100.11 ? 96  ILE A N   1 
ATOM   518  C  CA  . ILE A 1 104 ? -3.727  -0.989  -9.303  1.00 97.85  ? 96  ILE A CA  1 
ATOM   519  C  C   . ILE A 1 104 ? -3.709  0.537   -9.401  1.00 95.23  ? 96  ILE A C   1 
ATOM   520  O  O   . ILE A 1 104 ? -3.709  1.110   -10.491 1.00 94.70  ? 96  ILE A O   1 
ATOM   521  C  CB  . ILE A 1 104 ? -2.348  -1.490  -9.736  1.00 97.86  ? 96  ILE A CB  1 
ATOM   522  C  CG1 . ILE A 1 104 ? -2.369  -3.015  -9.830  1.00 96.82  ? 96  ILE A CG1 1 
ATOM   523  C  CG2 . ILE A 1 104 ? -1.265  -0.971  -8.789  1.00 91.96  ? 96  ILE A CG2 1 
ATOM   524  C  CD1 . ILE A 1 104 ? -1.821  -3.535  -11.129 1.00 102.95 ? 96  ILE A CD1 1 
ATOM   525  N  N   . VAL A 1 105 ? -3.682  1.180   -8.242  1.00 91.40  ? 97  VAL A N   1 
ATOM   526  C  CA  . VAL A 1 105 ? -3.438  2.609   -8.152  1.00 89.60  ? 97  VAL A CA  1 
ATOM   527  C  C   . VAL A 1 105 ? -2.101  2.812   -7.440  1.00 88.81  ? 97  VAL A C   1 
ATOM   528  O  O   . VAL A 1 105 ? -1.876  2.264   -6.365  1.00 88.85  ? 97  VAL A O   1 
ATOM   529  C  CB  . VAL A 1 105 ? -4.559  3.319   -7.377  1.00 84.33  ? 97  VAL A CB  1 
ATOM   530  C  CG1 . VAL A 1 105 ? -4.217  4.766   -7.155  1.00 84.59  ? 97  VAL A CG1 1 
ATOM   531  C  CG2 . VAL A 1 105 ? -5.862  3.199   -8.128  1.00 89.35  ? 97  VAL A CG2 1 
ATOM   532  N  N   . GLU A 1 106 ? -1.202  3.576   -8.049  1.00 87.73  ? 98  GLU A N   1 
ATOM   533  C  CA  . GLU A 1 106 ? 0.103   3.810   -7.448  1.00 85.84  ? 98  GLU A CA  1 
ATOM   534  C  C   . GLU A 1 106 ? 0.337   5.290   -7.165  1.00 90.20  ? 98  GLU A C   1 
ATOM   535  O  O   . GLU A 1 106 ? -0.028  6.142   -7.964  1.00 96.42  ? 98  GLU A O   1 
ATOM   536  C  CB  . GLU A 1 106 ? 1.219   3.263   -8.336  1.00 84.17  ? 98  GLU A CB  1 
ATOM   537  C  CG  . GLU A 1 106 ? 2.586   3.353   -7.680  1.00 87.74  ? 98  GLU A CG  1 
ATOM   538  C  CD  . GLU A 1 106 ? 3.645   2.526   -8.386  1.00 90.51  ? 98  GLU A CD  1 
ATOM   539  O  OE1 . GLU A 1 106 ? 3.319   1.867   -9.402  1.00 89.32  ? 98  GLU A OE1 1 
ATOM   540  O  OE2 . GLU A 1 106 ? 4.808   2.537   -7.916  1.00 90.33  ? 98  GLU A OE2 1 
ATOM   541  N  N   . GLU A 1 107 ? 0.932   5.596   -6.017  1.00 89.97  ? 99  GLU A N   1 
ATOM   542  C  CA  . GLU A 1 107 ? 1.340   6.962   -5.723  1.00 86.85  ? 99  GLU A CA  1 
ATOM   543  C  C   . GLU A 1 107 ? 2.742   7.002   -5.137  1.00 88.70  ? 99  GLU A C   1 
ATOM   544  O  O   . GLU A 1 107 ? 2.993   6.497   -4.038  1.00 89.07  ? 99  GLU A O   1 
ATOM   545  C  CB  . GLU A 1 107 ? 0.358   7.668   -4.795  1.00 81.71  ? 99  GLU A CB  1 
ATOM   546  C  CG  . GLU A 1 107 ? 1.023   8.778   -4.000  1.00 88.82  ? 99  GLU A CG  1 
ATOM   547  C  CD  . GLU A 1 107 ? 0.148   10.003  -3.814  1.00 89.43  ? 99  GLU A CD  1 
ATOM   548  O  OE1 . GLU A 1 107 ? -0.860  10.131  -4.538  1.00 92.22  ? 99  GLU A OE1 1 
ATOM   549  O  OE2 . GLU A 1 107 ? 0.475   10.850  -2.949  1.00 87.79  ? 99  GLU A OE2 1 
ATOM   550  N  N   . ASP A 1 108 ? 3.653   7.607   -5.887  1.00 90.02  ? 100 ASP A N   1 
ATOM   551  C  CA  . ASP A 1 108 ? 5.021   7.768   -5.433  1.00 91.69  ? 100 ASP A CA  1 
ATOM   552  C  C   . ASP A 1 108 ? 5.239   9.191   -4.978  1.00 93.67  ? 100 ASP A C   1 
ATOM   553  O  O   . ASP A 1 108 ? 4.821   10.134  -5.640  1.00 93.87  ? 100 ASP A O   1 
ATOM   554  C  CB  . ASP A 1 108 ? 5.988   7.426   -6.550  1.00 92.74  ? 100 ASP A CB  1 
ATOM   555  C  CG  . ASP A 1 108 ? 5.595   6.169   -7.272  1.00 95.75  ? 100 ASP A CG  1 
ATOM   556  O  OD1 . ASP A 1 108 ? 5.810   5.069   -6.710  1.00 96.06  ? 100 ASP A OD1 1 
ATOM   557  O  OD2 . ASP A 1 108 ? 5.061   6.290   -8.402  1.00 97.51  ? 100 ASP A OD2 1 
ATOM   558  N  N   . VAL A 1 109 ? 5.884   9.329   -3.826  1.00 93.93  ? 101 VAL A N   1 
ATOM   559  C  CA  . VAL A 1 109 ? 6.165   10.628  -3.248  1.00 92.99  ? 101 VAL A CA  1 
ATOM   560  C  C   . VAL A 1 109 ? 7.627   10.686  -2.822  1.00 96.31  ? 101 VAL A C   1 
ATOM   561  O  O   . VAL A 1 109 ? 8.018   10.128  -1.789  1.00 90.02  ? 101 VAL A O   1 
ATOM   562  C  CB  . VAL A 1 109 ? 5.226   10.943  -2.062  1.00 86.68  ? 101 VAL A CB  1 
ATOM   563  C  CG1 . VAL A 1 109 ? 5.790   12.057  -1.204  1.00 91.07  ? 101 VAL A CG1 1 
ATOM   564  C  CG2 . VAL A 1 109 ? 3.850   11.314  -2.569  1.00 86.59  ? 101 VAL A CG2 1 
ATOM   565  N  N   . LEU A 1 110 ? 8.430   11.353  -3.654  1.00 101.56 ? 102 LEU A N   1 
ATOM   566  C  CA  . LEU A 1 110 ? 9.831   11.594  -3.349  1.00 99.42  ? 102 LEU A CA  1 
ATOM   567  C  C   . LEU A 1 110 ? 9.974   12.885  -2.566  1.00 98.73  ? 102 LEU A C   1 
ATOM   568  O  O   . LEU A 1 110 ? 9.419   13.911  -2.946  1.00 100.15 ? 102 LEU A O   1 
ATOM   569  C  CB  . LEU A 1 110 ? 10.670  11.662  -4.618  1.00 97.38  ? 102 LEU A CB  1 
ATOM   570  C  CG  . LEU A 1 110 ? 12.143  11.927  -4.302  1.00 101.60 ? 102 LEU A CG  1 
ATOM   571  C  CD1 . LEU A 1 110 ? 12.661  10.927  -3.281  1.00 104.89 ? 102 LEU A CD1 1 
ATOM   572  C  CD2 . LEU A 1 110 ? 12.996  11.892  -5.553  1.00 105.27 ? 102 LEU A CD2 1 
HETATM 573  N  N   . MSE A 1 111 ? 10.710  12.822  -1.463  1.00 99.16  ? 103 MSE A N   1 
HETATM 574  C  CA  . MSE A 1 111 ? 10.882  13.978  -0.612  1.00 100.91 ? 103 MSE A CA  1 
HETATM 575  C  C   . MSE A 1 111 ? 12.336  14.366  -0.545  1.00 105.34 ? 103 MSE A C   1 
HETATM 576  O  O   . MSE A 1 111 ? 13.118  13.731  0.159   1.00 103.17 ? 103 MSE A O   1 
HETATM 577  C  CB  . MSE A 1 111 ? 10.415  13.685  0.802   1.00 103.34 ? 103 MSE A CB  1 
HETATM 578  C  CG  . MSE A 1 111 ? 9.306   12.668  0.915   1.00 102.68 ? 103 MSE A CG  1 
HETATM 579  SE SE  . MSE A 1 111 ? 8.714   12.655  2.768   1.00 110.18 ? 103 MSE A SE  1 
HETATM 580  C  CE  . MSE A 1 111 ? 10.370  13.313  3.621   1.00 101.47 ? 103 MSE A CE  1 
ATOM   581  N  N   . LYS A 1 112 ? 12.693  15.407  -1.291  1.00 110.13 ? 104 LYS A N   1 
ATOM   582  C  CA  . LYS A 1 112 ? 13.980  16.055  -1.123  1.00 109.94 ? 104 LYS A CA  1 
ATOM   583  C  C   . LYS A 1 112 ? 13.716  17.269  -0.242  1.00 106.68 ? 104 LYS A C   1 
ATOM   584  O  O   . LYS A 1 112 ? 12.892  18.129  -0.567  1.00 103.81 ? 104 LYS A O   1 
ATOM   585  C  CB  . LYS A 1 112 ? 14.597  16.449  -2.476  1.00 111.13 ? 104 LYS A CB  1 
ATOM   586  C  CG  . LYS A 1 112 ? 16.133  16.507  -2.492  1.00 114.80 ? 104 LYS A CG  1 
ATOM   587  C  CD  . LYS A 1 112 ? 16.689  16.673  -3.909  1.00 118.54 ? 104 LYS A CD  1 
ATOM   588  C  CE  . LYS A 1 112 ? 18.224  16.679  -3.938  1.00 123.00 ? 104 LYS A CE  1 
ATOM   589  N  NZ  . LYS A 1 112 ? 18.846  15.313  -3.923  1.00 121.95 ? 104 LYS A NZ  1 
ATOM   590  N  N   . THR A 1 113 ? 14.385  17.299  0.903   1.00 106.02 ? 105 THR A N   1 
ATOM   591  C  CA  . THR A 1 113 ? 14.294  18.422  1.821   1.00 104.83 ? 105 THR A CA  1 
ATOM   592  C  C   . THR A 1 113 ? 15.226  19.542  1.363   1.00 106.22 ? 105 THR A C   1 
ATOM   593  O  O   . THR A 1 113 ? 16.422  19.330  1.138   1.00 103.88 ? 105 THR A O   1 
ATOM   594  C  CB  . THR A 1 113 ? 14.641  17.985  3.250   1.00 108.23 ? 105 THR A CB  1 
ATOM   595  O  OG1 . THR A 1 113 ? 15.747  17.077  3.207   1.00 113.63 ? 105 THR A OG1 1 
ATOM   596  C  CG2 . THR A 1 113 ? 13.459  17.266  3.891   1.00 109.84 ? 105 THR A CG2 1 
ATOM   597  N  N   . LEU A 1 114 ? 14.667  20.737  1.218   1.00 108.17 ? 106 LEU A N   1 
ATOM   598  C  CA  . LEU A 1 114 ? 15.398  21.853  0.633   1.00 104.76 ? 106 LEU A CA  1 
ATOM   599  C  C   . LEU A 1 114 ? 16.110  22.719  1.675   1.00 107.52 ? 106 LEU A C   1 
ATOM   600  O  O   . LEU A 1 114 ? 17.220  23.190  1.429   1.00 109.27 ? 106 LEU A O   1 
ATOM   601  C  CB  . LEU A 1 114 ? 14.466  22.681  -0.244  1.00 100.33 ? 106 LEU A CB  1 
ATOM   602  C  CG  . LEU A 1 114 ? 13.701  21.811  -1.243  1.00 101.56 ? 106 LEU A CG  1 
ATOM   603  C  CD1 . LEU A 1 114 ? 12.807  22.657  -2.123  1.00 99.31  ? 106 LEU A CD1 1 
ATOM   604  C  CD2 . LEU A 1 114 ? 14.660  20.974  -2.076  1.00 100.65 ? 106 LEU A CD2 1 
ATOM   605  N  N   . SER A 1 115 ? 15.483  22.920  2.831   1.00 106.91 ? 107 SER A N   1 
ATOM   606  C  CA  . SER A 1 115 ? 16.146  23.581  3.959   1.00 110.06 ? 107 SER A CA  1 
ATOM   607  C  C   . SER A 1 115 ? 15.428  23.268  5.264   1.00 113.50 ? 107 SER A C   1 
ATOM   608  O  O   . SER A 1 115 ? 14.397  22.598  5.263   1.00 114.86 ? 107 SER A O   1 
ATOM   609  C  CB  . SER A 1 115 ? 16.222  25.099  3.762   1.00 113.53 ? 107 SER A CB  1 
ATOM   610  O  OG  . SER A 1 115 ? 15.156  25.766  4.422   1.00 109.88 ? 107 SER A OG  1 
ATOM   611  N  N   . ASP A 1 116 ? 15.971  23.764  6.375   1.00 118.92 ? 108 ASP A N   1 
ATOM   612  C  CA  . ASP A 1 116 ? 15.406  23.497  7.700   1.00 119.29 ? 108 ASP A CA  1 
ATOM   613  C  C   . ASP A 1 116 ? 15.484  24.709  8.630   1.00 121.03 ? 108 ASP A C   1 
ATOM   614  O  O   . ASP A 1 116 ? 14.991  24.669  9.759   1.00 119.50 ? 108 ASP A O   1 
ATOM   615  C  CB  . ASP A 1 116 ? 16.098  22.287  8.342   1.00 118.26 ? 108 ASP A CB  1 
ATOM   616  C  CG  . ASP A 1 116 ? 17.616  22.359  8.246   1.00 120.65 ? 108 ASP A CG  1 
ATOM   617  O  OD1 . ASP A 1 116 ? 18.173  23.461  8.446   1.00 123.90 ? 108 ASP A OD1 1 
ATOM   618  O  OD2 . ASP A 1 116 ? 18.250  21.313  7.972   1.00 118.16 ? 108 ASP A OD2 1 
ATOM   619  N  N   . ILE B 1 31  ? 7.294   -11.150 -2.348  1.00 127.32 ? 23  ILE B N   1 
ATOM   620  C  CA  . ILE B 1 31  ? 6.789   -10.242 -3.376  1.00 128.84 ? 23  ILE B CA  1 
ATOM   621  C  C   . ILE B 1 31  ? 7.184   -8.791  -3.075  1.00 128.94 ? 23  ILE B C   1 
ATOM   622  O  O   . ILE B 1 31  ? 6.332   -7.940  -2.824  1.00 126.29 ? 23  ILE B O   1 
ATOM   623  C  CB  . ILE B 1 31  ? 5.245   -10.361 -3.541  1.00 128.83 ? 23  ILE B CB  1 
ATOM   624  C  CG1 . ILE B 1 31  ? 4.851   -11.777 -3.970  1.00 134.17 ? 23  ILE B CG1 1 
ATOM   625  C  CG2 . ILE B 1 31  ? 4.722   -9.382  -4.578  1.00 123.73 ? 23  ILE B CG2 1 
ATOM   626  C  CD1 . ILE B 1 31  ? 4.846   -11.986 -5.478  1.00 131.29 ? 23  ILE B CD1 1 
ATOM   627  N  N   . ASN B 1 32  ? 8.487   -8.516  -3.083  1.00 130.16 ? 24  ASN B N   1 
ATOM   628  C  CA  . ASN B 1 32  ? 8.971   -7.143  -2.980  1.00 127.96 ? 24  ASN B CA  1 
ATOM   629  C  C   . ASN B 1 32  ? 8.951   -6.506  -4.366  1.00 128.67 ? 24  ASN B C   1 
ATOM   630  O  O   . ASN B 1 32  ? 9.546   -5.449  -4.593  1.00 128.56 ? 24  ASN B O   1 
ATOM   631  C  CB  . ASN B 1 32  ? 10.392  -7.106  -2.422  1.00 131.55 ? 24  ASN B CB  1 
ATOM   632  C  CG  . ASN B 1 32  ? 11.449  -7.221  -3.515  1.00 135.94 ? 24  ASN B CG  1 
ATOM   633  O  OD1 . ASN B 1 32  ? 12.337  -6.373  -3.626  1.00 135.73 ? 24  ASN B OD1 1 
ATOM   634  N  ND2 . ASN B 1 32  ? 11.342  -8.263  -4.341  1.00 135.00 ? 24  ASN B ND2 1 
ATOM   635  N  N   . ASP B 1 33  ? 8.269   -7.179  -5.292  1.00 130.25 ? 25  ASP B N   1 
ATOM   636  C  CA  . ASP B 1 33  ? 8.133   -6.735  -6.677  1.00 127.85 ? 25  ASP B CA  1 
ATOM   637  C  C   . ASP B 1 33  ? 7.565   -5.322  -6.728  1.00 126.61 ? 25  ASP B C   1 
ATOM   638  O  O   . ASP B 1 33  ? 7.614   -4.652  -7.761  1.00 123.27 ? 25  ASP B O   1 
ATOM   639  C  CB  . ASP B 1 33  ? 7.206   -7.689  -7.441  1.00 127.14 ? 25  ASP B CB  1 
ATOM   640  C  CG  . ASP B 1 33  ? 7.398   -9.147  -7.036  1.00 130.82 ? 25  ASP B CG  1 
ATOM   641  O  OD1 . ASP B 1 33  ? 8.561   -9.571  -6.859  1.00 133.01 ? 25  ASP B OD1 1 
ATOM   642  O  OD2 . ASP B 1 33  ? 6.384   -9.871  -6.896  1.00 129.92 ? 25  ASP B OD2 1 
ATOM   643  N  N   . PHE B 1 34  ? 7.029   -4.886  -5.589  1.00 126.08 ? 26  PHE B N   1 
ATOM   644  C  CA  . PHE B 1 34  ? 6.408   -3.574  -5.437  1.00 120.27 ? 26  PHE B CA  1 
ATOM   645  C  C   . PHE B 1 34  ? 7.384   -2.430  -5.678  1.00 122.59 ? 26  PHE B C   1 
ATOM   646  O  O   . PHE B 1 34  ? 6.992   -1.263  -5.747  1.00 121.96 ? 26  PHE B O   1 
ATOM   647  C  CB  . PHE B 1 34  ? 5.790   -3.449  -4.042  1.00 116.55 ? 26  PHE B CB  1 
ATOM   648  C  CG  . PHE B 1 34  ? 4.537   -4.261  -3.860  1.00 113.61 ? 26  PHE B CG  1 
ATOM   649  C  CD1 . PHE B 1 34  ? 3.287   -3.687  -4.073  1.00 103.09 ? 26  PHE B CD1 1 
ATOM   650  C  CD2 . PHE B 1 34  ? 4.606   -5.599  -3.485  1.00 117.00 ? 26  PHE B CD2 1 
ATOM   651  C  CE1 . PHE B 1 34  ? 2.130   -4.427  -3.919  1.00 100.41 ? 26  PHE B CE1 1 
ATOM   652  C  CE2 . PHE B 1 34  ? 3.452   -6.353  -3.323  1.00 110.67 ? 26  PHE B CE2 1 
ATOM   653  C  CZ  . PHE B 1 34  ? 2.213   -5.768  -3.540  1.00 106.40 ? 26  PHE B CZ  1 
ATOM   654  N  N   . ASP B 1 35  ? 8.658   -2.768  -5.812  1.00 125.39 ? 27  ASP B N   1 
ATOM   655  C  CA  . ASP B 1 35  ? 9.676   -1.767  -6.080  1.00 125.50 ? 27  ASP B CA  1 
ATOM   656  C  C   . ASP B 1 35  ? 10.050  -1.796  -7.568  1.00 125.97 ? 27  ASP B C   1 
ATOM   657  O  O   . ASP B 1 35  ? 11.217  -1.658  -7.929  1.00 125.17 ? 27  ASP B O   1 
ATOM   658  C  CB  . ASP B 1 35  ? 10.886  -2.003  -5.168  1.00 126.08 ? 27  ASP B CB  1 
ATOM   659  C  CG  . ASP B 1 35  ? 10.484  -2.170  -3.693  1.00 122.93 ? 27  ASP B CG  1 
ATOM   660  O  OD1 . ASP B 1 35  ? 9.623   -1.390  -3.222  1.00 119.16 ? 27  ASP B OD1 1 
ATOM   661  O  OD2 . ASP B 1 35  ? 11.026  -3.074  -3.009  1.00 117.06 ? 27  ASP B OD2 1 
ATOM   662  N  N   . GLU B 1 36  ? 9.037   -1.976  -8.419  1.00 127.11 ? 28  GLU B N   1 
ATOM   663  C  CA  . GLU B 1 36  ? 9.224   -2.043  -9.871  1.00 126.73 ? 28  GLU B CA  1 
ATOM   664  C  C   . GLU B 1 36  ? 8.431   -0.958  -10.611 1.00 127.17 ? 28  GLU B C   1 
ATOM   665  O  O   . GLU B 1 36  ? 7.200   -0.897  -10.535 1.00 123.24 ? 28  GLU B O   1 
ATOM   666  C  CB  . GLU B 1 36  ? 8.851   -3.434  -10.408 1.00 127.43 ? 28  GLU B CB  1 
ATOM   667  C  CG  . GLU B 1 36  ? 7.348   -3.687  -10.577 1.00 126.18 ? 28  GLU B CG  1 
ATOM   668  C  CD  . GLU B 1 36  ? 7.032   -5.097  -11.067 1.00 125.57 ? 28  GLU B CD  1 
ATOM   669  O  OE1 . GLU B 1 36  ? 5.879   -5.343  -11.486 1.00 118.31 ? 28  GLU B OE1 1 
ATOM   670  O  OE2 . GLU B 1 36  ? 7.941   -5.958  -11.033 1.00 124.05 ? 28  GLU B OE2 1 
ATOM   671  N  N   . VAL B 1 43  ? -0.471  -6.232  -18.305 1.00 111.98 ? 35  VAL B N   1 
ATOM   672  C  CA  . VAL B 1 43  ? -0.528  -5.098  -17.380 1.00 116.97 ? 35  VAL B CA  1 
ATOM   673  C  C   . VAL B 1 43  ? -0.684  -3.737  -18.078 1.00 116.01 ? 35  VAL B C   1 
ATOM   674  O  O   . VAL B 1 43  ? 0.288   -2.996  -18.255 1.00 112.44 ? 35  VAL B O   1 
ATOM   675  C  CB  . VAL B 1 43  ? 0.718   -5.046  -16.471 1.00 116.98 ? 35  VAL B CB  1 
ATOM   676  C  CG1 . VAL B 1 43  ? 0.513   -4.034  -15.340 1.00 109.39 ? 35  VAL B CG1 1 
ATOM   677  C  CG2 . VAL B 1 43  ? 1.032   -6.433  -15.925 1.00 118.56 ? 35  VAL B CG2 1 
ATOM   678  N  N   . THR B 1 44  ? -1.914  -3.409  -18.459 1.00 115.80 ? 36  THR B N   1 
ATOM   679  C  CA  . THR B 1 44  ? -2.212  -2.129  -19.093 1.00 112.17 ? 36  THR B CA  1 
ATOM   680  C  C   . THR B 1 44  ? -2.133  -0.942  -18.117 1.00 111.39 ? 36  THR B C   1 
ATOM   681  O  O   . THR B 1 44  ? -2.872  -0.871  -17.129 1.00 112.55 ? 36  THR B O   1 
ATOM   682  C  CB  . THR B 1 44  ? -3.588  -2.157  -19.828 1.00 113.65 ? 36  THR B CB  1 
ATOM   683  O  OG1 . THR B 1 44  ? -4.300  -0.937  -19.581 1.00 114.42 ? 36  THR B OG1 1 
ATOM   684  C  CG2 . THR B 1 44  ? -4.442  -3.337  -19.360 1.00 113.02 ? 36  THR B CG2 1 
ATOM   685  N  N   . VAL B 1 45  ? -1.224  -0.012  -18.406 1.00 110.18 ? 37  VAL B N   1 
ATOM   686  C  CA  . VAL B 1 45  ? -1.054  1.201   -17.605 1.00 108.93 ? 37  VAL B CA  1 
ATOM   687  C  C   . VAL B 1 45  ? -1.947  2.348   -18.100 1.00 107.34 ? 37  VAL B C   1 
ATOM   688  O  O   . VAL B 1 45  ? -1.516  3.175   -18.901 1.00 103.48 ? 37  VAL B O   1 
ATOM   689  C  CB  . VAL B 1 45  ? 0.413   1.681   -17.631 1.00 106.34 ? 37  VAL B CB  1 
ATOM   690  C  CG1 . VAL B 1 45  ? 0.611   2.842   -16.660 1.00 103.59 ? 37  VAL B CG1 1 
ATOM   691  C  CG2 . VAL B 1 45  ? 1.366   0.530   -17.318 1.00 103.25 ? 37  VAL B CG2 1 
ATOM   692  N  N   . GLN B 1 46  ? -3.178  2.405   -17.600 1.00 109.89 ? 38  GLN B N   1 
ATOM   693  C  CA  . GLN B 1 46  ? -4.188  3.334   -18.117 1.00 107.84 ? 38  GLN B CA  1 
ATOM   694  C  C   . GLN B 1 46  ? -3.964  4.824   -17.837 1.00 105.32 ? 38  GLN B C   1 
ATOM   695  O  O   . GLN B 1 46  ? -4.765  5.655   -18.265 1.00 108.45 ? 38  GLN B O   1 
ATOM   696  C  CB  . GLN B 1 46  ? -5.571  2.938   -17.602 1.00 108.32 ? 38  GLN B CB  1 
ATOM   697  C  CG  . GLN B 1 46  ? -6.081  1.636   -18.164 1.00 113.18 ? 38  GLN B CG  1 
ATOM   698  C  CD  . GLN B 1 46  ? -7.497  1.353   -17.728 1.00 121.10 ? 38  GLN B CD  1 
ATOM   699  O  OE1 . GLN B 1 46  ? -7.791  1.326   -16.531 1.00 120.82 ? 38  GLN B OE1 1 
ATOM   700  N  NE2 . GLN B 1 46  ? -8.387  1.143   -18.697 1.00 123.31 ? 38  GLN B NE2 1 
ATOM   701  N  N   . SER B 1 47  ? -2.897  5.170   -17.123 1.00 104.56 ? 39  SER B N   1 
ATOM   702  C  CA  . SER B 1 47  ? -2.666  6.570   -16.753 1.00 101.83 ? 39  SER B CA  1 
ATOM   703  C  C   . SER B 1 47  ? -1.331  6.789   -16.055 1.00 99.94  ? 39  SER B C   1 
ATOM   704  O  O   . SER B 1 47  ? -0.737  5.855   -15.520 1.00 99.51  ? 39  SER B O   1 
ATOM   705  C  CB  . SER B 1 47  ? -3.805  7.097   -15.872 1.00 99.55  ? 39  SER B CB  1 
ATOM   706  O  OG  . SER B 1 47  ? -3.423  8.268   -15.179 1.00 97.86  ? 39  SER B OG  1 
ATOM   707  N  N   . SER B 1 48  ? -0.865  8.032   -16.085 1.00 101.71 ? 40  SER B N   1 
ATOM   708  C  CA  . SER B 1 48  ? 0.362   8.431   -15.405 1.00 103.90 ? 40  SER B CA  1 
ATOM   709  C  C   . SER B 1 48  ? 0.552   9.938   -15.532 1.00 105.26 ? 40  SER B C   1 
ATOM   710  O  O   . SER B 1 48  ? 0.495   10.490  -16.630 1.00 108.69 ? 40  SER B O   1 
ATOM   711  C  CB  . SER B 1 48  ? 1.586   7.689   -15.965 1.00 99.58  ? 40  SER B CB  1 
ATOM   712  O  OG  . SER B 1 48  ? 2.736   7.899   -15.152 1.00 94.92  ? 40  SER B OG  1 
ATOM   713  N  N   . ASN B 1 49  ? 0.755   10.596  -14.397 1.00 105.96 ? 41  ASN B N   1 
ATOM   714  C  CA  . ASN B 1 49  ? 1.119   12.007  -14.370 1.00 109.53 ? 41  ASN B CA  1 
ATOM   715  C  C   . ASN B 1 49  ? 2.019   12.302  -13.178 1.00 106.53 ? 41  ASN B C   1 
ATOM   716  O  O   . ASN B 1 49  ? 1.998   11.580  -12.181 1.00 105.08 ? 41  ASN B O   1 
ATOM   717  C  CB  . ASN B 1 49  ? -0.119  12.914  -14.374 1.00 110.52 ? 41  ASN B CB  1 
ATOM   718  C  CG  . ASN B 1 49  ? -1.188  12.448  -13.411 1.00 112.56 ? 41  ASN B CG  1 
ATOM   719  O  OD1 . ASN B 1 49  ? -0.963  12.375  -12.199 1.00 112.00 ? 41  ASN B OD1 1 
ATOM   720  N  ND2 . ASN B 1 49  ? -2.368  12.136  -13.945 1.00 113.53 ? 41  ASN B ND2 1 
ATOM   721  N  N   . THR B 1 50  ? 2.816   13.358  -13.291 1.00 105.95 ? 42  THR B N   1 
ATOM   722  C  CA  . THR B 1 50  ? 3.835   13.644  -12.295 1.00 103.96 ? 42  THR B CA  1 
ATOM   723  C  C   . THR B 1 50  ? 3.839   15.116  -11.904 1.00 103.50 ? 42  THR B C   1 
ATOM   724  O  O   . THR B 1 50  ? 4.367   15.949  -12.632 1.00 106.82 ? 42  THR B O   1 
ATOM   725  C  CB  . THR B 1 50  ? 5.233   13.243  -12.808 1.00 104.19 ? 42  THR B CB  1 
ATOM   726  O  OG1 . THR B 1 50  ? 5.253   11.840  -13.115 1.00 99.80  ? 42  THR B OG1 1 
ATOM   727  C  CG2 . THR B 1 50  ? 6.294   13.556  -11.760 1.00 105.83 ? 42  THR B CG2 1 
ATOM   728  N  N   . THR B 1 51  ? 3.253   15.420  -10.745 1.00 106.16 ? 43  THR B N   1 
ATOM   729  C  CA  . THR B 1 51  ? 3.178   16.787  -10.209 1.00 104.71 ? 43  THR B CA  1 
ATOM   730  C  C   . THR B 1 51  ? 4.376   17.106  -9.310  1.00 102.63 ? 43  THR B C   1 
ATOM   731  O  O   . THR B 1 51  ? 5.174   16.223  -8.997  1.00 102.71 ? 43  THR B O   1 
ATOM   732  C  CB  . THR B 1 51  ? 1.833   17.018  -9.440  1.00 102.25 ? 43  THR B CB  1 
ATOM   733  O  OG1 . THR B 1 51  ? 0.817   17.432  -10.361 1.00 103.29 ? 43  THR B OG1 1 
ATOM   734  C  CG2 . THR B 1 51  ? 1.958   18.078  -8.350  1.00 98.62  ? 43  THR B CG2 1 
ATOM   735  N  N   . ASP B 1 52  ? 4.512   18.373  -8.924  1.00 102.32 ? 44  ASP B N   1 
ATOM   736  C  CA  . ASP B 1 52  ? 5.516   18.779  -7.945  1.00 102.01 ? 44  ASP B CA  1 
ATOM   737  C  C   . ASP B 1 52  ? 4.938   19.754  -6.910  1.00 104.82 ? 44  ASP B C   1 
ATOM   738  O  O   . ASP B 1 52  ? 4.500   20.862  -7.243  1.00 102.98 ? 44  ASP B O   1 
ATOM   739  C  CB  . ASP B 1 52  ? 6.748   19.366  -8.637  1.00 101.26 ? 44  ASP B CB  1 
ATOM   740  C  CG  . ASP B 1 52  ? 7.946   19.479  -7.708  1.00 104.06 ? 44  ASP B CG  1 
ATOM   741  O  OD1 . ASP B 1 52  ? 8.947   18.762  -7.931  1.00 104.72 ? 44  ASP B OD1 1 
ATOM   742  O  OD2 . ASP B 1 52  ? 7.883   20.283  -6.753  1.00 104.55 ? 44  ASP B OD2 1 
ATOM   743  N  N   . GLU B 1 53  ? 4.927   19.309  -5.653  1.00 105.61 ? 45  GLU B N   1 
ATOM   744  C  CA  . GLU B 1 53  ? 4.467   20.112  -4.530  1.00 101.69 ? 45  GLU B CA  1 
ATOM   745  C  C   . GLU B 1 53  ? 5.620   20.451  -3.607  1.00 99.24  ? 45  GLU B C   1 
ATOM   746  O  O   . GLU B 1 53  ? 6.549   19.664  -3.431  1.00 98.87  ? 45  GLU B O   1 
ATOM   747  C  CB  . GLU B 1 53  ? 3.434   19.343  -3.718  1.00 104.00 ? 45  GLU B CB  1 
ATOM   748  C  CG  . GLU B 1 53  ? 1.994   19.555  -4.115  1.00 106.54 ? 45  GLU B CG  1 
ATOM   749  C  CD  . GLU B 1 53  ? 1.045   18.817  -3.177  1.00 114.78 ? 45  GLU B CD  1 
ATOM   750  O  OE1 . GLU B 1 53  ? 1.457   18.487  -2.038  1.00 107.05 ? 45  GLU B OE1 1 
ATOM   751  O  OE2 . GLU B 1 53  ? -0.113  18.561  -3.574  1.00 123.36 ? 45  GLU B OE2 1 
ATOM   752  N  N   . ILE B 1 54  ? 5.548   21.625  -3.000  1.00 98.06  ? 46  ILE B N   1 
ATOM   753  C  CA  . ILE B 1 54  ? 6.517   21.999  -1.991  1.00 97.75  ? 46  ILE B CA  1 
ATOM   754  C  C   . ILE B 1 54  ? 5.788   22.141  -0.672  1.00 95.80  ? 46  ILE B C   1 
ATOM   755  O  O   . ILE B 1 54  ? 4.819   22.896  -0.559  1.00 92.37  ? 46  ILE B O   1 
ATOM   756  C  CB  . ILE B 1 54  ? 7.253   23.307  -2.352  1.00 97.40  ? 46  ILE B CB  1 
ATOM   757  C  CG1 . ILE B 1 54  ? 8.205   23.074  -3.524  1.00 96.16  ? 46  ILE B CG1 1 
ATOM   758  C  CG2 . ILE B 1 54  ? 8.045   23.832  -1.160  1.00 94.68  ? 46  ILE B CG2 1 
ATOM   759  C  CD1 . ILE B 1 54  ? 9.559   22.548  -3.119  1.00 97.45  ? 46  ILE B CD1 1 
ATOM   760  N  N   . ILE B 1 55  ? 6.254   21.402  0.322   1.00 94.84  ? 47  ILE B N   1 
ATOM   761  C  CA  . ILE B 1 55  ? 5.576   21.374  1.601   1.00 97.12  ? 47  ILE B CA  1 
ATOM   762  C  C   . ILE B 1 55  ? 6.445   21.981  2.679   1.00 94.67  ? 47  ILE B C   1 
ATOM   763  O  O   . ILE B 1 55  ? 7.672   21.954  2.591   1.00 91.69  ? 47  ILE B O   1 
ATOM   764  C  CB  . ILE B 1 55  ? 5.217   19.924  2.013   1.00 98.88  ? 47  ILE B CB  1 
ATOM   765  C  CG1 . ILE B 1 55  ? 4.592   19.172  0.836   1.00 98.01  ? 47  ILE B CG1 1 
ATOM   766  C  CG2 . ILE B 1 55  ? 4.287   19.913  3.218   1.00 95.13  ? 47  ILE B CG2 1 
ATOM   767  C  CD1 . ILE B 1 55  ? 3.337   19.810  0.299   1.00 96.09  ? 47  ILE B CD1 1 
ATOM   768  N  N   . ARG B 1 56  ? 5.791   22.547  3.687   1.00 96.09  ? 48  ARG B N   1 
ATOM   769  C  CA  . ARG B 1 56  ? 6.432   22.789  4.966   1.00 102.24 ? 48  ARG B CA  1 
ATOM   770  C  C   . ARG B 1 56  ? 5.847   21.809  5.985   1.00 104.10 ? 48  ARG B C   1 
ATOM   771  O  O   . ARG B 1 56  ? 4.631   21.745  6.189   1.00 101.00 ? 48  ARG B O   1 
ATOM   772  C  CB  . ARG B 1 56  ? 6.218   24.221  5.441   1.00 100.01 ? 48  ARG B CB  1 
ATOM   773  C  CG  . ARG B 1 56  ? 7.156   24.622  6.560   1.00 102.40 ? 48  ARG B CG  1 
ATOM   774  C  CD  . ARG B 1 56  ? 6.433   25.440  7.606   1.00 107.71 ? 48  ARG B CD  1 
ATOM   775  N  NE  . ARG B 1 56  ? 6.121   26.785  7.135   1.00 117.05 ? 48  ARG B NE  1 
ATOM   776  C  CZ  . ARG B 1 56  ? 6.370   27.897  7.825   1.00 120.38 ? 48  ARG B CZ  1 
ATOM   777  N  NH1 . ARG B 1 56  ? 6.911   27.822  9.035   1.00 120.41 ? 48  ARG B NH1 1 
ATOM   778  N  NH2 . ARG B 1 56  ? 6.063   29.085  7.313   1.00 118.18 ? 48  ARG B NH2 1 
ATOM   779  N  N   . ASP B 1 57  ? 6.719   21.033  6.612   1.00 103.04 ? 49  ASP B N   1 
ATOM   780  C  CA  . ASP B 1 57  ? 6.293   20.068  7.614   1.00 106.92 ? 49  ASP B CA  1 
ATOM   781  C  C   . ASP B 1 57  ? 6.165   20.741  8.966   1.00 108.37 ? 49  ASP B C   1 
ATOM   782  O  O   . ASP B 1 57  ? 5.991   21.961  9.057   1.00 107.51 ? 49  ASP B O   1 
ATOM   783  C  CB  . ASP B 1 57  ? 7.326   18.952  7.739   1.00 109.14 ? 49  ASP B CB  1 
ATOM   784  C  CG  . ASP B 1 57  ? 8.669   19.467  8.207   1.00 109.71 ? 49  ASP B CG  1 
ATOM   785  O  OD1 . ASP B 1 57  ? 8.973   20.640  7.891   1.00 112.49 ? 49  ASP B OD1 1 
ATOM   786  O  OD2 . ASP B 1 57  ? 9.413   18.718  8.880   1.00 104.26 ? 49  ASP B OD2 1 
ATOM   787  N  N   . ALA B 1 58  ? 6.275   19.931  10.018  1.00 105.55 ? 50  ALA B N   1 
ATOM   788  C  CA  . ALA B 1 58  ? 6.325   20.448  11.371  1.00 106.87 ? 50  ALA B CA  1 
ATOM   789  C  C   . ALA B 1 58  ? 7.711   21.028  11.652  1.00 109.13 ? 50  ALA B C   1 
ATOM   790  O  O   . ALA B 1 58  ? 8.145   21.063  12.801  1.00 103.54 ? 50  ALA B O   1 
ATOM   791  C  CB  . ALA B 1 58  ? 5.980   19.363  12.362  1.00 106.78 ? 50  ALA B CB  1 
ATOM   792  N  N   . SER B 1 59  ? 8.383   21.489  10.590  1.00 114.87 ? 51  SER B N   1 
ATOM   793  C  CA  . SER B 1 59  ? 9.702   22.153  10.669  1.00 112.95 ? 51  SER B CA  1 
ATOM   794  C  C   . SER B 1 59  ? 10.115  22.912  9.377   1.00 108.09 ? 51  SER B C   1 
ATOM   795  O  O   . SER B 1 59  ? 9.785   24.085  9.216   1.00 106.61 ? 51  SER B O   1 
ATOM   796  C  CB  . SER B 1 59  ? 10.803  21.154  11.059  1.00 111.75 ? 51  SER B CB  1 
ATOM   797  O  OG  . SER B 1 59  ? 10.448  20.396  12.200  1.00 109.94 ? 51  SER B OG  1 
ATOM   798  N  N   . GLY B 1 60  ? 10.832  22.239  8.472   1.00 106.21 ? 52  GLY B N   1 
ATOM   799  C  CA  . GLY B 1 60  ? 11.408  22.869  7.290   1.00 106.27 ? 52  GLY B CA  1 
ATOM   800  C  C   . GLY B 1 60  ? 10.722  22.637  5.947   1.00 105.96 ? 52  GLY B C   1 
ATOM   801  O  O   . GLY B 1 60  ? 9.595   22.138  5.879   1.00 103.95 ? 52  GLY B O   1 
ATOM   802  N  N   . ALA B 1 61  ? 11.410  23.012  4.868   1.00 104.70 ? 53  ALA B N   1 
ATOM   803  C  CA  . ALA B 1 61  ? 10.855  22.906  3.518   1.00 104.06 ? 53  ALA B CA  1 
ATOM   804  C  C   . ALA B 1 61  ? 11.231  21.608  2.796   1.00 100.36 ? 53  ALA B C   1 
ATOM   805  O  O   . ALA B 1 61  ? 12.400  21.238  2.708   1.00 97.74  ? 53  ALA B O   1 
ATOM   806  C  CB  . ALA B 1 61  ? 11.248  24.124  2.673   1.00 97.39  ? 53  ALA B CB  1 
ATOM   807  N  N   . VAL B 1 62  ? 10.222  20.930  2.264   1.00 99.68  ? 54  VAL B N   1 
ATOM   808  C  CA  . VAL B 1 62  ? 10.445  19.702  1.519   1.00 102.10 ? 54  VAL B CA  1 
ATOM   809  C  C   . VAL B 1 62  ? 9.816   19.791  0.134   1.00 99.30  ? 54  VAL B C   1 
ATOM   810  O  O   . VAL B 1 62  ? 8.639   20.138  -0.008  1.00 94.47  ? 54  VAL B O   1 
ATOM   811  C  CB  . VAL B 1 62  ? 9.855   18.466  2.252   1.00 100.95 ? 54  VAL B CB  1 
ATOM   812  C  CG1 . VAL B 1 62  ? 10.248  17.179  1.539   1.00 98.15  ? 54  VAL B CG1 1 
ATOM   813  C  CG2 . VAL B 1 62  ? 10.304  18.438  3.710   1.00 97.67  ? 54  VAL B CG2 1 
ATOM   814  N  N   . ILE B 1 63  ? 10.615  19.487  -0.882  1.00 98.72  ? 55  ILE B N   1 
ATOM   815  C  CA  . ILE B 1 63  ? 10.084  19.266  -2.213  1.00 100.68 ? 55  ILE B CA  1 
ATOM   816  C  C   . ILE B 1 63  ? 9.458   17.889  -2.210  1.00 100.61 ? 55  ILE B C   1 
ATOM   817  O  O   . ILE B 1 63  ? 9.841   17.029  -1.422  1.00 102.54 ? 55  ILE B O   1 
ATOM   818  C  CB  . ILE B 1 63  ? 11.187  19.264  -3.291  1.00 106.41 ? 55  ILE B CB  1 
ATOM   819  C  CG1 . ILE B 1 63  ? 10.638  19.752  -4.642  1.00 99.07  ? 55  ILE B CG1 1 
ATOM   820  C  CG2 . ILE B 1 63  ? 11.794  17.864  -3.420  1.00 107.05 ? 55  ILE B CG2 1 
ATOM   821  C  CD1 . ILE B 1 63  ? 11.524  19.430  -5.816  1.00 92.88  ? 55  ILE B CD1 1 
ATOM   822  N  N   . GLU B 1 64  ? 8.500   17.678  -3.096  1.00 99.81  ? 56  GLU B N   1 
ATOM   823  C  CA  . GLU B 1 64  ? 7.871   16.379  -3.227  1.00 100.89 ? 56  GLU B CA  1 
ATOM   824  C  C   . GLU B 1 64  ? 7.480   16.132  -4.667  1.00 103.08 ? 56  GLU B C   1 
ATOM   825  O  O   . GLU B 1 64  ? 6.849   16.978  -5.294  1.00 101.46 ? 56  GLU B O   1 
ATOM   826  C  CB  . GLU B 1 64  ? 6.639   16.285  -2.336  1.00 99.06  ? 56  GLU B CB  1 
ATOM   827  C  CG  . GLU B 1 64  ? 6.892   15.605  -1.008  1.00 99.93  ? 56  GLU B CG  1 
ATOM   828  C  CD  . GLU B 1 64  ? 5.604   15.284  -0.286  1.00 97.43  ? 56  GLU B CD  1 
ATOM   829  O  OE1 . GLU B 1 64  ? 4.529   15.688  -0.773  1.00 100.46 ? 56  GLU B OE1 1 
ATOM   830  O  OE2 . GLU B 1 64  ? 5.659   14.627  0.766   1.00 91.18  ? 56  GLU B OE2 1 
ATOM   831  N  N   . GLU B 1 65  ? 7.834   14.960  -5.182  1.00 104.87 ? 57  GLU B N   1 
ATOM   832  C  CA  . GLU B 1 65  ? 7.585   14.648  -6.583  1.00 105.71 ? 57  GLU B CA  1 
ATOM   833  C  C   . GLU B 1 65  ? 6.595   13.485  -6.753  1.00 102.03 ? 57  GLU B C   1 
ATOM   834  O  O   . GLU B 1 65  ? 6.956   12.317  -6.615  1.00 100.99 ? 57  GLU B O   1 
ATOM   835  C  CB  . GLU B 1 65  ? 8.915   14.411  -7.308  1.00 107.05 ? 57  GLU B CB  1 
ATOM   836  C  CG  . GLU B 1 65  ? 10.015  15.397  -6.854  1.00 109.41 ? 57  GLU B CG  1 
ATOM   837  C  CD  . GLU B 1 65  ? 11.017  15.759  -7.955  1.00 119.48 ? 57  GLU B CD  1 
ATOM   838  O  OE1 . GLU B 1 65  ? 11.062  15.050  -8.982  1.00 125.82 ? 57  GLU B OE1 1 
ATOM   839  O  OE2 . GLU B 1 65  ? 11.761  16.758  -7.794  1.00 118.13 ? 57  GLU B OE2 1 
ATOM   840  N  N   . GLN B 1 66  ? 5.346   13.837  -7.059  1.00 100.48 ? 58  GLN B N   1 
ATOM   841  C  CA  . GLN B 1 66  ? 4.237   12.889  -7.085  1.00 100.19 ? 58  GLN B CA  1 
ATOM   842  C  C   . GLN B 1 66  ? 3.890   12.335  -8.459  1.00 102.61 ? 58  GLN B C   1 
ATOM   843  O  O   . GLN B 1 66  ? 3.038   12.888  -9.161  1.00 103.25 ? 58  GLN B O   1 
ATOM   844  C  CB  . GLN B 1 66  ? 2.967   13.516  -6.504  1.00 99.51  ? 58  GLN B CB  1 
ATOM   845  C  CG  . GLN B 1 66  ? 3.012   13.796  -5.023  1.00 98.49  ? 58  GLN B CG  1 
ATOM   846  C  CD  . GLN B 1 66  ? 3.593   15.156  -4.714  1.00 104.75 ? 58  GLN B CD  1 
ATOM   847  O  OE1 . GLN B 1 66  ? 3.806   15.971  -5.614  1.00 105.53 ? 58  GLN B OE1 1 
ATOM   848  N  NE2 . GLN B 1 66  ? 3.849   15.415  -3.433  1.00 104.53 ? 58  GLN B NE2 1 
ATOM   849  N  N   . ILE B 1 67  ? 4.531   11.231  -8.825  1.00 99.91  ? 59  ILE B N   1 
ATOM   850  C  CA  . ILE B 1 67  ? 4.027   10.393  -9.897  1.00 98.72  ? 59  ILE B CA  1 
ATOM   851  C  C   . ILE B 1 67  ? 2.754   9.736   -9.354  1.00 99.51  ? 59  ILE B C   1 
ATOM   852  O  O   . ILE B 1 67  ? 2.751   9.230   -8.233  1.00 98.14  ? 59  ILE B O   1 
ATOM   853  C  CB  . ILE B 1 67  ? 5.028   9.270   -10.248 1.00 100.23 ? 59  ILE B CB  1 
ATOM   854  C  CG1 . ILE B 1 67  ? 6.439   9.588   -9.717  1.00 100.49 ? 59  ILE B CG1 1 
ATOM   855  C  CG2 . ILE B 1 67  ? 4.999   8.963   -11.741 1.00 101.34 ? 59  ILE B CG2 1 
ATOM   856  C  CD1 . ILE B 1 67  ? 7.125   10.752  -10.389 1.00 102.24 ? 59  ILE B CD1 1 
ATOM   857  N  N   . THR B 1 68  ? 1.673   9.752   -10.127 1.00 101.20 ? 60  THR B N   1 
ATOM   858  C  CA  . THR B 1 68  ? 0.438   9.068   -9.730  1.00 98.04  ? 60  THR B CA  1 
ATOM   859  C  C   . THR B 1 68  ? -0.164  8.314   -10.926 1.00 100.80 ? 60  THR B C   1 
ATOM   860  O  O   . THR B 1 68  ? -0.656  8.930   -11.881 1.00 102.12 ? 60  THR B O   1 
ATOM   861  C  CB  . THR B 1 68  ? -0.590  10.048  -9.121  1.00 95.17  ? 60  THR B CB  1 
ATOM   862  O  OG1 . THR B 1 68  ? 0.015   10.758  -8.039  1.00 97.60  ? 60  THR B OG1 1 
ATOM   863  C  CG2 . THR B 1 68  ? -1.789  9.309   -8.588  1.00 90.41  ? 60  THR B CG2 1 
ATOM   864  N  N   . THR B 1 69  ? -0.128  6.982   -10.862 1.00 97.57  ? 61  THR B N   1 
ATOM   865  C  CA  . THR B 1 69  ? -0.382  6.136   -12.032 1.00 97.31  ? 61  THR B CA  1 
ATOM   866  C  C   . THR B 1 69  ? -1.374  4.963   -11.840 1.00 97.20  ? 61  THR B C   1 
ATOM   867  O  O   . THR B 1 69  ? -1.194  4.095   -10.985 1.00 95.26  ? 61  THR B O   1 
ATOM   868  C  CB  . THR B 1 69  ? 0.954   5.598   -12.597 1.00 98.42  ? 61  THR B CB  1 
ATOM   869  O  OG1 . THR B 1 69  ? 1.299   4.364   -11.957 1.00 95.95  ? 61  THR B OG1 1 
ATOM   870  C  CG2 . THR B 1 69  ? 2.070   6.610   -12.368 1.00 101.00 ? 61  THR B CG2 1 
ATOM   871  N  N   . LYS B 1 70  ? -2.407  4.939   -12.674 1.00 99.79  ? 62  LYS B N   1 
ATOM   872  C  CA  . LYS B 1 70  ? -3.422  3.897   -12.627 1.00 100.38 ? 62  LYS B CA  1 
ATOM   873  C  C   . LYS B 1 70  ? -3.106  2.766   -13.599 1.00 100.76 ? 62  LYS B C   1 
ATOM   874  O  O   . LYS B 1 70  ? -2.985  2.984   -14.792 1.00 101.41 ? 62  LYS B O   1 
ATOM   875  C  CB  . LYS B 1 70  ? -4.793  4.496   -12.952 1.00 99.37  ? 62  LYS B CB  1 
ATOM   876  C  CG  . LYS B 1 70  ? -5.743  3.539   -13.660 1.00 107.10 ? 62  LYS B CG  1 
ATOM   877  C  CD  . LYS B 1 70  ? -6.487  2.622   -12.691 1.00 105.68 ? 62  LYS B CD  1 
ATOM   878  C  CE  . LYS B 1 70  ? -7.506  1.771   -13.435 1.00 106.59 ? 62  LYS B CE  1 
ATOM   879  N  NZ  . LYS B 1 70  ? -8.696  1.458   -12.596 1.00 112.55 ? 62  LYS B NZ  1 
ATOM   880  N  N   . LYS B 1 71  ? -2.974  1.552   -13.085 1.00 101.18 ? 63  LYS B N   1 
ATOM   881  C  CA  . LYS B 1 71  ? -2.773  0.403   -13.952 1.00 103.07 ? 63  LYS B CA  1 
ATOM   882  C  C   . LYS B 1 71  ? -3.937  -0.576  -13.856 1.00 105.92 ? 63  LYS B C   1 
ATOM   883  O  O   . LYS B 1 71  ? -4.985  -0.262  -13.290 1.00 104.36 ? 63  LYS B O   1 
ATOM   884  C  CB  . LYS B 1 71  ? -1.464  -0.301  -13.615 1.00 101.87 ? 63  LYS B CB  1 
ATOM   885  C  CG  . LYS B 1 71  ? -0.249  0.565   -13.801 1.00 97.69  ? 63  LYS B CG  1 
ATOM   886  C  CD  . LYS B 1 71  ? 1.008   -0.232  -13.550 1.00 94.79  ? 63  LYS B CD  1 
ATOM   887  C  CE  . LYS B 1 71  ? 1.206   -0.442  -12.075 1.00 93.94  ? 63  LYS B CE  1 
ATOM   888  N  NZ  . LYS B 1 71  ? 1.114   0.851   -11.350 1.00 93.66  ? 63  LYS B NZ  1 
HETATM 889  N  N   . MSE B 1 72  ? -3.734  -1.764  -14.416 1.00 107.40 ? 64  MSE B N   1 
HETATM 890  C  CA  . MSE B 1 72  ? -4.752  -2.799  -14.455 1.00 109.99 ? 64  MSE B CA  1 
HETATM 891  C  C   . MSE B 1 72  ? -4.178  -4.025  -15.140 1.00 114.10 ? 64  MSE B C   1 
HETATM 892  O  O   . MSE B 1 72  ? -3.132  -3.944  -15.778 1.00 111.90 ? 64  MSE B O   1 
HETATM 893  C  CB  . MSE B 1 72  ? -5.978  -2.310  -15.213 1.00 115.10 ? 64  MSE B CB  1 
HETATM 894  C  CG  . MSE B 1 72  ? -7.052  -3.362  -15.356 1.00 124.89 ? 64  MSE B CG  1 
HETATM 895  SE SE  . MSE B 1 72  ? -8.785  -2.636  -15.876 1.00 187.51 ? 64  MSE B SE  1 
HETATM 896  C  CE  . MSE B 1 72  ? -9.767  -4.321  -16.070 1.00 154.57 ? 64  MSE B CE  1 
ATOM   897  N  N   . GLN B 1 73  ? -4.854  -5.164  -15.010 1.00 119.54 ? 65  GLN B N   1 
ATOM   898  C  CA  . GLN B 1 73  ? -4.339  -6.409  -15.572 1.00 121.73 ? 65  GLN B CA  1 
ATOM   899  C  C   . GLN B 1 73  ? -5.302  -7.590  -15.485 1.00 123.57 ? 65  GLN B C   1 
ATOM   900  O  O   . GLN B 1 73  ? -6.521  -7.417  -15.533 1.00 123.11 ? 65  GLN B O   1 
ATOM   901  C  CB  . GLN B 1 73  ? -3.031  -6.782  -14.883 1.00 119.25 ? 65  GLN B CB  1 
ATOM   902  C  CG  . GLN B 1 73  ? -3.132  -6.729  -13.376 1.00 117.26 ? 65  GLN B CG  1 
ATOM   903  C  CD  . GLN B 1 73  ? -1.852  -7.146  -12.702 1.00 117.80 ? 65  GLN B CD  1 
ATOM   904  O  OE1 . GLN B 1 73  ? -0.788  -7.155  -13.320 1.00 119.75 ? 65  GLN B OE1 1 
ATOM   905  N  NE2 . GLN B 1 73  ? -1.944  -7.498  -11.425 1.00 116.66 ? 65  GLN B NE2 1 
ATOM   906  N  N   . ARG B 1 74  ? -4.723  -8.782  -15.338 1.00 126.70 ? 66  ARG B N   1 
ATOM   907  C  CA  . ARG B 1 74  ? -5.438  -10.058 -15.441 1.00 131.56 ? 66  ARG B CA  1 
ATOM   908  C  C   . ARG B 1 74  ? -6.959  -9.957  -15.372 1.00 132.96 ? 66  ARG B C   1 
ATOM   909  O  O   . ARG B 1 74  ? -7.667  -10.707 -16.047 1.00 134.36 ? 66  ARG B O   1 
ATOM   910  C  CB  . ARG B 1 74  ? -4.927  -11.082 -14.414 1.00 130.99 ? 66  ARG B CB  1 
ATOM   911  C  CG  . ARG B 1 74  ? -5.585  -12.463 -14.539 1.00 133.68 ? 66  ARG B CG  1 
ATOM   912  C  CD  . ARG B 1 74  ? -5.207  -13.173 -15.850 1.00 140.10 ? 66  ARG B CD  1 
ATOM   913  N  NE  . ARG B 1 74  ? -5.193  -12.277 -17.013 1.00 143.46 ? 66  ARG B NE  1 
ATOM   914  C  CZ  . ARG B 1 74  ? -4.754  -12.608 -18.229 1.00 144.81 ? 66  ARG B CZ  1 
ATOM   915  N  NH1 . ARG B 1 74  ? -4.289  -13.829 -18.469 1.00 144.31 ? 66  ARG B NH1 1 
ATOM   916  N  NH2 . ARG B 1 74  ? -4.778  -11.713 -19.213 1.00 141.25 ? 66  ARG B NH2 1 
ATOM   917  N  N   . ASN B 1 85  ? -17.614 -15.044 -4.135  1.00 125.11 ? 77  ASN B N   1 
ATOM   918  C  CA  . ASN B 1 85  ? -18.576 -13.966 -3.914  1.00 125.74 ? 77  ASN B CA  1 
ATOM   919  C  C   . ASN B 1 85  ? -17.949 -12.813 -3.136  1.00 123.27 ? 77  ASN B C   1 
ATOM   920  O  O   . ASN B 1 85  ? -18.616 -12.136 -2.344  1.00 117.51 ? 77  ASN B O   1 
ATOM   921  C  CB  . ASN B 1 85  ? -19.807 -14.490 -3.170  1.00 124.23 ? 77  ASN B CB  1 
ATOM   922  C  CG  . ASN B 1 85  ? -21.085 -13.773 -3.580  1.00 126.42 ? 77  ASN B CG  1 
ATOM   923  O  OD1 . ASN B 1 85  ? -21.047 -12.662 -4.114  1.00 120.99 ? 77  ASN B OD1 1 
ATOM   924  N  ND2 . ASN B 1 85  ? -22.227 -14.415 -3.340  1.00 128.41 ? 77  ASN B ND2 1 
ATOM   925  N  N   . GLU B 1 86  ? -16.659 -12.591 -3.385  1.00 122.97 ? 78  GLU B N   1 
ATOM   926  C  CA  . GLU B 1 86  ? -15.865 -11.670 -2.585  1.00 117.60 ? 78  GLU B CA  1 
ATOM   927  C  C   . GLU B 1 86  ? -15.161 -10.591 -3.412  1.00 117.90 ? 78  GLU B C   1 
ATOM   928  O  O   . GLU B 1 86  ? -14.962 -10.745 -4.617  1.00 117.69 ? 78  GLU B O   1 
ATOM   929  C  CB  . GLU B 1 86  ? -14.830 -12.457 -1.778  1.00 114.29 ? 78  GLU B CB  1 
ATOM   930  C  CG  . GLU B 1 86  ? -15.441 -13.396 -0.750  1.00 119.41 ? 78  GLU B CG  1 
ATOM   931  C  CD  . GLU B 1 86  ? -14.619 -14.661 -0.532  1.00 123.56 ? 78  GLU B CD  1 
ATOM   932  O  OE1 . GLU B 1 86  ? -14.235 -15.303 -1.536  1.00 125.76 ? 78  GLU B OE1 1 
ATOM   933  O  OE2 . GLU B 1 86  ? -14.372 -15.021 0.643   1.00 120.90 ? 78  GLU B OE2 1 
ATOM   934  N  N   . LYS B 1 87  ? -14.796 -9.499  -2.744  1.00 112.44 ? 79  LYS B N   1 
ATOM   935  C  CA  . LYS B 1 87  ? -13.957 -8.460  -3.326  1.00 103.94 ? 79  LYS B CA  1 
ATOM   936  C  C   . LYS B 1 87  ? -12.749 -8.254  -2.418  1.00 101.41 ? 79  LYS B C   1 
ATOM   937  O  O   . LYS B 1 87  ? -12.885 -8.120  -1.207  1.00 103.03 ? 79  LYS B O   1 
ATOM   938  C  CB  . LYS B 1 87  ? -14.746 -7.149  -3.494  1.00 107.27 ? 79  LYS B CB  1 
ATOM   939  C  CG  . LYS B 1 87  ? -14.019 -6.033  -4.292  1.00 108.08 ? 79  LYS B CG  1 
ATOM   940  C  CD  . LYS B 1 87  ? -14.991 -4.962  -4.826  1.00 104.10 ? 79  LYS B CD  1 
ATOM   941  C  CE  . LYS B 1 87  ? -14.480 -4.291  -6.113  1.00 102.69 ? 79  LYS B CE  1 
ATOM   942  N  NZ  . LYS B 1 87  ? -15.515 -3.460  -6.828  1.00 98.72  ? 79  LYS B NZ  1 
HETATM 943  N  N   . MSE B 1 88  ? -11.564 -8.233  -3.007  1.00 101.81 ? 80  MSE B N   1 
HETATM 944  C  CA  . MSE B 1 88  ? -10.344 -8.042  -2.244  1.00 100.66 ? 80  MSE B CA  1 
HETATM 945  C  C   . MSE B 1 88  ? -9.669  -6.693  -2.548  1.00 100.39 ? 80  MSE B C   1 
HETATM 946  O  O   . MSE B 1 88  ? -9.149  -6.474  -3.644  1.00 99.01  ? 80  MSE B O   1 
HETATM 947  C  CB  . MSE B 1 88  ? -9.380  -9.203  -2.504  1.00 101.00 ? 80  MSE B CB  1 
HETATM 948  C  CG  . MSE B 1 88  ? -8.044  -9.085  -1.781  1.00 104.37 ? 80  MSE B CG  1 
HETATM 949  SE SE  . MSE B 1 88  ? -8.209  -8.890  0.169   1.00 122.65 ? 80  MSE B SE  1 
HETATM 950  C  CE  . MSE B 1 88  ? -8.715  -10.726 0.604   1.00 113.97 ? 80  MSE B CE  1 
ATOM   951  N  N   . ILE B 1 89  ? -9.678  -5.799  -1.563  1.00 96.99  ? 81  ILE B N   1 
ATOM   952  C  CA  . ILE B 1 89  ? -8.995  -4.515  -1.677  1.00 91.09  ? 81  ILE B CA  1 
ATOM   953  C  C   . ILE B 1 89  ? -7.772  -4.462  -0.755  1.00 88.22  ? 81  ILE B C   1 
ATOM   954  O  O   . ILE B 1 89  ? -7.884  -4.110  0.416   1.00 90.51  ? 81  ILE B O   1 
ATOM   955  C  CB  . ILE B 1 89  ? -9.948  -3.341  -1.333  1.00 91.12  ? 81  ILE B CB  1 
ATOM   956  C  CG1 . ILE B 1 89  ? -11.261 -3.459  -2.115  1.00 91.93  ? 81  ILE B CG1 1 
ATOM   957  C  CG2 . ILE B 1 89  ? -9.278  -1.999  -1.596  1.00 85.81  ? 81  ILE B CG2 1 
ATOM   958  C  CD1 . ILE B 1 89  ? -12.273 -2.393  -1.762  1.00 87.36  ? 81  ILE B CD1 1 
ATOM   959  N  N   . LYS B 1 90  ? -6.606  -4.817  -1.286  1.00 86.42  ? 82  LYS B N   1 
ATOM   960  C  CA  . LYS B 1 90  ? -5.357  -4.709  -0.536  1.00 84.13  ? 82  LYS B CA  1 
ATOM   961  C  C   . LYS B 1 90  ? -4.710  -3.319  -0.668  1.00 83.68  ? 82  LYS B C   1 
ATOM   962  O  O   . LYS B 1 90  ? -4.724  -2.695  -1.721  1.00 81.67  ? 82  LYS B O   1 
ATOM   963  C  CB  . LYS B 1 90  ? -4.363  -5.784  -0.978  1.00 81.23  ? 82  LYS B CB  1 
ATOM   964  C  CG  . LYS B 1 90  ? -5.007  -7.088  -1.345  1.00 85.00  ? 82  LYS B CG  1 
ATOM   965  C  CD  . LYS B 1 90  ? -3.975  -8.086  -1.829  1.00 93.42  ? 82  LYS B CD  1 
ATOM   966  C  CE  . LYS B 1 90  ? -3.149  -8.663  -0.680  1.00 91.06  ? 82  LYS B CE  1 
ATOM   967  N  NZ  . LYS B 1 90  ? -2.113  -9.640  -1.164  1.00 90.39  ? 82  LYS B NZ  1 
ATOM   968  N  N   . THR B 1 91  ? -4.124  -2.853  0.419   1.00 83.68  ? 83  THR B N   1 
ATOM   969  C  CA  . THR B 1 91  ? -3.478  -1.562  0.438   1.00 78.97  ? 83  THR B CA  1 
ATOM   970  C  C   . THR B 1 91  ? -2.049  -1.700  0.916   1.00 80.24  ? 83  THR B C   1 
ATOM   971  O  O   . THR B 1 91  ? -1.751  -2.490  1.808   1.00 79.30  ? 83  THR B O   1 
ATOM   972  C  CB  . THR B 1 91  ? -4.203  -0.632  1.385   1.00 81.64  ? 83  THR B CB  1 
ATOM   973  O  OG1 . THR B 1 91  ? -4.900  0.355   0.618   1.00 79.59  ? 83  THR B OG1 1 
ATOM   974  C  CG2 . THR B 1 91  ? -3.207  0.035   2.354   1.00 79.42  ? 83  THR B CG2 1 
ATOM   975  N  N   . PHE B 1 92  ? -1.157  -0.933  0.313   1.00 80.66  ? 84  PHE B N   1 
ATOM   976  C  CA  . PHE B 1 92  ? 0.235   -0.987  0.702   1.00 82.38  ? 84  PHE B CA  1 
ATOM   977  C  C   . PHE B 1 92  ? 0.777   0.420   0.812   1.00 79.64  ? 84  PHE B C   1 
ATOM   978  O  O   . PHE B 1 92  ? 0.435   1.285   0.021   1.00 76.90  ? 84  PHE B O   1 
ATOM   979  C  CB  . PHE B 1 92  ? 1.060   -1.778  -0.312  1.00 81.77  ? 84  PHE B CB  1 
ATOM   980  C  CG  . PHE B 1 92  ? 0.807   -3.254  -0.294  1.00 81.03  ? 84  PHE B CG  1 
ATOM   981  C  CD1 . PHE B 1 92  ? 1.665   -4.108  0.380   1.00 85.53  ? 84  PHE B CD1 1 
ATOM   982  C  CD2 . PHE B 1 92  ? -0.271  -3.797  -0.975  1.00 84.55  ? 84  PHE B CD2 1 
ATOM   983  C  CE1 . PHE B 1 92  ? 1.446   -5.485  0.386   1.00 82.45  ? 84  PHE B CE1 1 
ATOM   984  C  CE2 . PHE B 1 92  ? -0.500  -5.171  -0.969  1.00 86.38  ? 84  PHE B CE2 1 
ATOM   985  C  CZ  . PHE B 1 92  ? 0.362   -6.012  -0.289  1.00 84.18  ? 84  PHE B CZ  1 
ATOM   986  N  N   . VAL B 1 93  ? 1.619   0.636   1.813   1.00 78.10  ? 85  VAL B N   1 
ATOM   987  C  CA  . VAL B 1 93  ? 2.301   1.899   1.977   1.00 79.40  ? 85  VAL B CA  1 
ATOM   988  C  C   . VAL B 1 93  ? 3.752   1.606   2.354   1.00 82.12  ? 85  VAL B C   1 
ATOM   989  O  O   . VAL B 1 93  ? 4.063   1.275   3.503   1.00 78.15  ? 85  VAL B O   1 
ATOM   990  C  CB  . VAL B 1 93  ? 1.594   2.826   3.011   1.00 75.99  ? 85  VAL B CB  1 
ATOM   991  C  CG1 . VAL B 1 93  ? 2.380   4.112   3.219   1.00 75.26  ? 85  VAL B CG1 1 
ATOM   992  C  CG2 . VAL B 1 93  ? 0.173   3.151   2.561   1.00 69.99  ? 85  VAL B CG2 1 
ATOM   993  N  N   . ILE B 1 94  ? 4.629   1.728   1.359   1.00 85.53  ? 86  ILE B N   1 
ATOM   994  C  CA  . ILE B 1 94  ? 6.046   1.435   1.525   1.00 85.12  ? 86  ILE B CA  1 
ATOM   995  C  C   . ILE B 1 94  ? 6.874   2.703   1.665   1.00 85.93  ? 86  ILE B C   1 
ATOM   996  O  O   . ILE B 1 94  ? 7.004   3.484   0.727   1.00 85.46  ? 86  ILE B O   1 
ATOM   997  C  CB  . ILE B 1 94  ? 6.616   0.628   0.346   1.00 86.62  ? 86  ILE B CB  1 
ATOM   998  C  CG1 . ILE B 1 94  ? 5.853   -0.683  0.152   1.00 83.09  ? 86  ILE B CG1 1 
ATOM   999  C  CG2 . ILE B 1 94  ? 8.083   0.340   0.575   1.00 90.31  ? 86  ILE B CG2 1 
ATOM   1000 C  CD1 . ILE B 1 94  ? 4.493   -0.535  -0.493  1.00 84.28  ? 86  ILE B CD1 1 
ATOM   1001 N  N   . THR B 1 95  ? 7.430   2.882   2.856   1.00 89.36  ? 87  THR B N   1 
ATOM   1002 C  CA  . THR B 1 95  ? 8.356   3.957   3.138   1.00 88.19  ? 87  THR B CA  1 
ATOM   1003 C  C   . THR B 1 95  ? 9.769   3.405   3.040   1.00 88.98  ? 87  THR B C   1 
ATOM   1004 O  O   . THR B 1 95  ? 10.118  2.458   3.728   1.00 90.11  ? 87  THR B O   1 
ATOM   1005 C  CB  . THR B 1 95  ? 8.141   4.511   4.557   1.00 87.52  ? 87  THR B CB  1 
ATOM   1006 O  OG1 . THR B 1 95  ? 6.742   4.720   4.790   1.00 82.92  ? 87  THR B OG1 1 
ATOM   1007 C  CG2 . THR B 1 95  ? 8.889   5.816   4.736   1.00 88.90  ? 87  THR B CG2 1 
ATOM   1008 N  N   . THR B 1 96  ? 10.570  3.992   2.162   1.00 94.60  ? 88  THR B N   1 
ATOM   1009 C  CA  . THR B 1 96  ? 11.966  3.612   2.009   1.00 95.68  ? 88  THR B CA  1 
ATOM   1010 C  C   . THR B 1 96  ? 12.818  4.839   2.308   1.00 99.34  ? 88  THR B C   1 
ATOM   1011 O  O   . THR B 1 96  ? 12.344  5.966   2.201   1.00 97.37  ? 88  THR B O   1 
ATOM   1012 C  CB  . THR B 1 96  ? 12.264  3.148   0.574   1.00 95.86  ? 88  THR B CB  1 
ATOM   1013 O  OG1 . THR B 1 96  ? 11.133  2.446   0.038   1.00 93.47  ? 88  THR B OG1 1 
ATOM   1014 C  CG2 . THR B 1 96  ? 13.491  2.255   0.549   1.00 98.90  ? 88  THR B CG2 1 
ATOM   1015 N  N   . ASP B 1 97  ? 14.075  4.634   2.678   1.00 105.17 ? 89  ASP B N   1 
ATOM   1016 C  CA  . ASP B 1 97  ? 14.927  5.767   3.023   1.00 108.51 ? 89  ASP B CA  1 
ATOM   1017 C  C   . ASP B 1 97  ? 16.343  5.654   2.454   1.00 116.19 ? 89  ASP B C   1 
ATOM   1018 O  O   . ASP B 1 97  ? 16.690  4.654   1.823   1.00 114.90 ? 89  ASP B O   1 
ATOM   1019 C  CB  . ASP B 1 97  ? 14.966  5.977   4.541   1.00 111.27 ? 89  ASP B CB  1 
ATOM   1020 C  CG  . ASP B 1 97  ? 15.862  4.979   5.255   1.00 113.07 ? 89  ASP B CG  1 
ATOM   1021 O  OD1 . ASP B 1 97  ? 16.428  4.091   4.592   1.00 116.20 ? 89  ASP B OD1 1 
ATOM   1022 O  OD2 . ASP B 1 97  ? 16.006  5.083   6.490   1.00 112.92 ? 89  ASP B OD2 1 
ATOM   1023 N  N   . SER B 1 98  ? 17.147  6.689   2.694   1.00 122.35 ? 90  SER B N   1 
ATOM   1024 C  CA  . SER B 1 98  ? 18.513  6.792   2.166   1.00 122.64 ? 90  SER B CA  1 
ATOM   1025 C  C   . SER B 1 98  ? 19.465  5.727   2.721   1.00 123.45 ? 90  SER B C   1 
ATOM   1026 O  O   . SER B 1 98  ? 20.669  5.750   2.448   1.00 123.46 ? 90  SER B O   1 
ATOM   1027 C  CB  . SER B 1 98  ? 19.073  8.196   2.421   1.00 118.55 ? 90  SER B CB  1 
ATOM   1028 O  OG  . SER B 1 98  ? 18.535  8.750   3.611   1.00 116.31 ? 90  SER B OG  1 
ATOM   1029 N  N   . ASP B 1 99  ? 18.912  4.799   3.498   1.00 122.65 ? 91  ASP B N   1 
ATOM   1030 C  CA  . ASP B 1 99  ? 19.669  3.671   4.037   1.00 123.51 ? 91  ASP B CA  1 
ATOM   1031 C  C   . ASP B 1 99  ? 19.075  2.331   3.581   1.00 121.94 ? 91  ASP B C   1 
ATOM   1032 O  O   . ASP B 1 99  ? 19.190  1.328   4.281   1.00 122.41 ? 91  ASP B O   1 
ATOM   1033 C  CB  . ASP B 1 99  ? 19.697  3.724   5.571   1.00 123.35 ? 91  ASP B CB  1 
ATOM   1034 C  CG  . ASP B 1 99  ? 20.523  4.887   6.112   1.00 128.18 ? 91  ASP B CG  1 
ATOM   1035 O  OD1 . ASP B 1 99  ? 21.145  5.620   5.304   1.00 126.25 ? 91  ASP B OD1 1 
ATOM   1036 O  OD2 . ASP B 1 99  ? 20.547  5.060   7.352   1.00 128.17 ? 91  ASP B OD2 1 
ATOM   1037 N  N   . GLY B 1 100 ? 18.432  2.323   2.415   1.00 122.24 ? 92  GLY B N   1 
ATOM   1038 C  CA  . GLY B 1 100 ? 17.826  1.114   1.876   1.00 120.57 ? 92  GLY B CA  1 
ATOM   1039 C  C   . GLY B 1 100 ? 16.701  0.534   2.721   1.00 119.44 ? 92  GLY B C   1 
ATOM   1040 O  O   . GLY B 1 100 ? 16.016  -0.396  2.288   1.00 120.96 ? 92  GLY B O   1 
ATOM   1041 N  N   . ASN B 1 101 ? 16.508  1.090   3.917   1.00 117.70 ? 93  ASN B N   1 
ATOM   1042 C  CA  . ASN B 1 101 ? 15.529  0.594   4.889   1.00 113.86 ? 93  ASN B CA  1 
ATOM   1043 C  C   . ASN B 1 101 ? 14.067  0.778   4.483   1.00 106.34 ? 93  ASN B C   1 
ATOM   1044 O  O   . ASN B 1 101 ? 13.581  1.905   4.396   1.00 105.06 ? 93  ASN B O   1 
ATOM   1045 C  CB  . ASN B 1 101 ? 15.751  1.268   6.247   1.00 118.15 ? 93  ASN B CB  1 
ATOM   1046 C  CG  . ASN B 1 101 ? 16.844  0.603   7.065   1.00 121.01 ? 93  ASN B CG  1 
ATOM   1047 O  OD1 . ASN B 1 101 ? 17.039  0.929   8.240   1.00 119.32 ? 93  ASN B OD1 1 
ATOM   1048 N  ND2 . ASN B 1 101 ? 17.556  -0.337  6.452   1.00 120.94 ? 93  ASN B ND2 1 
ATOM   1049 N  N   . GLU B 1 102 ? 13.364  -0.332  4.266   1.00 105.47 ? 94  GLU B N   1 
ATOM   1050 C  CA  . GLU B 1 102 ? 11.955  -0.286  3.886   1.00 99.59  ? 94  GLU B CA  1 
ATOM   1051 C  C   . GLU B 1 102 ? 11.022  -0.675  5.019   1.00 97.60  ? 94  GLU B C   1 
ATOM   1052 O  O   . GLU B 1 102 ? 11.250  -1.672  5.703   1.00 96.56  ? 94  GLU B O   1 
ATOM   1053 C  CB  . GLU B 1 102 ? 11.684  -1.212  2.710   1.00 98.10  ? 94  GLU B CB  1 
ATOM   1054 C  CG  . GLU B 1 102 ? 12.208  -0.704  1.411   1.00 104.09 ? 94  GLU B CG  1 
ATOM   1055 C  CD  . GLU B 1 102 ? 11.311  -1.089  0.276   1.00 107.04 ? 94  GLU B CD  1 
ATOM   1056 O  OE1 . GLU B 1 102 ? 10.267  -1.709  0.569   1.00 102.71 ? 94  GLU B OE1 1 
ATOM   1057 O  OE2 . GLU B 1 102 ? 11.639  -0.770  -0.892  1.00 109.60 ? 94  GLU B OE2 1 
ATOM   1058 N  N   . SER B 1 103 ? 9.967   0.110   5.212   1.00 92.02  ? 95  SER B N   1 
ATOM   1059 C  CA  . SER B 1 103 ? 8.897   -0.309  6.097   1.00 88.88  ? 95  SER B CA  1 
ATOM   1060 C  C   . SER B 1 103 ? 7.566   -0.276  5.356   1.00 85.92  ? 95  SER B C   1 
ATOM   1061 O  O   . SER B 1 103 ? 7.149   0.756   4.829   1.00 85.80  ? 95  SER B O   1 
ATOM   1062 C  CB  . SER B 1 103 ? 8.864   0.505   7.397   1.00 87.55  ? 95  SER B CB  1 
ATOM   1063 O  OG  . SER B 1 103 ? 7.803   1.437   7.409   1.00 94.39  ? 95  SER B OG  1 
ATOM   1064 N  N   . ILE B 1 104 ? 6.934   -1.443  5.306   1.00 84.17  ? 96  ILE B N   1 
ATOM   1065 C  CA  . ILE B 1 104 ? 5.659   -1.650  4.647   1.00 81.69  ? 96  ILE B CA  1 
ATOM   1066 C  C   . ILE B 1 104 ? 4.537   -1.691  5.681   1.00 81.55  ? 96  ILE B C   1 
ATOM   1067 O  O   . ILE B 1 104 ? 4.746   -2.006  6.847   1.00 81.25  ? 96  ILE B O   1 
ATOM   1068 C  CB  . ILE B 1 104 ? 5.646   -2.993  3.867   1.00 80.13  ? 96  ILE B CB  1 
ATOM   1069 C  CG1 . ILE B 1 104 ? 6.917   -3.160  3.039   1.00 78.46  ? 96  ILE B CG1 1 
ATOM   1070 C  CG2 . ILE B 1 104 ? 4.396   -3.126  2.990   1.00 77.35  ? 96  ILE B CG2 1 
ATOM   1071 C  CD1 . ILE B 1 104 ? 8.142   -3.530  3.847   1.00 86.27  ? 96  ILE B CD1 1 
ATOM   1072 N  N   . VAL B 1 105 ? 3.339   -1.354  5.230   1.00 82.17  ? 97  VAL B N   1 
ATOM   1073 C  CA  . VAL B 1 105 ? 2.135   -1.492  6.018   1.00 77.10  ? 97  VAL B CA  1 
ATOM   1074 C  C   . VAL B 1 105 ? 1.053   -1.939  5.046   1.00 79.30  ? 97  VAL B C   1 
ATOM   1075 O  O   . VAL B 1 105 ? 0.654   -1.192  4.148   1.00 78.39  ? 97  VAL B O   1 
ATOM   1076 C  CB  . VAL B 1 105 ? 1.738   -0.169  6.693   1.00 74.73  ? 97  VAL B CB  1 
ATOM   1077 C  CG1 . VAL B 1 105 ? 0.257   -0.147  7.014   1.00 74.76  ? 97  VAL B CG1 1 
ATOM   1078 C  CG2 . VAL B 1 105 ? 2.566   0.053   7.940   1.00 73.02  ? 97  VAL B CG2 1 
ATOM   1079 N  N   . GLU B 1 106 ? 0.614   -3.179  5.208   1.00 79.46  ? 98  GLU B N   1 
ATOM   1080 C  CA  . GLU B 1 106 ? -0.434  -3.720  4.370   1.00 78.03  ? 98  GLU B CA  1 
ATOM   1081 C  C   . GLU B 1 106 ? -1.759  -3.655  5.105   1.00 76.17  ? 98  GLU B C   1 
ATOM   1082 O  O   . GLU B 1 106 ? -1.801  -3.649  6.324   1.00 75.65  ? 98  GLU B O   1 
ATOM   1083 C  CB  . GLU B 1 106 ? -0.115  -5.157  3.975   1.00 79.61  ? 98  GLU B CB  1 
ATOM   1084 C  CG  . GLU B 1 106 ? -1.025  -5.704  2.897   1.00 80.49  ? 98  GLU B CG  1 
ATOM   1085 C  CD  . GLU B 1 106 ? -0.686  -7.126  2.543   1.00 83.98  ? 98  GLU B CD  1 
ATOM   1086 O  OE1 . GLU B 1 106 ? 0.419   -7.580  2.923   1.00 87.03  ? 98  GLU B OE1 1 
ATOM   1087 O  OE2 . GLU B 1 106 ? -1.519  -7.790  1.889   1.00 83.95  ? 98  GLU B OE2 1 
ATOM   1088 N  N   . GLU B 1 107 ? -2.838  -3.548  4.347   1.00 78.42  ? 99  GLU B N   1 
ATOM   1089 C  CA  . GLU B 1 107 ? -4.167  -3.685  4.897   1.00 78.81  ? 99  GLU B CA  1 
ATOM   1090 C  C   . GLU B 1 107 ? -5.050  -4.370  3.873   1.00 82.95  ? 99  GLU B C   1 
ATOM   1091 O  O   . GLU B 1 107 ? -5.312  -3.838  2.796   1.00 79.98  ? 99  GLU B O   1 
ATOM   1092 C  CB  . GLU B 1 107 ? -4.762  -2.350  5.308   1.00 78.43  ? 99  GLU B CB  1 
ATOM   1093 C  CG  . GLU B 1 107 ? -6.215  -2.467  5.753   1.00 83.94  ? 99  GLU B CG  1 
ATOM   1094 C  CD  . GLU B 1 107 ? -6.636  -1.353  6.707   1.00 88.98  ? 99  GLU B CD  1 
ATOM   1095 O  OE1 . GLU B 1 107 ? -5.981  -1.194  7.760   1.00 90.00  ? 99  GLU B OE1 1 
ATOM   1096 O  OE2 . GLU B 1 107 ? -7.630  -0.646  6.414   1.00 87.70  ? 99  GLU B OE2 1 
ATOM   1097 N  N   . ASP B 1 108 ? -5.476  -5.578  4.222   1.00 85.48  ? 100 ASP B N   1 
ATOM   1098 C  CA  . ASP B 1 108 ? -6.350  -6.362  3.386   1.00 83.19  ? 100 ASP B CA  1 
ATOM   1099 C  C   . ASP B 1 108 ? -7.770  -6.170  3.877   1.00 88.03  ? 100 ASP B C   1 
ATOM   1100 O  O   . ASP B 1 108 ? -8.069  -6.413  5.048   1.00 86.39  ? 100 ASP B O   1 
ATOM   1101 C  CB  . ASP B 1 108 ? -5.958  -7.833  3.461   1.00 83.38  ? 100 ASP B CB  1 
ATOM   1102 C  CG  . ASP B 1 108 ? -4.489  -8.064  3.155   1.00 85.72  ? 100 ASP B CG  1 
ATOM   1103 O  OD1 . ASP B 1 108 ? -3.893  -7.240  2.430   1.00 87.13  ? 100 ASP B OD1 1 
ATOM   1104 O  OD2 . ASP B 1 108 ? -3.925  -9.070  3.634   1.00 88.80  ? 100 ASP B OD2 1 
ATOM   1105 N  N   . VAL B 1 109 ? -8.633  -5.704  2.981   1.00 89.80  ? 101 VAL B N   1 
ATOM   1106 C  CA  . VAL B 1 109 ? -10.050 -5.609  3.273   1.00 90.95  ? 101 VAL B CA  1 
ATOM   1107 C  C   . VAL B 1 109 ? -10.828 -6.535  2.359   1.00 97.65  ? 101 VAL B C   1 
ATOM   1108 O  O   . VAL B 1 109 ? -11.209 -6.162  1.248   1.00 98.82  ? 101 VAL B O   1 
ATOM   1109 C  CB  . VAL B 1 109 ? -10.562 -4.196  3.117   1.00 87.87  ? 101 VAL B CB  1 
ATOM   1110 C  CG1 . VAL B 1 109 ? -12.077 -4.186  3.199   1.00 95.61  ? 101 VAL B CG1 1 
ATOM   1111 C  CG2 . VAL B 1 109 ? -9.961  -3.324  4.197   1.00 88.95  ? 101 VAL B CG2 1 
ATOM   1112 N  N   . LEU B 1 110 ? -11.046 -7.754  2.844   1.00 98.23  ? 102 LEU B N   1 
ATOM   1113 C  CA  . LEU B 1 110 ? -11.789 -8.764  2.114   1.00 99.48  ? 102 LEU B CA  1 
ATOM   1114 C  C   . LEU B 1 110 ? -13.270 -8.559  2.335   1.00 99.54  ? 102 LEU B C   1 
ATOM   1115 O  O   . LEU B 1 110 ? -13.687 -8.099  3.392   1.00 101.32 ? 102 LEU B O   1 
ATOM   1116 C  CB  . LEU B 1 110 ? -11.386 -10.154 2.591   1.00 104.11 ? 102 LEU B CB  1 
ATOM   1117 C  CG  . LEU B 1 110 ? -12.222 -11.331 2.090   1.00 107.90 ? 102 LEU B CG  1 
ATOM   1118 C  CD1 . LEU B 1 110 ? -12.252 -11.386 0.570   1.00 106.44 ? 102 LEU B CD1 1 
ATOM   1119 C  CD2 . LEU B 1 110 ? -11.669 -12.620 2.667   1.00 108.58 ? 102 LEU B CD2 1 
HETATM 1120 N  N   . MSE B 1 111 ? -14.067 -8.902  1.334   1.00 101.91 ? 103 MSE B N   1 
HETATM 1121 C  CA  . MSE B 1 111 ? -15.495 -8.665  1.412   1.00 104.88 ? 103 MSE B CA  1 
HETATM 1122 C  C   . MSE B 1 111 ? -16.285 -9.776  0.778   1.00 107.69 ? 103 MSE B C   1 
HETATM 1123 O  O   . MSE B 1 111 ? -16.359 -9.872  -0.441  1.00 108.03 ? 103 MSE B O   1 
HETATM 1124 C  CB  . MSE B 1 111 ? -15.862 -7.369  0.706   1.00 105.23 ? 103 MSE B CB  1 
HETATM 1125 C  CG  . MSE B 1 111 ? -15.297 -6.124  1.342   1.00 108.70 ? 103 MSE B CG  1 
HETATM 1126 SE SE  . MSE B 1 111 ? -15.734 -4.564  0.254   1.00 132.16 ? 103 MSE B SE  1 
HETATM 1127 C  CE  . MSE B 1 111 ? -17.613 -4.274  0.771   1.00 103.32 ? 103 MSE B CE  1 
ATOM   1128 N  N   . LYS B 1 112 ? -16.888 -10.610 1.610   1.00 110.52 ? 104 LYS B N   1 
ATOM   1129 C  CA  . LYS B 1 112 ? -17.867 -11.561 1.120   1.00 111.58 ? 104 LYS B CA  1 
ATOM   1130 C  C   . LYS B 1 112 ? -19.259 -11.049 1.427   1.00 106.14 ? 104 LYS B C   1 
ATOM   1131 O  O   . LYS B 1 112 ? -19.448 -10.211 2.305   1.00 103.23 ? 104 LYS B O   1 
ATOM   1132 C  CB  . LYS B 1 112 ? -17.651 -12.966 1.707   1.00 112.40 ? 104 LYS B CB  1 
ATOM   1133 C  CG  . LYS B 1 112 ? -16.909 -13.016 3.045   1.00 115.30 ? 104 LYS B CG  1 
ATOM   1134 C  CD  . LYS B 1 112 ? -16.452 -14.446 3.366   1.00 120.26 ? 104 LYS B CD  1 
ATOM   1135 C  CE  . LYS B 1 112 ? -15.471 -14.508 4.546   1.00 119.29 ? 104 LYS B CE  1 
ATOM   1136 N  NZ  . LYS B 1 112 ? -15.083 -15.914 4.914   1.00 116.42 ? 104 LYS B NZ  1 
ATOM   1137 N  N   . THR B 1 113 ? -20.226 -11.538 0.670   1.00 108.81 ? 105 THR B N   1 
ATOM   1138 C  CA  . THR B 1 113 ? -21.620 -11.292 0.978   1.00 109.43 ? 105 THR B CA  1 
ATOM   1139 C  C   . THR B 1 113 ? -22.247 -12.543 1.598   1.00 112.45 ? 105 THR B C   1 
ATOM   1140 O  O   . THR B 1 113 ? -22.265 -13.616 0.985   1.00 112.99 ? 105 THR B O   1 
ATOM   1141 C  CB  . THR B 1 113 ? -22.404 -10.867 -0.268  1.00 113.39 ? 105 THR B CB  1 
ATOM   1142 O  OG1 . THR B 1 113 ? -23.617 -11.630 -0.348  1.00 114.28 ? 105 THR B OG1 1 
ATOM   1143 C  CG2 . THR B 1 113 ? -21.570 -11.110 -1.523  1.00 116.47 ? 105 THR B CG2 1 
ATOM   1144 N  N   . LEU B 1 114 ? -22.730 -12.399 2.830   1.00 111.19 ? 106 LEU B N   1 
ATOM   1145 C  CA  . LEU B 1 114 ? -23.444 -13.458 3.530   1.00 106.88 ? 106 LEU B CA  1 
ATOM   1146 C  C   . LEU B 1 114 ? -24.934 -13.134 3.467   1.00 109.62 ? 106 LEU B C   1 
ATOM   1147 O  O   . LEU B 1 114 ? -25.325 -11.975 3.625   1.00 110.75 ? 106 LEU B O   1 
ATOM   1148 C  CB  . LEU B 1 114 ? -23.008 -13.496 4.989   1.00 101.80 ? 106 LEU B CB  1 
ATOM   1149 C  CG  . LEU B 1 114 ? -21.620 -12.950 5.319   1.00 98.50  ? 106 LEU B CG  1 
ATOM   1150 C  CD1 . LEU B 1 114 ? -21.566 -12.500 6.765   1.00 98.94  ? 106 LEU B CD1 1 
ATOM   1151 C  CD2 . LEU B 1 114 ? -20.552 -13.979 5.037   1.00 101.83 ? 106 LEU B CD2 1 
ATOM   1152 N  N   . SER B 1 115 ? -25.759 -14.143 3.211   1.00 106.71 ? 107 SER B N   1 
ATOM   1153 C  CA  . SER B 1 115 ? -27.214 -13.984 3.270   1.00 109.84 ? 107 SER B CA  1 
ATOM   1154 C  C   . SER B 1 115 ? -27.790 -12.755 2.536   1.00 111.97 ? 107 SER B C   1 
ATOM   1155 O  O   . SER B 1 115 ? -27.054 -11.926 1.983   1.00 107.65 ? 107 SER B O   1 
ATOM   1156 C  CB  . SER B 1 115 ? -27.671 -13.975 4.735   1.00 110.56 ? 107 SER B CB  1 
ATOM   1157 O  OG  . SER B 1 115 ? -28.963 -14.541 4.886   1.00 111.32 ? 107 SER B OG  1 
ATOM   1158 N  N   . ASP B 1 116 ? -29.122 -12.661 2.558   1.00 116.56 ? 108 ASP B N   1 
ATOM   1159 C  CA  . ASP B 1 116 ? -29.894 -11.599 1.890   1.00 116.44 ? 108 ASP B CA  1 
ATOM   1160 C  C   . ASP B 1 116 ? -29.260 -11.022 0.629   1.00 111.95 ? 108 ASP B C   1 
ATOM   1161 O  O   . ASP B 1 116 ? -29.931 -10.892 -0.392  1.00 109.60 ? 108 ASP B O   1 
ATOM   1162 C  CB  . ASP B 1 116 ? -30.272 -10.479 2.870   1.00 112.88 ? 108 ASP B CB  1 
ATOM   1163 C  CG  . ASP B 1 116 ? -31.518 -10.812 3.681   1.00 114.28 ? 108 ASP B CG  1 
ATOM   1164 O  OD1 . ASP B 1 116 ? -32.053 -11.936 3.527   1.00 109.78 ? 108 ASP B OD1 1 
ATOM   1165 O  OD2 . ASP B 1 116 ? -31.964 -9.950  4.473   1.00 113.17 ? 108 ASP B OD2 1 
# 
